data_2N99
#
_entry.id   2N99
#
_entity_poly.entity_id   1
_entity_poly.type   'polypeptide(L)'
_entity_poly.pdbx_seq_one_letter_code
;MIWCHQCTGFGGCSHGSRCLRDSTHCVTTATRVLSNTEDLPLVTKMCHIGCPDIPSLGLGPYVSIACCQTSLCNHD
;
_entity_poly.pdbx_strand_id   A
#
# COMPACT_ATOMS: atom_id res chain seq x y z
N MET A 1 17.52 -0.30 1.21
CA MET A 1 16.51 0.44 1.95
C MET A 1 16.26 1.81 1.31
N ILE A 2 14.99 2.16 1.16
CA ILE A 2 14.63 3.44 0.56
C ILE A 2 13.41 4.04 1.25
N TRP A 3 13.03 5.25 0.83
CA TRP A 3 11.88 5.93 1.41
C TRP A 3 10.65 5.78 0.52
N CYS A 4 9.51 5.51 1.14
CA CYS A 4 8.26 5.34 0.41
C CYS A 4 7.08 5.85 1.22
N HIS A 5 5.86 5.60 0.72
CA HIS A 5 4.65 6.04 1.40
C HIS A 5 4.08 4.90 2.25
N GLN A 6 3.90 5.18 3.54
CA GLN A 6 3.35 4.19 4.47
C GLN A 6 2.07 4.69 5.11
N CYS A 7 1.21 5.29 4.29
CA CYS A 7 -0.07 5.81 4.78
C CYS A 7 -1.11 4.70 4.89
N THR A 8 -2.20 4.99 5.60
CA THR A 8 -3.26 4.01 5.79
C THR A 8 -4.14 3.91 4.55
N GLY A 9 -4.69 5.05 4.12
CA GLY A 9 -5.54 5.06 2.95
C GLY A 9 -6.56 6.19 2.99
N PHE A 10 -7.83 5.82 3.04
CA PHE A 10 -8.90 6.80 3.09
C PHE A 10 -8.92 7.65 1.82
N GLY A 11 -8.68 7.01 0.68
CA GLY A 11 -8.67 7.72 -0.59
C GLY A 11 -7.31 7.66 -1.27
N GLY A 12 -6.28 7.37 -0.49
CA GLY A 12 -4.93 7.29 -1.05
C GLY A 12 -4.03 8.40 -0.54
N CYS A 13 -4.12 8.68 0.76
CA CYS A 13 -3.31 9.71 1.37
C CYS A 13 -1.82 9.47 1.11
N SER A 14 -0.99 10.39 1.57
CA SER A 14 0.45 10.28 1.38
C SER A 14 1.19 10.44 2.71
N HIS A 15 2.39 9.87 2.79
CA HIS A 15 3.19 9.95 4.00
C HIS A 15 4.57 9.33 3.79
N GLY A 16 5.53 10.15 3.39
CA GLY A 16 6.88 9.66 3.15
C GLY A 16 7.56 9.19 4.43
N SER A 17 7.68 7.88 4.59
CA SER A 17 8.32 7.31 5.76
C SER A 17 9.46 6.37 5.37
N ARG A 18 10.41 6.20 6.28
CA ARG A 18 11.56 5.34 6.03
C ARG A 18 11.17 3.87 6.09
N CYS A 19 11.45 3.13 5.02
CA CYS A 19 11.12 1.72 4.95
C CYS A 19 12.07 0.89 5.81
N LEU A 20 11.95 -0.42 5.72
CA LEU A 20 12.81 -1.33 6.50
C LEU A 20 14.18 -1.47 5.83
N ARG A 21 15.20 -1.61 6.65
CA ARG A 21 16.57 -1.77 6.15
C ARG A 21 16.65 -2.90 5.14
N ASP A 22 15.80 -3.92 5.33
CA ASP A 22 15.77 -5.07 4.43
C ASP A 22 14.89 -4.79 3.22
N SER A 23 13.81 -4.04 3.44
CA SER A 23 12.89 -3.70 2.36
C SER A 23 13.45 -2.57 1.49
N THR A 24 13.65 -2.88 0.22
CA THR A 24 14.19 -1.89 -0.72
C THR A 24 13.19 -1.60 -1.84
N HIS A 25 11.92 -1.88 -1.57
CA HIS A 25 10.87 -1.65 -2.56
C HIS A 25 9.59 -1.15 -1.88
N CYS A 26 8.70 -0.57 -2.68
CA CYS A 26 7.43 -0.04 -2.16
C CYS A 26 6.25 -0.84 -2.70
N VAL A 27 5.17 -0.87 -1.94
CA VAL A 27 3.97 -1.59 -2.34
C VAL A 27 2.72 -0.72 -2.19
N THR A 28 1.78 -0.88 -3.10
CA THR A 28 0.54 -0.11 -3.07
C THR A 28 -0.67 -1.02 -3.23
N THR A 29 -1.48 -1.11 -2.17
CA THR A 29 -2.68 -1.94 -2.19
C THR A 29 -3.94 -1.09 -2.23
N ALA A 30 -4.59 -1.07 -3.38
CA ALA A 30 -5.82 -0.29 -3.55
C ALA A 30 -7.03 -1.20 -3.65
N THR A 31 -7.81 -1.26 -2.57
CA THR A 31 -9.00 -2.10 -2.54
C THR A 31 -9.96 -1.65 -1.44
N ARG A 32 -11.13 -2.27 -1.39
CA ARG A 32 -12.13 -1.93 -0.39
C ARG A 32 -11.78 -2.54 0.97
N VAL A 33 -12.65 -2.34 1.95
CA VAL A 33 -12.43 -2.87 3.29
C VAL A 33 -13.59 -3.77 3.71
N LEU A 34 -13.54 -4.22 4.96
CA LEU A 34 -14.58 -5.08 5.50
C LEU A 34 -15.84 -4.29 5.82
N SER A 35 -15.70 -2.97 5.94
CA SER A 35 -16.82 -2.11 6.23
C SER A 35 -17.88 -2.19 5.13
N ASN A 36 -19.14 -2.24 5.54
CA ASN A 36 -20.26 -2.32 4.59
C ASN A 36 -20.69 -0.94 4.14
N THR A 37 -20.13 0.09 4.78
CA THR A 37 -20.47 1.47 4.43
C THR A 37 -19.20 2.33 4.34
N GLU A 38 -18.79 2.61 3.11
CA GLU A 38 -17.60 3.43 2.88
C GLU A 38 -17.85 4.46 1.78
N ASP A 39 -17.18 5.60 1.89
CA ASP A 39 -17.33 6.67 0.90
C ASP A 39 -16.24 6.58 -0.17
N LEU A 40 -15.11 5.97 0.19
CA LEU A 40 -14.00 5.83 -0.73
C LEU A 40 -13.24 4.53 -0.47
N PRO A 41 -12.51 4.05 -1.49
CA PRO A 41 -11.73 2.81 -1.39
C PRO A 41 -10.51 2.98 -0.48
N LEU A 42 -10.09 1.87 0.12
CA LEU A 42 -8.94 1.88 1.02
C LEU A 42 -7.63 1.71 0.23
N VAL A 43 -6.62 2.46 0.63
CA VAL A 43 -5.32 2.40 -0.03
C VAL A 43 -4.18 2.30 0.99
N THR A 44 -3.75 1.08 1.27
CA THR A 44 -2.67 0.85 2.23
C THR A 44 -1.33 0.71 1.52
N LYS A 45 -0.39 1.59 1.84
CA LYS A 45 0.94 1.55 1.24
C LYS A 45 1.98 1.11 2.26
N MET A 46 3.03 0.45 1.78
CA MET A 46 4.10 -0.03 2.65
C MET A 46 5.35 -0.37 1.83
N CYS A 47 6.30 -1.05 2.47
CA CYS A 47 7.54 -1.44 1.81
C CYS A 47 7.81 -2.92 2.00
N HIS A 48 8.61 -3.48 1.10
CA HIS A 48 8.95 -4.91 1.17
C HIS A 48 10.13 -5.22 0.26
N ILE A 49 10.64 -6.45 0.35
CA ILE A 49 11.77 -6.88 -0.46
C ILE A 49 11.29 -7.49 -1.78
N GLY A 50 10.32 -6.85 -2.41
CA GLY A 50 9.79 -7.35 -3.67
C GLY A 50 8.38 -6.88 -3.94
N CYS A 51 7.43 -7.81 -3.91
CA CYS A 51 6.03 -7.49 -4.14
C CYS A 51 5.11 -8.62 -3.69
N PRO A 52 4.93 -8.72 -2.37
CA PRO A 52 4.08 -9.77 -1.77
C PRO A 52 2.60 -9.55 -2.06
N ASP A 53 1.74 -10.31 -1.40
CA ASP A 53 0.31 -10.21 -1.58
C ASP A 53 -0.44 -10.55 -0.29
N ILE A 54 -1.40 -9.71 0.06
CA ILE A 54 -2.18 -9.91 1.28
C ILE A 54 -3.62 -9.44 1.09
N PRO A 55 -4.42 -10.25 0.38
CA PRO A 55 -5.84 -9.93 0.12
C PRO A 55 -6.69 -10.01 1.38
N SER A 56 -6.09 -10.46 2.47
CA SER A 56 -6.80 -10.59 3.74
C SER A 56 -7.17 -9.21 4.28
N LEU A 57 -6.57 -8.17 3.73
CA LEU A 57 -6.84 -6.80 4.14
C LEU A 57 -8.30 -6.43 3.87
N GLY A 58 -8.96 -7.23 3.05
CA GLY A 58 -10.35 -6.95 2.72
C GLY A 58 -11.21 -8.21 2.74
N LEU A 59 -11.85 -8.52 1.62
CA LEU A 59 -12.70 -9.70 1.53
C LEU A 59 -12.03 -10.79 0.69
N GLY A 60 -10.84 -10.49 0.18
CA GLY A 60 -10.11 -11.45 -0.63
C GLY A 60 -9.86 -10.95 -2.04
N PRO A 61 -10.84 -11.16 -2.92
CA PRO A 61 -10.74 -10.73 -4.33
C PRO A 61 -10.80 -9.22 -4.48
N TYR A 62 -11.06 -8.76 -5.69
CA TYR A 62 -11.15 -7.33 -5.97
C TYR A 62 -9.99 -6.58 -5.32
N VAL A 63 -8.81 -7.22 -5.29
CA VAL A 63 -7.63 -6.62 -4.69
C VAL A 63 -6.58 -6.30 -5.75
N SER A 64 -5.99 -5.12 -5.66
CA SER A 64 -4.97 -4.70 -6.62
C SER A 64 -3.66 -4.38 -5.90
N ILE A 65 -2.56 -4.91 -6.43
CA ILE A 65 -1.25 -4.68 -5.85
C ILE A 65 -0.28 -4.10 -6.87
N ALA A 66 0.25 -2.92 -6.57
CA ALA A 66 1.19 -2.26 -7.47
C ALA A 66 2.51 -1.96 -6.77
N CYS A 67 3.53 -2.75 -7.07
CA CYS A 67 4.84 -2.58 -6.47
C CYS A 67 5.85 -2.05 -7.49
N CYS A 68 6.99 -1.59 -7.00
CA CYS A 68 8.03 -1.05 -7.86
C CYS A 68 9.33 -0.87 -7.09
N GLN A 69 10.45 -0.96 -7.80
CA GLN A 69 11.77 -0.79 -7.18
C GLN A 69 12.23 0.66 -7.26
N THR A 70 11.37 1.57 -6.85
CA THR A 70 11.68 2.99 -6.87
C THR A 70 11.19 3.69 -5.61
N SER A 71 12.03 4.55 -5.05
CA SER A 71 11.68 5.28 -3.83
C SER A 71 10.41 6.09 -4.04
N LEU A 72 9.50 6.03 -3.07
CA LEU A 72 8.24 6.76 -3.14
C LEU A 72 7.59 6.58 -4.50
N CYS A 73 7.66 5.37 -5.03
CA CYS A 73 7.06 5.06 -6.32
C CYS A 73 5.57 4.79 -6.19
N ASN A 74 4.97 5.31 -5.11
CA ASN A 74 3.55 5.14 -4.88
C ASN A 74 2.78 6.41 -5.21
N HIS A 75 3.49 7.41 -5.71
CA HIS A 75 2.88 8.68 -6.07
C HIS A 75 1.86 8.50 -7.20
N ASP A 76 1.27 9.60 -7.65
CA ASP A 76 0.29 9.55 -8.72
C ASP A 76 0.92 9.93 -10.05
N MET A 1 17.78 -0.01 0.92
CA MET A 1 16.75 0.70 1.67
C MET A 1 16.40 2.03 0.99
N ILE A 2 15.11 2.29 0.86
CA ILE A 2 14.64 3.52 0.22
C ILE A 2 13.49 4.14 1.02
N TRP A 3 13.00 5.27 0.54
CA TRP A 3 11.91 5.97 1.20
C TRP A 3 10.60 5.76 0.46
N CYS A 4 9.54 5.45 1.20
CA CYS A 4 8.22 5.22 0.61
C CYS A 4 7.12 5.77 1.52
N HIS A 5 5.87 5.47 1.15
CA HIS A 5 4.73 5.93 1.93
C HIS A 5 4.27 4.86 2.91
N GLN A 6 4.26 5.21 4.20
CA GLN A 6 3.84 4.27 5.23
C GLN A 6 2.51 4.70 5.85
N CYS A 7 1.62 5.22 5.01
CA CYS A 7 0.31 5.66 5.47
C CYS A 7 -0.65 4.49 5.59
N THR A 8 -1.80 4.72 6.23
CA THR A 8 -2.80 3.69 6.42
C THR A 8 -3.76 3.63 5.23
N GLY A 9 -4.35 4.79 4.90
CA GLY A 9 -5.28 4.84 3.79
C GLY A 9 -6.32 5.94 3.96
N PHE A 10 -7.58 5.55 4.02
CA PHE A 10 -8.68 6.50 4.18
C PHE A 10 -8.76 7.44 2.98
N GLY A 11 -8.62 6.87 1.79
CA GLY A 11 -8.69 7.66 0.57
C GLY A 11 -7.35 7.76 -0.13
N GLY A 12 -6.33 7.12 0.44
CA GLY A 12 -5.00 7.16 -0.14
C GLY A 12 -4.17 8.31 0.36
N CYS A 13 -4.17 8.52 1.67
CA CYS A 13 -3.42 9.61 2.28
C CYS A 13 -1.94 9.53 1.89
N SER A 14 -1.16 10.49 2.36
CA SER A 14 0.26 10.54 2.05
C SER A 14 1.10 10.62 3.32
N HIS A 15 2.31 10.08 3.27
CA HIS A 15 3.20 10.08 4.42
C HIS A 15 4.56 9.49 4.06
N GLY A 16 5.46 10.34 3.56
CA GLY A 16 6.78 9.89 3.18
C GLY A 16 7.63 9.52 4.38
N SER A 17 7.91 8.23 4.54
CA SER A 17 8.71 7.75 5.66
C SER A 17 9.80 6.78 5.17
N ARG A 18 10.78 6.53 6.03
CA ARG A 18 11.87 5.62 5.69
C ARG A 18 11.42 4.17 5.78
N CYS A 19 11.91 3.34 4.86
CA CYS A 19 11.55 1.93 4.84
C CYS A 19 12.51 1.12 5.71
N LEU A 20 12.35 -0.20 5.67
CA LEU A 20 13.21 -1.09 6.45
C LEU A 20 14.51 -1.40 5.71
N ARG A 21 15.60 -1.53 6.46
CA ARG A 21 16.90 -1.83 5.88
C ARG A 21 16.82 -3.01 4.92
N ASP A 22 15.90 -3.92 5.20
CA ASP A 22 15.72 -5.10 4.37
C ASP A 22 14.88 -4.77 3.14
N SER A 23 13.81 -3.99 3.34
CA SER A 23 12.92 -3.61 2.25
C SER A 23 13.60 -2.59 1.34
N THR A 24 13.42 -2.76 0.03
CA THR A 24 14.01 -1.86 -0.95
C THR A 24 12.99 -1.43 -1.99
N HIS A 25 11.73 -1.81 -1.77
CA HIS A 25 10.66 -1.47 -2.68
C HIS A 25 9.44 -0.93 -1.93
N CYS A 26 8.42 -0.52 -2.68
CA CYS A 26 7.20 0.01 -2.08
C CYS A 26 5.97 -0.72 -2.61
N VAL A 27 5.05 -1.06 -1.69
CA VAL A 27 3.83 -1.75 -2.07
C VAL A 27 2.61 -0.85 -1.92
N THR A 28 1.67 -0.97 -2.85
CA THR A 28 0.45 -0.17 -2.82
C THR A 28 -0.79 -1.04 -2.95
N THR A 29 -1.46 -1.28 -1.82
CA THR A 29 -2.67 -2.10 -1.81
C THR A 29 -3.92 -1.24 -1.75
N ALA A 30 -4.63 -1.15 -2.87
CA ALA A 30 -5.85 -0.36 -2.94
C ALA A 30 -7.09 -1.26 -2.94
N THR A 31 -7.78 -1.31 -1.80
CA THR A 31 -8.97 -2.13 -1.66
C THR A 31 -10.21 -1.27 -1.43
N ARG A 32 -11.38 -1.88 -1.55
CA ARG A 32 -12.63 -1.16 -1.34
C ARG A 32 -13.38 -1.70 -0.12
N VAL A 33 -14.48 -1.05 0.24
CA VAL A 33 -15.27 -1.46 1.38
C VAL A 33 -16.76 -1.22 1.13
N LEU A 34 -17.48 -2.30 0.85
CA LEU A 34 -18.92 -2.20 0.58
C LEU A 34 -19.67 -1.76 1.83
N SER A 35 -19.06 -1.97 2.99
CA SER A 35 -19.68 -1.58 4.26
C SER A 35 -19.90 -0.08 4.32
N ASN A 36 -21.07 0.32 4.80
CA ASN A 36 -21.42 1.73 4.91
C ASN A 36 -20.50 2.43 5.91
N THR A 37 -19.82 1.66 6.75
CA THR A 37 -18.91 2.20 7.74
C THR A 37 -17.74 2.92 7.09
N GLU A 38 -17.55 2.66 5.79
CA GLU A 38 -16.46 3.29 5.05
C GLU A 38 -16.94 3.76 3.69
N ASP A 39 -16.56 4.98 3.32
CA ASP A 39 -16.95 5.55 2.04
C ASP A 39 -15.86 5.34 1.00
N LEU A 40 -14.70 5.94 1.24
CA LEU A 40 -13.57 5.82 0.31
C LEU A 40 -12.86 4.49 0.50
N PRO A 41 -12.22 4.01 -0.58
CA PRO A 41 -11.49 2.74 -0.56
C PRO A 41 -10.22 2.80 0.29
N LEU A 42 -9.91 1.70 0.95
CA LEU A 42 -8.73 1.63 1.80
C LEU A 42 -7.45 1.51 0.97
N VAL A 43 -6.43 2.25 1.35
CA VAL A 43 -5.15 2.21 0.64
C VAL A 43 -3.97 2.18 1.60
N THR A 44 -3.43 0.99 1.83
CA THR A 44 -2.31 0.81 2.73
C THR A 44 -0.99 0.79 1.97
N LYS A 45 -0.08 1.69 2.34
CA LYS A 45 1.22 1.77 1.69
C LYS A 45 2.33 1.34 2.64
N MET A 46 3.28 0.57 2.13
CA MET A 46 4.40 0.09 2.93
C MET A 46 5.58 -0.29 2.05
N CYS A 47 6.57 -0.95 2.64
CA CYS A 47 7.76 -1.36 1.91
C CYS A 47 7.97 -2.87 2.02
N HIS A 48 8.66 -3.44 1.04
CA HIS A 48 8.92 -4.88 1.02
C HIS A 48 10.02 -5.21 0.02
N ILE A 49 10.57 -6.42 0.12
CA ILE A 49 11.62 -6.87 -0.78
C ILE A 49 11.04 -7.57 -2.00
N GLY A 50 10.01 -6.98 -2.58
CA GLY A 50 9.37 -7.56 -3.75
C GLY A 50 7.96 -7.05 -3.97
N CYS A 51 7.00 -7.97 -3.94
CA CYS A 51 5.60 -7.60 -4.14
C CYS A 51 4.67 -8.71 -3.66
N PRO A 52 4.56 -8.86 -2.33
CA PRO A 52 3.70 -9.88 -1.72
C PRO A 52 2.22 -9.60 -1.92
N ASP A 53 1.39 -10.49 -1.41
CA ASP A 53 -0.06 -10.33 -1.53
C ASP A 53 -0.72 -10.24 -0.16
N ILE A 54 -1.61 -9.27 0.00
CA ILE A 54 -2.30 -9.06 1.27
C ILE A 54 -3.79 -8.79 1.05
N PRO A 55 -4.54 -9.85 0.70
CA PRO A 55 -5.99 -9.75 0.45
C PRO A 55 -6.77 -9.49 1.73
N SER A 56 -6.12 -9.66 2.87
CA SER A 56 -6.75 -9.44 4.16
C SER A 56 -7.08 -7.97 4.37
N LEU A 57 -6.39 -7.11 3.62
CA LEU A 57 -6.61 -5.67 3.72
C LEU A 57 -7.91 -5.26 3.02
N GLY A 58 -8.32 -6.07 2.05
CA GLY A 58 -9.54 -5.78 1.31
C GLY A 58 -10.72 -6.59 1.80
N LEU A 59 -11.35 -7.32 0.89
CA LEU A 59 -12.51 -8.14 1.23
C LEU A 59 -12.23 -9.61 0.93
N GLY A 60 -11.58 -9.86 -0.21
CA GLY A 60 -11.27 -11.22 -0.60
C GLY A 60 -9.91 -11.35 -1.25
N PRO A 61 -9.69 -12.45 -1.97
CA PRO A 61 -8.42 -12.71 -2.65
C PRO A 61 -8.19 -11.77 -3.83
N TYR A 62 -9.28 -11.35 -4.46
CA TYR A 62 -9.20 -10.45 -5.61
C TYR A 62 -9.08 -9.00 -5.15
N VAL A 63 -7.89 -8.42 -5.31
CA VAL A 63 -7.66 -7.04 -4.91
C VAL A 63 -6.74 -6.34 -5.91
N SER A 64 -6.37 -5.10 -5.60
CA SER A 64 -5.49 -4.32 -6.47
C SER A 64 -4.12 -4.13 -5.83
N ILE A 65 -3.13 -4.85 -6.35
CA ILE A 65 -1.77 -4.76 -5.83
C ILE A 65 -0.85 -4.08 -6.85
N ALA A 66 -0.18 -3.02 -6.40
CA ALA A 66 0.75 -2.29 -7.27
C ALA A 66 2.09 -2.07 -6.57
N CYS A 67 3.11 -2.76 -7.04
CA CYS A 67 4.44 -2.64 -6.47
C CYS A 67 5.43 -2.11 -7.50
N CYS A 68 6.47 -1.44 -7.02
CA CYS A 68 7.49 -0.88 -7.90
C CYS A 68 8.82 -0.69 -7.16
N GLN A 69 9.92 -0.72 -7.90
CA GLN A 69 11.24 -0.56 -7.31
C GLN A 69 11.66 0.89 -7.33
N THR A 70 10.78 1.77 -6.88
CA THR A 70 11.06 3.20 -6.84
C THR A 70 10.57 3.83 -5.53
N SER A 71 11.40 4.69 -4.95
CA SER A 71 11.06 5.35 -3.70
C SER A 71 9.78 6.18 -3.86
N LEU A 72 8.89 6.06 -2.88
CA LEU A 72 7.62 6.80 -2.91
C LEU A 72 6.93 6.64 -4.26
N CYS A 73 7.03 5.45 -4.83
CA CYS A 73 6.41 5.16 -6.12
C CYS A 73 4.93 4.86 -5.96
N ASN A 74 4.35 5.32 -4.86
CA ASN A 74 2.94 5.08 -4.58
C ASN A 74 2.10 6.26 -5.04
N HIS A 75 2.73 7.43 -5.16
CA HIS A 75 2.03 8.63 -5.60
C HIS A 75 2.94 9.49 -6.47
N ASP A 76 2.38 10.05 -7.54
CA ASP A 76 3.14 10.90 -8.45
C ASP A 76 3.80 12.05 -7.70
N MET A 1 16.59 -0.52 0.51
CA MET A 1 16.42 0.54 1.51
C MET A 1 16.17 1.88 0.83
N ILE A 2 14.90 2.23 0.68
CA ILE A 2 14.52 3.49 0.06
C ILE A 2 13.38 4.17 0.82
N TRP A 3 12.88 5.27 0.27
CA TRP A 3 11.79 6.01 0.90
C TRP A 3 10.48 5.75 0.18
N CYS A 4 9.44 5.42 0.94
CA CYS A 4 8.13 5.15 0.39
C CYS A 4 7.02 5.61 1.34
N HIS A 5 5.77 5.44 0.91
CA HIS A 5 4.63 5.83 1.73
C HIS A 5 4.20 4.69 2.65
N GLN A 6 4.00 5.02 3.92
CA GLN A 6 3.60 4.02 4.91
C GLN A 6 2.35 4.47 5.65
N CYS A 7 1.48 5.20 4.94
CA CYS A 7 0.24 5.69 5.54
C CYS A 7 -0.84 4.61 5.52
N THR A 8 -1.40 4.32 6.69
CA THR A 8 -2.44 3.31 6.80
C THR A 8 -3.80 3.95 7.02
N GLY A 9 -3.96 5.17 6.54
CA GLY A 9 -5.22 5.87 6.69
C GLY A 9 -6.26 5.43 5.67
N PHE A 10 -6.84 6.39 4.97
CA PHE A 10 -7.85 6.10 3.96
C PHE A 10 -7.81 7.11 2.82
N GLY A 11 -8.74 6.98 1.89
CA GLY A 11 -8.79 7.90 0.76
C GLY A 11 -7.45 8.07 0.09
N GLY A 12 -6.63 7.02 0.15
CA GLY A 12 -5.31 7.06 -0.46
C GLY A 12 -4.28 7.74 0.43
N CYS A 13 -4.49 7.65 1.73
CA CYS A 13 -3.57 8.26 2.69
C CYS A 13 -2.12 8.01 2.29
N SER A 14 -1.30 9.04 2.40
CA SER A 14 0.11 8.94 2.04
C SER A 14 1.00 9.54 3.12
N HIS A 15 2.26 9.12 3.15
CA HIS A 15 3.21 9.62 4.15
C HIS A 15 4.60 9.07 3.88
N GLY A 16 5.44 9.88 3.24
CA GLY A 16 6.79 9.47 2.94
C GLY A 16 7.61 9.19 4.19
N SER A 17 7.94 7.93 4.41
CA SER A 17 8.72 7.53 5.58
C SER A 17 9.86 6.60 5.18
N ARG A 18 10.85 6.48 6.06
CA ARG A 18 12.01 5.62 5.80
C ARG A 18 11.64 4.16 5.98
N CYS A 19 11.87 3.37 4.93
CA CYS A 19 11.57 1.94 4.97
C CYS A 19 12.64 1.18 5.73
N LEU A 20 12.53 -0.14 5.74
CA LEU A 20 13.49 -0.99 6.43
C LEU A 20 14.70 -1.27 5.55
N ARG A 21 15.88 -1.37 6.18
CA ARG A 21 17.11 -1.64 5.45
C ARG A 21 16.95 -2.83 4.52
N ASP A 22 16.11 -3.78 4.92
CA ASP A 22 15.86 -4.98 4.12
C ASP A 22 14.93 -4.66 2.95
N SER A 23 13.88 -3.89 3.23
CA SER A 23 12.91 -3.52 2.20
C SER A 23 13.48 -2.46 1.27
N THR A 24 13.57 -2.80 -0.01
CA THR A 24 14.09 -1.88 -1.02
C THR A 24 13.04 -1.54 -2.07
N HIS A 25 11.80 -1.95 -1.81
CA HIS A 25 10.70 -1.70 -2.73
C HIS A 25 9.44 -1.29 -1.98
N CYS A 26 8.50 -0.67 -2.70
CA CYS A 26 7.25 -0.23 -2.10
C CYS A 26 6.09 -1.10 -2.57
N VAL A 27 5.00 -1.10 -1.79
CA VAL A 27 3.82 -1.88 -2.12
C VAL A 27 2.56 -1.05 -1.96
N THR A 28 1.62 -1.24 -2.89
CA THR A 28 0.35 -0.52 -2.85
C THR A 28 -0.83 -1.47 -2.74
N THR A 29 -1.53 -1.40 -1.62
CA THR A 29 -2.69 -2.26 -1.39
C THR A 29 -3.95 -1.43 -1.14
N ALA A 30 -5.09 -1.96 -1.58
CA ALA A 30 -6.36 -1.27 -1.42
C ALA A 30 -7.51 -2.26 -1.28
N THR A 31 -8.36 -2.04 -0.28
CA THR A 31 -9.49 -2.93 -0.04
C THR A 31 -10.77 -2.34 -0.63
N ARG A 32 -11.42 -3.11 -1.50
CA ARG A 32 -12.66 -2.67 -2.14
C ARG A 32 -13.83 -2.73 -1.16
N VAL A 33 -14.39 -1.57 -0.86
CA VAL A 33 -15.52 -1.48 0.06
C VAL A 33 -16.34 -0.22 -0.18
N LEU A 34 -17.54 -0.40 -0.72
CA LEU A 34 -18.42 0.73 -1.01
C LEU A 34 -18.83 1.44 0.28
N SER A 35 -18.93 0.69 1.36
CA SER A 35 -19.31 1.24 2.66
C SER A 35 -18.07 1.57 3.49
N ASN A 36 -17.49 0.54 4.10
CA ASN A 36 -16.30 0.72 4.93
C ASN A 36 -16.56 1.76 6.02
N THR A 37 -17.82 1.96 6.36
CA THR A 37 -18.20 2.93 7.38
C THR A 37 -17.60 4.30 7.09
N GLU A 38 -17.32 4.56 5.82
CA GLU A 38 -16.76 5.84 5.41
C GLU A 38 -17.26 6.23 4.02
N ASP A 39 -16.76 7.36 3.52
CA ASP A 39 -17.15 7.85 2.21
C ASP A 39 -16.16 7.40 1.13
N LEU A 40 -15.13 6.66 1.56
CA LEU A 40 -14.12 6.17 0.64
C LEU A 40 -13.63 4.79 1.06
N PRO A 41 -13.04 4.05 0.10
CA PRO A 41 -12.52 2.70 0.35
C PRO A 41 -11.27 2.72 1.23
N LEU A 42 -10.67 1.56 1.42
CA LEU A 42 -9.46 1.44 2.23
C LEU A 42 -8.22 1.36 1.36
N VAL A 43 -7.19 2.11 1.75
CA VAL A 43 -5.93 2.13 1.00
C VAL A 43 -4.74 2.26 1.94
N THR A 44 -3.85 1.28 1.91
CA THR A 44 -2.66 1.29 2.75
C THR A 44 -1.39 1.06 1.93
N LYS A 45 -0.32 1.74 2.30
CA LYS A 45 0.96 1.61 1.60
C LYS A 45 2.06 1.16 2.56
N MET A 46 3.06 0.48 2.02
CA MET A 46 4.18 0.00 2.82
C MET A 46 5.37 -0.37 1.94
N CYS A 47 6.36 -1.03 2.53
CA CYS A 47 7.55 -1.43 1.80
C CYS A 47 7.79 -2.94 1.94
N HIS A 48 8.53 -3.50 1.00
CA HIS A 48 8.83 -4.93 1.01
C HIS A 48 9.97 -5.25 0.05
N ILE A 49 10.53 -6.46 0.17
CA ILE A 49 11.61 -6.89 -0.68
C ILE A 49 11.09 -7.62 -1.92
N GLY A 50 10.02 -7.08 -2.50
CA GLY A 50 9.43 -7.69 -3.68
C GLY A 50 8.02 -7.22 -3.94
N CYS A 51 7.06 -8.13 -3.80
CA CYS A 51 5.65 -7.80 -4.01
C CYS A 51 4.74 -8.88 -3.45
N PRO A 52 4.55 -8.86 -2.12
CA PRO A 52 3.70 -9.83 -1.43
C PRO A 52 2.23 -9.64 -1.74
N ASP A 53 1.47 -10.74 -1.70
CA ASP A 53 0.05 -10.70 -1.98
C ASP A 53 -0.75 -10.29 -0.73
N ILE A 54 -0.46 -10.96 0.38
CA ILE A 54 -1.14 -10.67 1.63
C ILE A 54 -2.66 -10.67 1.44
N PRO A 55 -3.25 -11.87 1.35
CA PRO A 55 -4.70 -12.01 1.18
C PRO A 55 -5.48 -11.61 2.42
N SER A 56 -4.77 -11.38 3.51
CA SER A 56 -5.40 -10.99 4.77
C SER A 56 -6.00 -9.60 4.66
N LEU A 57 -5.55 -8.84 3.67
CA LEU A 57 -6.04 -7.48 3.47
C LEU A 57 -7.44 -7.50 2.84
N GLY A 58 -7.74 -8.56 2.11
CA GLY A 58 -9.05 -8.69 1.48
C GLY A 58 -9.39 -10.11 1.14
N LEU A 59 -9.66 -10.36 -0.14
CA LEU A 59 -10.01 -11.70 -0.61
C LEU A 59 -9.05 -12.18 -1.68
N GLY A 60 -8.72 -11.28 -2.61
CA GLY A 60 -7.81 -11.62 -3.69
C GLY A 60 -8.09 -10.85 -4.96
N PRO A 61 -9.22 -11.18 -5.62
CA PRO A 61 -9.64 -10.52 -6.86
C PRO A 61 -10.07 -9.08 -6.64
N TYR A 62 -10.71 -8.82 -5.50
CA TYR A 62 -11.18 -7.48 -5.17
C TYR A 62 -10.01 -6.59 -4.75
N VAL A 63 -9.34 -6.96 -3.66
CA VAL A 63 -8.22 -6.20 -3.15
C VAL A 63 -7.18 -5.97 -4.24
N SER A 64 -6.81 -4.71 -4.44
CA SER A 64 -5.83 -4.35 -5.46
C SER A 64 -4.42 -4.42 -4.89
N ILE A 65 -3.46 -4.75 -5.74
CA ILE A 65 -2.07 -4.85 -5.33
C ILE A 65 -1.13 -4.36 -6.42
N ALA A 66 -0.42 -3.27 -6.15
CA ALA A 66 0.52 -2.70 -7.11
C ALA A 66 1.86 -2.41 -6.46
N CYS A 67 2.89 -3.14 -6.87
CA CYS A 67 4.23 -2.95 -6.33
C CYS A 67 5.17 -2.37 -7.38
N CYS A 68 6.32 -1.87 -6.93
CA CYS A 68 7.30 -1.29 -7.83
C CYS A 68 8.63 -1.04 -7.11
N GLN A 69 9.72 -1.12 -7.86
CA GLN A 69 11.05 -0.92 -7.29
C GLN A 69 11.46 0.55 -7.39
N THR A 70 10.55 1.44 -7.03
CA THR A 70 10.81 2.88 -7.08
C THR A 70 10.38 3.56 -5.79
N SER A 71 11.21 4.47 -5.30
CA SER A 71 10.90 5.20 -4.07
C SER A 71 9.59 5.96 -4.20
N LEU A 72 8.76 5.87 -3.17
CA LEU A 72 7.46 6.54 -3.17
C LEU A 72 6.72 6.31 -4.49
N CYS A 73 6.82 5.09 -5.01
CA CYS A 73 6.16 4.75 -6.26
C CYS A 73 4.70 4.38 -6.03
N ASN A 74 4.15 4.86 -4.91
CA ASN A 74 2.75 4.60 -4.57
C ASN A 74 1.89 5.82 -4.83
N HIS A 75 2.52 6.91 -5.24
CA HIS A 75 1.80 8.15 -5.53
C HIS A 75 2.42 8.87 -6.74
N ASP A 76 1.57 9.54 -7.51
CA ASP A 76 2.02 10.26 -8.69
C ASP A 76 3.14 11.25 -8.33
N MET A 1 17.88 0.19 1.27
CA MET A 1 16.57 0.70 1.61
C MET A 1 16.31 2.04 0.93
N ILE A 2 15.03 2.37 0.73
CA ILE A 2 14.66 3.63 0.09
C ILE A 2 13.48 4.27 0.81
N TRP A 3 13.06 5.43 0.32
CA TRP A 3 11.94 6.14 0.91
C TRP A 3 10.64 5.87 0.14
N CYS A 4 9.58 5.54 0.87
CA CYS A 4 8.29 5.26 0.25
C CYS A 4 7.15 5.72 1.15
N HIS A 5 5.91 5.51 0.68
CA HIS A 5 4.74 5.91 1.45
C HIS A 5 4.20 4.74 2.26
N GLN A 6 4.00 4.96 3.56
CA GLN A 6 3.49 3.92 4.45
C GLN A 6 2.26 4.40 5.19
N CYS A 7 1.40 5.14 4.48
CA CYS A 7 0.17 5.67 5.08
C CYS A 7 -0.93 4.61 5.07
N THR A 8 -1.99 4.87 5.83
CA THR A 8 -3.11 3.93 5.92
C THR A 8 -4.16 4.26 4.86
N GLY A 9 -5.26 3.50 4.88
CA GLY A 9 -6.32 3.72 3.91
C GLY A 9 -7.02 5.05 4.10
N PHE A 10 -8.35 5.03 4.09
CA PHE A 10 -9.13 6.24 4.26
C PHE A 10 -8.94 7.19 3.09
N GLY A 11 -8.72 6.61 1.90
CA GLY A 11 -8.53 7.42 0.71
C GLY A 11 -7.08 7.43 0.25
N GLY A 12 -6.34 6.41 0.65
CA GLY A 12 -4.94 6.33 0.26
C GLY A 12 -4.16 7.59 0.59
N CYS A 13 -4.17 7.97 1.86
CA CYS A 13 -3.47 9.17 2.31
C CYS A 13 -1.99 9.09 1.96
N SER A 14 -1.29 10.21 2.08
CA SER A 14 0.14 10.27 1.78
C SER A 14 0.96 10.42 3.06
N HIS A 15 2.16 9.85 3.04
CA HIS A 15 3.06 9.92 4.19
C HIS A 15 4.41 9.30 3.87
N GLY A 16 5.38 10.17 3.56
CA GLY A 16 6.72 9.70 3.24
C GLY A 16 7.48 9.23 4.46
N SER A 17 7.84 7.95 4.48
CA SER A 17 8.58 7.37 5.60
C SER A 17 9.67 6.43 5.10
N ARG A 18 10.73 6.30 5.90
CA ARG A 18 11.84 5.42 5.54
C ARG A 18 11.47 3.96 5.75
N CYS A 19 11.81 3.12 4.78
CA CYS A 19 11.52 1.70 4.86
C CYS A 19 12.65 0.95 5.57
N LEU A 20 12.39 -0.31 5.91
CA LEU A 20 13.37 -1.13 6.61
C LEU A 20 14.64 -1.27 5.77
N ARG A 21 15.79 -1.35 6.45
CA ARG A 21 17.07 -1.50 5.77
C ARG A 21 17.02 -2.62 4.75
N ASP A 22 16.36 -3.71 5.10
CA ASP A 22 16.25 -4.87 4.22
C ASP A 22 15.25 -4.60 3.10
N SER A 23 14.20 -3.85 3.43
CA SER A 23 13.16 -3.52 2.45
C SER A 23 13.62 -2.39 1.54
N THR A 24 13.75 -2.70 0.25
CA THR A 24 14.18 -1.71 -0.73
C THR A 24 13.14 -1.53 -1.83
N HIS A 25 11.89 -1.80 -1.49
CA HIS A 25 10.80 -1.66 -2.44
C HIS A 25 9.52 -1.19 -1.75
N CYS A 26 8.61 -0.60 -2.52
CA CYS A 26 7.36 -0.10 -1.98
C CYS A 26 6.19 -0.94 -2.46
N VAL A 27 5.15 -1.03 -1.63
CA VAL A 27 3.96 -1.80 -1.97
C VAL A 27 2.69 -1.02 -1.67
N THR A 28 1.65 -1.25 -2.48
CA THR A 28 0.38 -0.57 -2.30
C THR A 28 -0.79 -1.56 -2.34
N THR A 29 -1.63 -1.51 -1.32
CA THR A 29 -2.78 -2.40 -1.23
C THR A 29 -4.09 -1.61 -1.20
N ALA A 30 -4.75 -1.52 -2.36
CA ALA A 30 -6.01 -0.79 -2.46
C ALA A 30 -7.19 -1.75 -2.45
N THR A 31 -7.87 -1.84 -1.31
CA THR A 31 -9.03 -2.72 -1.17
C THR A 31 -10.33 -1.92 -1.16
N ARG A 32 -11.31 -2.39 -1.91
CA ARG A 32 -12.60 -1.72 -1.99
C ARG A 32 -13.55 -2.26 -0.94
N VAL A 33 -13.94 -1.40 0.00
CA VAL A 33 -14.85 -1.80 1.07
C VAL A 33 -16.02 -0.82 1.19
N LEU A 34 -17.11 -1.14 0.51
CA LEU A 34 -18.30 -0.30 0.54
C LEU A 34 -19.10 -0.51 1.82
N SER A 35 -19.28 0.56 2.58
CA SER A 35 -20.02 0.48 3.83
C SER A 35 -20.82 1.76 4.06
N ASN A 36 -21.99 1.62 4.68
CA ASN A 36 -22.85 2.77 4.96
C ASN A 36 -22.16 3.74 5.92
N THR A 37 -21.14 3.25 6.61
CA THR A 37 -20.39 4.07 7.56
C THR A 37 -19.12 4.61 6.94
N GLU A 38 -18.67 3.98 5.85
CA GLU A 38 -17.46 4.40 5.17
C GLU A 38 -17.79 5.12 3.86
N ASP A 39 -17.17 6.28 3.65
CA ASP A 39 -17.41 7.06 2.45
C ASP A 39 -16.33 6.78 1.41
N LEU A 40 -15.25 6.14 1.84
CA LEU A 40 -14.14 5.81 0.94
C LEU A 40 -13.53 4.46 1.30
N PRO A 41 -12.79 3.87 0.35
CA PRO A 41 -12.13 2.58 0.55
C PRO A 41 -10.98 2.67 1.53
N LEU A 42 -10.12 1.64 1.53
CA LEU A 42 -8.97 1.60 2.42
C LEU A 42 -7.70 1.22 1.64
N VAL A 43 -6.90 2.21 1.30
CA VAL A 43 -5.66 1.98 0.57
C VAL A 43 -4.45 2.11 1.50
N THR A 44 -3.91 0.97 1.92
CA THR A 44 -2.75 0.95 2.80
C THR A 44 -1.47 0.67 2.03
N LYS A 45 -0.43 1.45 2.31
CA LYS A 45 0.85 1.28 1.64
C LYS A 45 1.93 0.86 2.62
N MET A 46 2.99 0.23 2.11
CA MET A 46 4.10 -0.21 2.95
C MET A 46 5.34 -0.48 2.11
N CYS A 47 6.32 -1.16 2.71
CA CYS A 47 7.56 -1.47 2.02
C CYS A 47 7.92 -2.95 2.21
N HIS A 48 8.73 -3.48 1.29
CA HIS A 48 9.15 -4.87 1.37
C HIS A 48 10.32 -5.13 0.43
N ILE A 49 10.86 -6.35 0.48
CA ILE A 49 11.99 -6.73 -0.36
C ILE A 49 11.50 -7.34 -1.68
N GLY A 50 10.47 -6.74 -2.27
CA GLY A 50 9.92 -7.25 -3.51
C GLY A 50 8.44 -6.96 -3.66
N CYS A 51 7.64 -8.01 -3.61
CA CYS A 51 6.18 -7.88 -3.73
C CYS A 51 5.46 -8.91 -2.89
N PRO A 52 5.25 -8.59 -1.61
CA PRO A 52 4.58 -9.48 -0.66
C PRO A 52 3.08 -9.62 -0.97
N ASP A 53 2.77 -10.42 -1.98
CA ASP A 53 1.38 -10.64 -2.37
C ASP A 53 0.59 -11.28 -1.24
N ILE A 54 -0.30 -10.50 -0.62
CA ILE A 54 -1.11 -10.98 0.47
C ILE A 54 -2.60 -10.76 0.19
N PRO A 55 -3.19 -11.67 -0.59
CA PRO A 55 -4.61 -11.60 -0.95
C PRO A 55 -5.53 -11.88 0.24
N SER A 56 -4.94 -12.30 1.35
CA SER A 56 -5.70 -12.60 2.56
C SER A 56 -6.24 -11.33 3.19
N LEU A 57 -5.62 -10.20 2.86
CA LEU A 57 -6.04 -8.91 3.40
C LEU A 57 -7.45 -8.55 2.91
N GLY A 58 -7.89 -9.23 1.86
CA GLY A 58 -9.21 -8.98 1.31
C GLY A 58 -9.34 -9.44 -0.13
N LEU A 59 -9.71 -10.70 -0.31
CA LEU A 59 -9.87 -11.26 -1.65
C LEU A 59 -11.26 -10.99 -2.19
N GLY A 60 -12.22 -10.79 -1.29
CA GLY A 60 -13.59 -10.52 -1.71
C GLY A 60 -13.66 -9.44 -2.76
N PRO A 61 -13.35 -8.20 -2.37
CA PRO A 61 -13.37 -7.05 -3.28
C PRO A 61 -12.26 -7.11 -4.33
N TYR A 62 -11.40 -8.12 -4.21
CA TYR A 62 -10.30 -8.29 -5.15
C TYR A 62 -9.32 -7.11 -5.07
N VAL A 63 -8.69 -6.94 -3.91
CA VAL A 63 -7.75 -5.86 -3.70
C VAL A 63 -6.56 -5.98 -4.65
N SER A 64 -6.26 -4.88 -5.34
CA SER A 64 -5.14 -4.88 -6.30
C SER A 64 -3.85 -4.41 -5.61
N ILE A 65 -2.78 -5.15 -5.85
CA ILE A 65 -1.48 -4.83 -5.26
C ILE A 65 -0.60 -4.09 -6.26
N ALA A 66 0.18 -3.14 -5.75
CA ALA A 66 1.08 -2.35 -6.59
C ALA A 66 2.50 -2.37 -6.06
N CYS A 67 3.34 -3.22 -6.64
CA CYS A 67 4.73 -3.34 -6.22
C CYS A 67 5.68 -2.74 -7.27
N CYS A 68 6.63 -1.94 -6.81
CA CYS A 68 7.59 -1.32 -7.70
C CYS A 68 8.91 -1.06 -6.99
N GLN A 69 10.02 -1.16 -7.73
CA GLN A 69 11.34 -0.93 -7.17
C GLN A 69 11.74 0.53 -7.29
N THR A 70 10.77 1.43 -7.13
CA THR A 70 11.03 2.86 -7.23
C THR A 70 10.62 3.57 -5.94
N SER A 71 11.50 4.47 -5.48
CA SER A 71 11.22 5.22 -4.26
C SER A 71 9.92 6.00 -4.36
N LEU A 72 9.10 5.90 -3.32
CA LEU A 72 7.82 6.61 -3.30
C LEU A 72 7.05 6.36 -4.59
N CYS A 73 7.10 5.12 -5.08
CA CYS A 73 6.40 4.76 -6.30
C CYS A 73 4.93 4.47 -6.02
N ASN A 74 4.43 5.00 -4.92
CA ASN A 74 3.03 4.80 -4.53
C ASN A 74 2.20 6.06 -4.81
N HIS A 75 2.84 7.05 -5.42
CA HIS A 75 2.16 8.31 -5.73
C HIS A 75 1.02 8.07 -6.72
N ASP A 76 0.39 9.16 -7.15
CA ASP A 76 -0.71 9.08 -8.09
C ASP A 76 -0.41 9.88 -9.36
N MET A 1 16.39 0.04 1.95
CA MET A 1 16.27 1.08 2.96
C MET A 1 15.97 2.43 2.31
N ILE A 2 15.12 2.41 1.29
CA ILE A 2 14.75 3.63 0.58
C ILE A 2 13.54 4.30 1.24
N TRP A 3 13.18 5.47 0.74
CA TRP A 3 12.05 6.22 1.28
C TRP A 3 10.77 5.91 0.51
N CYS A 4 9.68 5.69 1.24
CA CYS A 4 8.40 5.38 0.63
C CYS A 4 7.25 5.97 1.44
N HIS A 5 6.04 5.86 0.90
CA HIS A 5 4.86 6.38 1.58
C HIS A 5 4.17 5.30 2.40
N GLN A 6 4.34 5.37 3.71
CA GLN A 6 3.74 4.39 4.61
C GLN A 6 2.50 4.96 5.29
N CYS A 7 1.65 5.62 4.49
CA CYS A 7 0.42 6.21 5.01
C CYS A 7 -0.71 5.21 4.99
N THR A 8 -1.84 5.57 5.61
CA THR A 8 -3.00 4.70 5.66
C THR A 8 -3.70 4.63 4.31
N GLY A 9 -4.53 5.63 4.03
CA GLY A 9 -5.25 5.68 2.78
C GLY A 9 -6.42 6.65 2.81
N PHE A 10 -7.63 6.12 3.03
CA PHE A 10 -8.82 6.95 3.08
C PHE A 10 -9.02 7.69 1.76
N GLY A 11 -8.45 7.15 0.69
CA GLY A 11 -8.58 7.78 -0.61
C GLY A 11 -7.24 7.94 -1.32
N GLY A 12 -6.18 8.01 -0.54
CA GLY A 12 -4.85 8.16 -1.11
C GLY A 12 -3.89 8.87 -0.17
N CYS A 13 -3.93 8.50 1.11
CA CYS A 13 -3.07 9.12 2.11
C CYS A 13 -1.62 9.11 1.64
N SER A 14 -0.82 10.02 2.20
CA SER A 14 0.60 10.12 1.85
C SER A 14 1.45 10.42 3.07
N HIS A 15 2.67 9.92 3.07
CA HIS A 15 3.59 10.14 4.19
C HIS A 15 4.97 9.57 3.87
N GLY A 16 5.84 10.41 3.30
CA GLY A 16 7.17 9.97 2.95
C GLY A 16 8.00 9.62 4.18
N SER A 17 8.11 8.32 4.46
CA SER A 17 8.87 7.86 5.62
C SER A 17 9.87 6.77 5.21
N ARG A 18 11.03 6.78 5.85
CA ARG A 18 12.07 5.79 5.55
C ARG A 18 11.58 4.39 5.87
N CYS A 19 12.14 3.40 5.16
CA CYS A 19 11.77 2.00 5.38
C CYS A 19 12.84 1.27 6.17
N LEU A 20 12.63 -0.02 6.40
CA LEU A 20 13.58 -0.84 7.14
C LEU A 20 14.73 -1.29 6.24
N ARG A 21 15.84 -1.67 6.86
CA ARG A 21 17.01 -2.12 6.11
C ARG A 21 16.62 -3.16 5.06
N ASP A 22 15.79 -4.12 5.45
CA ASP A 22 15.35 -5.17 4.56
C ASP A 22 14.43 -4.59 3.47
N SER A 23 13.59 -3.65 3.85
CA SER A 23 12.67 -3.02 2.93
C SER A 23 13.41 -2.14 1.93
N THR A 24 13.49 -2.61 0.68
CA THR A 24 14.18 -1.87 -0.37
C THR A 24 13.21 -1.47 -1.48
N HIS A 25 11.94 -1.83 -1.31
CA HIS A 25 10.91 -1.51 -2.30
C HIS A 25 9.65 -1.00 -1.63
N CYS A 26 8.75 -0.42 -2.41
CA CYS A 26 7.50 0.10 -1.90
C CYS A 26 6.30 -0.64 -2.49
N VAL A 27 5.17 -0.58 -1.79
CA VAL A 27 3.95 -1.25 -2.25
C VAL A 27 2.74 -0.36 -2.06
N THR A 28 1.82 -0.39 -3.02
CA THR A 28 0.61 0.41 -2.97
C THR A 28 -0.63 -0.44 -3.22
N THR A 29 -1.20 -0.96 -2.14
CA THR A 29 -2.40 -1.80 -2.23
C THR A 29 -3.66 -0.99 -1.94
N ALA A 30 -4.78 -1.41 -2.53
CA ALA A 30 -6.05 -0.73 -2.34
C ALA A 30 -7.22 -1.70 -2.45
N THR A 31 -7.97 -1.86 -1.36
CA THR A 31 -9.11 -2.76 -1.35
C THR A 31 -10.18 -2.27 -0.38
N ARG A 32 -11.38 -2.84 -0.50
CA ARG A 32 -12.48 -2.46 0.38
C ARG A 32 -13.20 -3.70 0.91
N VAL A 33 -13.29 -3.79 2.24
CA VAL A 33 -13.94 -4.93 2.88
C VAL A 33 -15.32 -4.54 3.40
N LEU A 34 -15.51 -3.25 3.63
CA LEU A 34 -16.79 -2.74 4.14
C LEU A 34 -17.15 -1.42 3.47
N SER A 35 -18.31 -1.40 2.80
CA SER A 35 -18.78 -0.20 2.12
C SER A 35 -19.72 0.60 3.01
N ASN A 36 -20.01 0.07 4.18
CA ASN A 36 -20.91 0.73 5.12
C ASN A 36 -20.12 1.62 6.08
N THR A 37 -18.81 1.66 5.91
CA THR A 37 -17.95 2.47 6.76
C THR A 37 -17.47 3.71 6.01
N GLU A 38 -17.27 3.58 4.71
CA GLU A 38 -16.81 4.69 3.88
C GLU A 38 -17.23 4.51 2.43
N ASP A 39 -17.48 5.61 1.75
CA ASP A 39 -17.89 5.57 0.35
C ASP A 39 -16.71 5.21 -0.55
N LEU A 40 -15.51 5.60 -0.13
CA LEU A 40 -14.31 5.31 -0.89
C LEU A 40 -13.63 4.04 -0.40
N PRO A 41 -12.87 3.39 -1.28
CA PRO A 41 -12.15 2.15 -0.96
C PRO A 41 -11.00 2.39 0.01
N LEU A 42 -10.66 1.37 0.77
CA LEU A 42 -9.56 1.47 1.73
C LEU A 42 -8.21 1.25 1.05
N VAL A 43 -7.22 2.03 1.46
CA VAL A 43 -5.88 1.92 0.88
C VAL A 43 -4.84 1.66 1.97
N THR A 44 -3.68 1.16 1.55
CA THR A 44 -2.60 0.86 2.48
C THR A 44 -1.26 0.77 1.77
N LYS A 45 -0.37 1.72 2.06
CA LYS A 45 0.94 1.74 1.44
C LYS A 45 2.04 1.45 2.46
N MET A 46 3.04 0.68 2.05
CA MET A 46 4.14 0.32 2.93
C MET A 46 5.35 -0.17 2.14
N CYS A 47 6.40 -0.59 2.84
CA CYS A 47 7.60 -1.07 2.19
C CYS A 47 7.76 -2.58 2.39
N HIS A 48 8.50 -3.22 1.49
CA HIS A 48 8.72 -4.65 1.58
C HIS A 48 9.89 -5.08 0.69
N ILE A 49 10.28 -6.35 0.78
CA ILE A 49 11.38 -6.87 -0.02
C ILE A 49 10.87 -7.43 -1.35
N GLY A 50 10.04 -6.65 -2.03
CA GLY A 50 9.49 -7.09 -3.31
C GLY A 50 8.04 -6.73 -3.48
N CYS A 51 7.19 -7.73 -3.68
CA CYS A 51 5.76 -7.51 -3.86
C CYS A 51 4.98 -8.81 -3.69
N PRO A 52 4.79 -9.23 -2.43
CA PRO A 52 4.06 -10.45 -2.11
C PRO A 52 2.57 -10.34 -2.39
N ASP A 53 1.88 -11.48 -2.39
CA ASP A 53 0.44 -11.50 -2.65
C ASP A 53 -0.33 -11.76 -1.37
N ILE A 54 -1.04 -10.75 -0.90
CA ILE A 54 -1.84 -10.88 0.32
C ILE A 54 -3.24 -10.30 0.13
N PRO A 55 -4.14 -11.12 -0.45
CA PRO A 55 -5.52 -10.72 -0.70
C PRO A 55 -6.33 -10.59 0.58
N SER A 56 -5.73 -10.98 1.70
CA SER A 56 -6.39 -10.90 2.99
C SER A 56 -6.70 -9.45 3.37
N LEU A 57 -5.93 -8.53 2.80
CA LEU A 57 -6.11 -7.11 3.07
C LEU A 57 -7.40 -6.59 2.42
N GLY A 58 -7.85 -7.30 1.39
CA GLY A 58 -9.07 -6.90 0.70
C GLY A 58 -10.17 -7.93 0.82
N LEU A 59 -10.68 -8.39 -0.32
CA LEU A 59 -11.74 -9.38 -0.33
C LEU A 59 -11.18 -10.79 -0.22
N GLY A 60 -10.42 -11.22 -1.23
CA GLY A 60 -9.84 -12.53 -1.22
C GLY A 60 -9.46 -13.02 -2.61
N PRO A 61 -10.47 -13.26 -3.45
CA PRO A 61 -10.26 -13.73 -4.82
C PRO A 61 -9.67 -12.66 -5.72
N TYR A 62 -10.24 -11.46 -5.68
CA TYR A 62 -9.76 -10.35 -6.48
C TYR A 62 -9.18 -9.24 -5.60
N VAL A 63 -8.02 -8.74 -5.98
CA VAL A 63 -7.36 -7.68 -5.23
C VAL A 63 -6.46 -6.85 -6.13
N SER A 64 -6.48 -5.53 -5.92
CA SER A 64 -5.67 -4.62 -6.71
C SER A 64 -4.39 -4.24 -5.97
N ILE A 65 -3.25 -4.56 -6.56
CA ILE A 65 -1.96 -4.24 -5.96
C ILE A 65 -1.04 -3.54 -6.96
N ALA A 66 -0.24 -2.59 -6.44
CA ALA A 66 0.68 -1.85 -7.28
C ALA A 66 2.02 -1.65 -6.59
N CYS A 67 3.00 -2.47 -6.94
CA CYS A 67 4.33 -2.39 -6.34
C CYS A 67 5.33 -1.84 -7.34
N CYS A 68 6.50 -1.44 -6.84
CA CYS A 68 7.55 -0.89 -7.69
C CYS A 68 8.84 -0.70 -6.90
N GLN A 69 9.98 -0.81 -7.59
CA GLN A 69 11.28 -0.66 -6.96
C GLN A 69 11.74 0.79 -7.01
N THR A 70 10.84 1.70 -6.69
CA THR A 70 11.16 3.13 -6.70
C THR A 70 10.71 3.81 -5.41
N SER A 71 11.56 4.69 -4.88
CA SER A 71 11.25 5.39 -3.65
C SER A 71 9.99 6.23 -3.80
N LEU A 72 9.12 6.16 -2.81
CA LEU A 72 7.87 6.91 -2.83
C LEU A 72 7.13 6.70 -4.15
N CYS A 73 7.21 5.50 -4.68
CA CYS A 73 6.55 5.16 -5.94
C CYS A 73 5.08 4.81 -5.71
N ASN A 74 4.53 5.29 -4.60
CA ASN A 74 3.13 5.03 -4.26
C ASN A 74 2.27 6.27 -4.50
N HIS A 75 2.94 7.41 -4.71
CA HIS A 75 2.23 8.66 -4.94
C HIS A 75 1.47 8.62 -6.26
N ASP A 76 0.20 8.99 -6.22
CA ASP A 76 -0.63 8.99 -7.43
C ASP A 76 -0.42 10.26 -8.23
N MET A 1 16.00 0.15 1.01
CA MET A 1 16.77 1.29 1.51
C MET A 1 16.34 2.58 0.82
N ILE A 2 15.10 2.62 0.36
CA ILE A 2 14.58 3.80 -0.32
C ILE A 2 13.45 4.43 0.48
N TRP A 3 13.03 5.63 0.06
CA TRP A 3 11.96 6.33 0.73
C TRP A 3 10.62 6.07 0.05
N CYS A 4 9.60 5.75 0.83
CA CYS A 4 8.27 5.48 0.31
C CYS A 4 7.19 6.05 1.21
N HIS A 5 5.93 5.77 0.89
CA HIS A 5 4.81 6.25 1.68
C HIS A 5 4.35 5.19 2.67
N GLN A 6 4.60 5.45 3.95
CA GLN A 6 4.21 4.51 5.00
C GLN A 6 2.87 4.90 5.62
N CYS A 7 1.98 5.45 4.78
CA CYS A 7 0.67 5.86 5.24
C CYS A 7 -0.29 4.68 5.31
N THR A 8 -1.44 4.89 5.94
CA THR A 8 -2.43 3.83 6.09
C THR A 8 -3.59 4.03 5.12
N GLY A 9 -4.46 3.03 5.03
CA GLY A 9 -5.61 3.11 4.13
C GLY A 9 -6.75 3.90 4.73
N PHE A 10 -6.85 5.17 4.36
CA PHE A 10 -7.92 6.03 4.86
C PHE A 10 -8.21 7.17 3.88
N GLY A 11 -8.24 6.85 2.60
CA GLY A 11 -8.51 7.85 1.59
C GLY A 11 -7.33 8.06 0.65
N GLY A 12 -6.35 7.15 0.72
CA GLY A 12 -5.19 7.25 -0.13
C GLY A 12 -4.20 8.28 0.35
N CYS A 13 -4.19 8.51 1.66
CA CYS A 13 -3.27 9.48 2.27
C CYS A 13 -1.83 9.16 1.91
N SER A 14 -0.92 10.06 2.27
CA SER A 14 0.50 9.87 1.99
C SER A 14 1.35 10.19 3.22
N HIS A 15 2.60 9.79 3.18
CA HIS A 15 3.52 10.03 4.29
C HIS A 15 4.94 9.58 3.95
N GLY A 16 5.67 10.43 3.24
CA GLY A 16 7.03 10.10 2.85
C GLY A 16 7.89 9.74 4.03
N SER A 17 8.12 8.45 4.25
CA SER A 17 8.94 7.98 5.35
C SER A 17 10.01 7.02 4.87
N ARG A 18 11.04 6.82 5.69
CA ARG A 18 12.15 5.94 5.35
C ARG A 18 11.73 4.48 5.51
N CYS A 19 11.97 3.67 4.47
CA CYS A 19 11.63 2.26 4.50
C CYS A 19 12.60 1.48 5.37
N LEU A 20 12.41 0.17 5.43
CA LEU A 20 13.27 -0.70 6.23
C LEU A 20 14.53 -1.07 5.45
N ARG A 21 15.66 -1.10 6.15
CA ARG A 21 16.95 -1.43 5.53
C ARG A 21 16.81 -2.69 4.69
N ASP A 22 15.95 -3.61 5.12
CA ASP A 22 15.73 -4.86 4.40
C ASP A 22 14.91 -4.62 3.13
N SER A 23 13.81 -3.88 3.27
CA SER A 23 12.94 -3.58 2.15
C SER A 23 13.59 -2.59 1.19
N THR A 24 13.88 -3.04 -0.02
CA THR A 24 14.51 -2.20 -1.03
C THR A 24 13.51 -1.79 -2.11
N HIS A 25 12.22 -1.94 -1.80
CA HIS A 25 11.16 -1.58 -2.74
C HIS A 25 9.93 -1.07 -2.01
N CYS A 26 8.96 -0.58 -2.76
CA CYS A 26 7.72 -0.06 -2.18
C CYS A 26 6.52 -0.85 -2.66
N VAL A 27 5.55 -1.05 -1.77
CA VAL A 27 4.34 -1.80 -2.10
C VAL A 27 3.10 -0.93 -1.92
N THR A 28 2.05 -1.24 -2.68
CA THR A 28 0.80 -0.50 -2.60
C THR A 28 -0.39 -1.45 -2.55
N THR A 29 -1.19 -1.32 -1.48
CA THR A 29 -2.37 -2.16 -1.31
C THR A 29 -3.63 -1.31 -1.20
N ALA A 30 -4.50 -1.41 -2.20
CA ALA A 30 -5.75 -0.66 -2.21
C ALA A 30 -6.95 -1.59 -2.06
N THR A 31 -7.33 -1.86 -0.82
CA THR A 31 -8.46 -2.73 -0.53
C THR A 31 -9.78 -1.98 -0.67
N ARG A 32 -10.83 -2.69 -1.07
CA ARG A 32 -12.15 -2.09 -1.24
C ARG A 32 -13.16 -2.73 -0.29
N VAL A 33 -14.03 -1.90 0.29
CA VAL A 33 -15.04 -2.38 1.22
C VAL A 33 -16.39 -1.71 0.96
N LEU A 34 -17.26 -2.39 0.24
CA LEU A 34 -18.58 -1.86 -0.08
C LEU A 34 -19.41 -1.66 1.18
N SER A 35 -19.75 -0.40 1.48
CA SER A 35 -20.53 -0.09 2.66
C SER A 35 -21.49 1.08 2.38
N ASN A 36 -22.71 0.97 2.87
CA ASN A 36 -23.71 2.02 2.68
C ASN A 36 -23.27 3.32 3.33
N THR A 37 -22.32 3.22 4.26
CA THR A 37 -21.81 4.40 4.95
C THR A 37 -20.46 4.83 4.40
N GLU A 38 -19.92 5.91 4.94
CA GLU A 38 -18.63 6.44 4.49
C GLU A 38 -17.48 5.59 5.05
N ASP A 39 -17.20 4.47 4.40
CA ASP A 39 -16.13 3.59 4.83
C ASP A 39 -14.85 3.85 4.05
N LEU A 40 -14.99 4.02 2.74
CA LEU A 40 -13.85 4.29 1.87
C LEU A 40 -12.88 3.11 1.88
N PRO A 41 -12.12 2.96 0.77
CA PRO A 41 -11.15 1.88 0.62
C PRO A 41 -9.94 2.06 1.54
N LEU A 42 -9.29 0.95 1.87
CA LEU A 42 -8.11 0.99 2.73
C LEU A 42 -6.82 0.94 1.91
N VAL A 43 -6.41 2.10 1.42
CA VAL A 43 -5.19 2.20 0.62
C VAL A 43 -3.97 2.34 1.51
N THR A 44 -3.38 1.21 1.88
CA THR A 44 -2.18 1.21 2.73
C THR A 44 -0.92 1.07 1.90
N LYS A 45 0.05 1.94 2.16
CA LYS A 45 1.32 1.91 1.44
C LYS A 45 2.48 1.60 2.39
N MET A 46 3.34 0.68 1.98
CA MET A 46 4.49 0.30 2.80
C MET A 46 5.66 -0.12 1.92
N CYS A 47 6.65 -0.78 2.52
CA CYS A 47 7.83 -1.24 1.78
C CYS A 47 8.06 -2.73 2.02
N HIS A 48 8.82 -3.34 1.12
CA HIS A 48 9.13 -4.77 1.22
C HIS A 48 10.33 -5.14 0.35
N ILE A 49 10.82 -6.37 0.51
CA ILE A 49 11.96 -6.83 -0.26
C ILE A 49 11.51 -7.51 -1.54
N GLY A 50 10.50 -6.94 -2.19
CA GLY A 50 9.99 -7.50 -3.44
C GLY A 50 8.59 -7.03 -3.75
N CYS A 51 7.63 -7.95 -3.72
CA CYS A 51 6.24 -7.61 -4.01
C CYS A 51 5.30 -8.63 -3.39
N PRO A 52 5.01 -8.45 -2.09
CA PRO A 52 4.12 -9.34 -1.36
C PRO A 52 2.66 -9.22 -1.80
N ASP A 53 1.87 -10.25 -1.53
CA ASP A 53 0.46 -10.25 -1.91
C ASP A 53 -0.43 -10.18 -0.68
N ILE A 54 -0.53 -11.30 0.04
CA ILE A 54 -1.35 -11.36 1.25
C ILE A 54 -2.73 -10.75 1.01
N PRO A 55 -3.60 -11.52 0.34
CA PRO A 55 -4.97 -11.07 0.04
C PRO A 55 -5.85 -10.99 1.29
N SER A 56 -5.32 -11.48 2.40
CA SER A 56 -6.05 -11.46 3.66
C SER A 56 -6.22 -10.03 4.17
N LEU A 57 -5.43 -9.12 3.62
CA LEU A 57 -5.48 -7.71 4.01
C LEU A 57 -6.70 -7.02 3.39
N GLY A 58 -7.15 -7.54 2.25
CA GLY A 58 -8.29 -6.96 1.57
C GLY A 58 -9.58 -7.70 1.89
N LEU A 59 -10.13 -8.36 0.89
CA LEU A 59 -11.38 -9.10 1.06
C LEU A 59 -11.22 -10.55 0.61
N GLY A 60 -10.46 -10.75 -0.46
CA GLY A 60 -10.24 -12.09 -0.98
C GLY A 60 -9.83 -12.08 -2.44
N PRO A 61 -10.81 -12.25 -3.33
CA PRO A 61 -10.58 -12.27 -4.78
C PRO A 61 -10.18 -10.91 -5.32
N TYR A 62 -10.95 -9.88 -4.96
CA TYR A 62 -10.68 -8.52 -5.40
C TYR A 62 -9.71 -7.81 -4.46
N VAL A 63 -8.54 -7.47 -4.98
CA VAL A 63 -7.52 -6.78 -4.19
C VAL A 63 -6.49 -6.10 -5.08
N SER A 64 -6.33 -4.79 -4.91
CA SER A 64 -5.38 -4.03 -5.70
C SER A 64 -3.98 -4.14 -5.11
N ILE A 65 -3.01 -4.49 -5.96
CA ILE A 65 -1.63 -4.62 -5.53
C ILE A 65 -0.67 -4.10 -6.58
N ALA A 66 0.13 -3.09 -6.21
CA ALA A 66 1.09 -2.50 -7.13
C ALA A 66 2.47 -2.35 -6.46
N CYS A 67 3.46 -3.04 -7.01
CA CYS A 67 4.81 -2.98 -6.47
C CYS A 67 5.79 -2.41 -7.49
N CYS A 68 6.88 -1.83 -7.00
CA CYS A 68 7.89 -1.24 -7.88
C CYS A 68 9.16 -0.93 -7.11
N GLN A 69 10.30 -0.98 -7.79
CA GLN A 69 11.59 -0.71 -7.17
C GLN A 69 11.94 0.77 -7.28
N THR A 70 10.97 1.63 -6.97
CA THR A 70 11.17 3.08 -7.03
C THR A 70 10.66 3.75 -5.78
N SER A 71 11.44 4.69 -5.24
CA SER A 71 11.06 5.40 -4.04
C SER A 71 9.75 6.16 -4.24
N LEU A 72 8.84 6.04 -3.27
CA LEU A 72 7.55 6.70 -3.35
C LEU A 72 6.87 6.42 -4.68
N CYS A 73 7.02 5.19 -5.18
CA CYS A 73 6.42 4.79 -6.44
C CYS A 73 4.96 4.38 -6.25
N ASN A 74 4.36 4.85 -5.17
CA ASN A 74 2.96 4.52 -4.87
C ASN A 74 2.07 5.75 -5.06
N HIS A 75 2.70 6.91 -5.26
CA HIS A 75 1.95 8.15 -5.46
C HIS A 75 1.47 8.27 -6.90
N ASP A 76 0.88 9.43 -7.22
CA ASP A 76 0.37 9.67 -8.56
C ASP A 76 0.61 11.12 -8.98
N MET A 1 16.98 0.46 1.68
CA MET A 1 16.96 1.61 2.57
C MET A 1 16.48 2.85 1.85
N ILE A 2 15.26 2.79 1.31
CA ILE A 2 14.67 3.91 0.59
C ILE A 2 13.45 4.44 1.31
N TRP A 3 12.95 5.60 0.86
CA TRP A 3 11.78 6.22 1.46
C TRP A 3 10.54 5.97 0.60
N CYS A 4 9.43 5.66 1.26
CA CYS A 4 8.17 5.41 0.56
C CYS A 4 6.99 5.94 1.36
N HIS A 5 5.79 5.61 0.90
CA HIS A 5 4.57 6.06 1.58
C HIS A 5 4.06 4.99 2.54
N GLN A 6 3.76 5.41 3.77
CA GLN A 6 3.27 4.48 4.79
C GLN A 6 1.94 4.97 5.35
N CYS A 7 1.01 5.34 4.47
CA CYS A 7 -0.30 5.82 4.89
C CYS A 7 -1.22 4.66 5.22
N THR A 8 -2.31 4.95 5.93
CA THR A 8 -3.28 3.93 6.31
C THR A 8 -4.12 3.50 5.12
N GLY A 9 -4.80 4.45 4.49
CA GLY A 9 -5.63 4.14 3.34
C GLY A 9 -6.97 4.88 3.39
N PHE A 10 -7.00 6.07 2.82
CA PHE A 10 -8.22 6.87 2.80
C PHE A 10 -8.23 7.80 1.58
N GLY A 11 -8.51 7.24 0.41
CA GLY A 11 -8.55 8.02 -0.81
C GLY A 11 -7.18 8.20 -1.43
N GLY A 12 -6.32 7.21 -1.24
CA GLY A 12 -4.97 7.29 -1.79
C GLY A 12 -4.12 8.34 -1.10
N CYS A 13 -4.31 8.48 0.21
CA CYS A 13 -3.55 9.46 0.98
C CYS A 13 -2.05 9.25 0.80
N SER A 14 -1.25 10.12 1.43
CA SER A 14 0.20 10.03 1.34
C SER A 14 0.84 10.20 2.71
N HIS A 15 2.06 9.71 2.85
CA HIS A 15 2.79 9.81 4.12
C HIS A 15 4.24 9.36 3.95
N GLY A 16 5.08 10.28 3.48
CA GLY A 16 6.48 9.95 3.28
C GLY A 16 7.16 9.49 4.56
N SER A 17 7.48 8.20 4.61
CA SER A 17 8.12 7.62 5.78
C SER A 17 9.25 6.68 5.37
N ARG A 18 10.26 6.56 6.24
CA ARG A 18 11.41 5.70 5.97
C ARG A 18 11.03 4.23 6.12
N CYS A 19 11.39 3.43 5.14
CA CYS A 19 11.10 1.99 5.16
C CYS A 19 12.11 1.25 6.04
N LEU A 20 11.80 -0.01 6.33
CA LEU A 20 12.68 -0.83 7.16
C LEU A 20 14.09 -0.90 6.57
N ARG A 21 15.09 -1.01 7.44
CA ARG A 21 16.48 -1.07 7.01
C ARG A 21 16.64 -2.11 5.90
N ASP A 22 15.81 -3.15 5.94
CA ASP A 22 15.88 -4.21 4.94
C ASP A 22 15.05 -3.85 3.71
N SER A 23 13.89 -3.24 3.94
CA SER A 23 13.00 -2.85 2.85
C SER A 23 13.77 -2.08 1.78
N THR A 24 13.64 -2.52 0.53
CA THR A 24 14.31 -1.87 -0.58
C THR A 24 13.32 -1.45 -1.66
N HIS A 25 12.07 -1.88 -1.52
CA HIS A 25 11.03 -1.55 -2.48
C HIS A 25 9.74 -1.13 -1.76
N CYS A 26 8.85 -0.49 -2.50
CA CYS A 26 7.58 -0.03 -1.94
C CYS A 26 6.43 -0.86 -2.49
N VAL A 27 5.34 -0.92 -1.72
CA VAL A 27 4.16 -1.68 -2.13
C VAL A 27 2.88 -0.89 -1.85
N THR A 28 1.92 -0.99 -2.78
CA THR A 28 0.66 -0.28 -2.63
C THR A 28 -0.52 -1.23 -2.81
N THR A 29 -1.33 -1.37 -1.76
CA THR A 29 -2.49 -2.25 -1.80
C THR A 29 -3.78 -1.47 -1.57
N ALA A 30 -4.56 -1.29 -2.62
CA ALA A 30 -5.82 -0.56 -2.54
C ALA A 30 -7.01 -1.53 -2.54
N THR A 31 -7.51 -1.83 -1.35
CA THR A 31 -8.65 -2.74 -1.22
C THR A 31 -9.91 -1.98 -0.83
N ARG A 32 -11.05 -2.40 -1.39
CA ARG A 32 -12.32 -1.76 -1.09
C ARG A 32 -12.69 -1.93 0.37
N VAL A 33 -13.82 -1.34 0.77
CA VAL A 33 -14.28 -1.44 2.15
C VAL A 33 -15.80 -1.58 2.20
N LEU A 34 -16.26 -2.77 2.56
CA LEU A 34 -17.69 -3.05 2.67
C LEU A 34 -18.34 -2.19 3.75
N SER A 35 -17.54 -1.77 4.72
CA SER A 35 -18.02 -0.95 5.82
C SER A 35 -18.56 0.38 5.31
N ASN A 36 -19.82 0.64 5.59
CA ASN A 36 -20.45 1.89 5.16
C ASN A 36 -19.81 3.10 5.83
N THR A 37 -19.03 2.84 6.88
CA THR A 37 -18.35 3.89 7.62
C THR A 37 -17.33 4.61 6.74
N GLU A 38 -17.00 3.99 5.61
CA GLU A 38 -16.03 4.56 4.69
C GLU A 38 -16.53 4.47 3.25
N ASP A 39 -16.60 5.62 2.58
CA ASP A 39 -17.06 5.67 1.20
C ASP A 39 -15.94 5.33 0.24
N LEU A 40 -14.72 5.72 0.60
CA LEU A 40 -13.55 5.46 -0.24
C LEU A 40 -12.83 4.19 0.21
N PRO A 41 -12.05 3.60 -0.70
CA PRO A 41 -11.28 2.38 -0.42
C PRO A 41 -10.15 2.62 0.56
N LEU A 42 -9.61 1.54 1.11
CA LEU A 42 -8.51 1.63 2.07
C LEU A 42 -7.18 1.27 1.41
N VAL A 43 -6.40 2.29 1.06
CA VAL A 43 -5.11 2.08 0.42
C VAL A 43 -4.00 1.90 1.46
N THR A 44 -3.66 0.65 1.74
CA THR A 44 -2.62 0.34 2.71
C THR A 44 -1.24 0.40 2.07
N LYS A 45 -0.49 1.45 2.39
CA LYS A 45 0.85 1.62 1.85
C LYS A 45 1.90 0.98 2.76
N MET A 46 2.76 0.16 2.18
CA MET A 46 3.81 -0.51 2.94
C MET A 46 4.96 -0.93 2.04
N CYS A 47 6.16 -0.97 2.59
CA CYS A 47 7.35 -1.35 1.84
C CYS A 47 7.63 -2.84 1.98
N HIS A 48 8.33 -3.41 1.00
CA HIS A 48 8.67 -4.83 1.01
C HIS A 48 9.87 -5.11 0.12
N ILE A 49 10.37 -6.34 0.17
CA ILE A 49 11.52 -6.74 -0.64
C ILE A 49 11.07 -7.36 -1.95
N GLY A 50 10.27 -6.62 -2.71
CA GLY A 50 9.79 -7.12 -3.99
C GLY A 50 8.36 -6.72 -4.27
N CYS A 51 7.46 -7.70 -4.22
CA CYS A 51 6.04 -7.45 -4.46
C CYS A 51 5.19 -8.62 -4.00
N PRO A 52 4.83 -8.62 -2.71
CA PRO A 52 4.02 -9.68 -2.11
C PRO A 52 2.58 -9.65 -2.60
N ASP A 53 1.95 -10.82 -2.67
CA ASP A 53 0.57 -10.94 -3.12
C ASP A 53 -0.36 -11.26 -1.95
N ILE A 54 0.16 -11.17 -0.73
CA ILE A 54 -0.62 -11.45 0.45
C ILE A 54 -2.02 -10.86 0.35
N PRO A 55 -3.01 -11.73 0.07
CA PRO A 55 -4.41 -11.32 -0.05
C PRO A 55 -5.02 -10.90 1.27
N SER A 56 -4.28 -11.13 2.36
CA SER A 56 -4.76 -10.78 3.69
C SER A 56 -4.87 -9.27 3.84
N LEU A 57 -4.22 -8.54 2.94
CA LEU A 57 -4.25 -7.08 2.97
C LEU A 57 -5.65 -6.55 2.71
N GLY A 58 -6.44 -7.33 1.97
CA GLY A 58 -7.80 -6.92 1.66
C GLY A 58 -8.78 -8.07 1.78
N LEU A 59 -9.55 -8.31 0.72
CA LEU A 59 -10.54 -9.38 0.70
C LEU A 59 -9.95 -10.66 0.13
N GLY A 60 -9.59 -10.62 -1.15
CA GLY A 60 -9.01 -11.78 -1.80
C GLY A 60 -9.26 -11.80 -3.30
N PRO A 61 -10.52 -12.01 -3.68
CA PRO A 61 -10.92 -12.06 -5.09
C PRO A 61 -10.83 -10.68 -5.76
N TYR A 62 -11.14 -9.64 -5.00
CA TYR A 62 -11.10 -8.28 -5.53
C TYR A 62 -10.17 -7.40 -4.69
N VAL A 63 -8.93 -7.28 -5.15
CA VAL A 63 -7.93 -6.46 -4.45
C VAL A 63 -6.93 -5.87 -5.42
N SER A 64 -6.56 -4.62 -5.20
CA SER A 64 -5.60 -3.94 -6.06
C SER A 64 -4.21 -3.96 -5.44
N ILE A 65 -3.20 -4.21 -6.27
CA ILE A 65 -1.82 -4.26 -5.80
C ILE A 65 -0.87 -3.63 -6.83
N ALA A 66 -0.03 -2.72 -6.37
CA ALA A 66 0.93 -2.05 -7.24
C ALA A 66 2.28 -1.89 -6.55
N CYS A 67 3.27 -2.65 -7.02
CA CYS A 67 4.61 -2.59 -6.44
C CYS A 67 5.59 -1.95 -7.43
N CYS A 68 6.72 -1.48 -6.90
CA CYS A 68 7.74 -0.85 -7.72
C CYS A 68 9.02 -0.63 -6.93
N GLN A 69 10.15 -0.69 -7.62
CA GLN A 69 11.45 -0.50 -6.98
C GLN A 69 11.87 0.96 -7.01
N THR A 70 10.93 1.85 -6.69
CA THR A 70 11.20 3.28 -6.67
C THR A 70 10.72 3.92 -5.38
N SER A 71 11.53 4.82 -4.83
CA SER A 71 11.18 5.51 -3.59
C SER A 71 9.88 6.30 -3.76
N LEU A 72 8.99 6.16 -2.78
CA LEU A 72 7.72 6.87 -2.81
C LEU A 72 7.01 6.65 -4.15
N CYS A 73 7.14 5.44 -4.68
CA CYS A 73 6.51 5.10 -5.95
C CYS A 73 5.05 4.70 -5.75
N ASN A 74 4.47 5.15 -4.64
CA ASN A 74 3.09 4.83 -4.32
C ASN A 74 2.18 6.02 -4.61
N HIS A 75 2.79 7.13 -5.02
CA HIS A 75 2.04 8.34 -5.34
C HIS A 75 1.11 8.11 -6.52
N ASP A 76 0.48 9.19 -6.98
CA ASP A 76 -0.44 9.10 -8.12
C ASP A 76 0.29 9.42 -9.43
N MET A 1 17.91 0.68 1.13
CA MET A 1 16.51 1.01 1.39
C MET A 1 16.17 2.39 0.81
N ILE A 2 14.94 2.54 0.35
CA ILE A 2 14.49 3.80 -0.22
C ILE A 2 13.40 4.43 0.64
N TRP A 3 12.78 5.50 0.13
CA TRP A 3 11.73 6.19 0.84
C TRP A 3 10.37 5.97 0.16
N CYS A 4 9.36 5.62 0.95
CA CYS A 4 8.03 5.38 0.42
C CYS A 4 6.96 5.87 1.40
N HIS A 5 5.71 5.59 1.07
CA HIS A 5 4.59 6.00 1.92
C HIS A 5 4.32 4.96 3.00
N GLN A 6 4.18 5.44 4.25
CA GLN A 6 3.93 4.54 5.37
C GLN A 6 2.61 4.90 6.06
N CYS A 7 1.71 5.51 5.30
CA CYS A 7 0.40 5.90 5.84
C CYS A 7 -0.58 4.75 5.76
N THR A 8 -1.72 4.90 6.43
CA THR A 8 -2.75 3.88 6.45
C THR A 8 -3.83 4.16 5.40
N GLY A 9 -3.46 4.91 4.38
CA GLY A 9 -4.41 5.24 3.32
C GLY A 9 -5.52 6.14 3.81
N PHE A 10 -6.66 5.56 4.12
CA PHE A 10 -7.82 6.32 4.61
C PHE A 10 -8.24 7.36 3.58
N GLY A 11 -7.86 7.13 2.33
CA GLY A 11 -8.22 8.06 1.26
C GLY A 11 -7.01 8.53 0.47
N GLY A 12 -6.01 7.67 0.36
CA GLY A 12 -4.80 8.02 -0.38
C GLY A 12 -3.90 8.97 0.41
N CYS A 13 -3.87 8.79 1.72
CA CYS A 13 -3.05 9.65 2.58
C CYS A 13 -1.60 9.65 2.11
N SER A 14 -0.97 10.82 2.15
CA SER A 14 0.41 10.96 1.72
C SER A 14 1.33 11.16 2.92
N HIS A 15 2.47 10.48 2.91
CA HIS A 15 3.44 10.58 3.99
C HIS A 15 4.71 9.80 3.67
N GLY A 16 5.68 10.50 3.07
CA GLY A 16 6.93 9.86 2.71
C GLY A 16 7.82 9.61 3.91
N SER A 17 7.97 8.34 4.28
CA SER A 17 8.79 7.97 5.43
C SER A 17 9.89 7.00 5.01
N ARG A 18 10.83 6.75 5.92
CA ARG A 18 11.94 5.84 5.66
C ARG A 18 11.48 4.40 5.70
N CYS A 19 11.86 3.63 4.68
CA CYS A 19 11.48 2.22 4.60
C CYS A 19 12.39 1.37 5.48
N LEU A 20 12.20 0.06 5.42
CA LEU A 20 13.01 -0.88 6.20
C LEU A 20 14.38 -1.08 5.57
N ARG A 21 15.39 -1.31 6.40
CA ARG A 21 16.74 -1.52 5.92
C ARG A 21 16.76 -2.59 4.82
N ASP A 22 15.93 -3.60 4.98
CA ASP A 22 15.86 -4.69 4.00
C ASP A 22 14.91 -4.32 2.86
N SER A 23 13.88 -3.54 3.18
CA SER A 23 12.91 -3.13 2.18
C SER A 23 13.50 -2.10 1.22
N THR A 24 13.53 -2.44 -0.06
CA THR A 24 14.07 -1.55 -1.08
C THR A 24 13.03 -1.22 -2.15
N HIS A 25 11.77 -1.51 -1.84
CA HIS A 25 10.68 -1.25 -2.78
C HIS A 25 9.41 -0.85 -2.04
N CYS A 26 8.46 -0.28 -2.77
CA CYS A 26 7.21 0.17 -2.18
C CYS A 26 6.06 -0.76 -2.60
N VAL A 27 5.18 -1.06 -1.66
CA VAL A 27 4.03 -1.93 -1.92
C VAL A 27 2.72 -1.18 -1.75
N THR A 28 2.04 -0.94 -2.86
CA THR A 28 0.77 -0.23 -2.85
C THR A 28 -0.41 -1.20 -2.75
N THR A 29 -0.84 -1.48 -1.52
CA THR A 29 -1.96 -2.39 -1.29
C THR A 29 -3.27 -1.65 -1.21
N ALA A 30 -4.12 -1.84 -2.22
CA ALA A 30 -5.42 -1.18 -2.26
C ALA A 30 -6.55 -2.20 -2.29
N THR A 31 -7.30 -2.29 -1.19
CA THR A 31 -8.41 -3.22 -1.09
C THR A 31 -9.73 -2.49 -0.90
N ARG A 32 -10.75 -2.92 -1.63
CA ARG A 32 -12.07 -2.31 -1.55
C ARG A 32 -12.78 -2.72 -0.27
N VAL A 33 -13.65 -1.86 0.23
CA VAL A 33 -14.40 -2.13 1.45
C VAL A 33 -15.85 -1.67 1.33
N LEU A 34 -16.75 -2.61 1.02
CA LEU A 34 -18.17 -2.29 0.87
C LEU A 34 -18.76 -1.82 2.19
N SER A 35 -19.32 -0.63 2.19
CA SER A 35 -19.93 -0.05 3.38
C SER A 35 -21.17 0.76 3.04
N ASN A 36 -22.16 0.72 3.92
CA ASN A 36 -23.40 1.47 3.70
C ASN A 36 -23.14 2.97 3.68
N THR A 37 -21.99 3.37 4.21
CA THR A 37 -21.62 4.78 4.26
C THR A 37 -20.10 4.96 4.15
N GLU A 38 -19.59 4.73 2.95
CA GLU A 38 -18.15 4.87 2.70
C GLU A 38 -17.88 5.84 1.55
N ASP A 39 -16.88 6.69 1.73
CA ASP A 39 -16.52 7.67 0.71
C ASP A 39 -15.39 7.14 -0.17
N LEU A 40 -14.55 6.29 0.41
CA LEU A 40 -13.42 5.71 -0.33
C LEU A 40 -12.98 4.40 0.31
N PRO A 41 -12.33 3.55 -0.51
CA PRO A 41 -11.84 2.24 -0.05
C PRO A 41 -10.68 2.36 0.92
N LEU A 42 -10.14 1.22 1.35
CA LEU A 42 -9.01 1.21 2.27
C LEU A 42 -7.69 1.06 1.53
N VAL A 43 -6.69 1.82 1.96
CA VAL A 43 -5.37 1.79 1.34
C VAL A 43 -4.27 1.68 2.39
N THR A 44 -3.18 1.00 2.05
CA THR A 44 -2.06 0.83 2.95
C THR A 44 -0.74 0.80 2.20
N LYS A 45 0.11 1.79 2.48
CA LYS A 45 1.41 1.89 1.81
C LYS A 45 2.52 1.36 2.73
N MET A 46 3.16 0.28 2.32
CA MET A 46 4.24 -0.32 3.10
C MET A 46 5.40 -0.73 2.19
N CYS A 47 6.60 -0.75 2.76
CA CYS A 47 7.79 -1.13 2.01
C CYS A 47 8.09 -2.62 2.17
N HIS A 48 8.80 -3.17 1.20
CA HIS A 48 9.16 -4.59 1.22
C HIS A 48 10.26 -4.90 0.21
N ILE A 49 10.79 -6.11 0.26
CA ILE A 49 11.84 -6.53 -0.65
C ILE A 49 11.26 -7.19 -1.89
N GLY A 50 10.32 -6.52 -2.53
CA GLY A 50 9.71 -7.05 -3.74
C GLY A 50 8.23 -6.75 -3.80
N CYS A 51 7.41 -7.80 -3.86
CA CYS A 51 5.96 -7.65 -3.93
C CYS A 51 5.26 -8.96 -3.61
N PRO A 52 5.21 -9.31 -2.32
CA PRO A 52 4.56 -10.54 -1.85
C PRO A 52 3.05 -10.50 -1.99
N ASP A 53 2.42 -11.66 -1.96
CA ASP A 53 0.97 -11.75 -2.09
C ASP A 53 0.33 -12.12 -0.74
N ILE A 54 -0.41 -11.18 -0.17
CA ILE A 54 -1.07 -11.41 1.11
C ILE A 54 -2.43 -10.72 1.15
N PRO A 55 -3.46 -11.40 0.62
CA PRO A 55 -4.83 -10.88 0.58
C PRO A 55 -5.47 -10.83 1.97
N SER A 56 -4.74 -11.33 2.96
CA SER A 56 -5.24 -11.35 4.34
C SER A 56 -5.54 -9.93 4.82
N LEU A 57 -4.85 -8.96 4.24
CA LEU A 57 -5.04 -7.56 4.61
C LEU A 57 -5.98 -6.86 3.64
N GLY A 58 -6.92 -7.62 3.09
CA GLY A 58 -7.88 -7.05 2.15
C GLY A 58 -9.25 -7.67 2.28
N LEU A 59 -9.77 -8.19 1.16
CA LEU A 59 -11.09 -8.81 1.16
C LEU A 59 -10.98 -10.31 0.86
N GLY A 60 -9.80 -10.73 0.40
CA GLY A 60 -9.60 -12.13 0.09
C GLY A 60 -9.35 -12.36 -1.39
N PRO A 61 -10.42 -12.76 -2.11
CA PRO A 61 -10.34 -13.01 -3.55
C PRO A 61 -10.14 -11.74 -4.37
N TYR A 62 -10.86 -10.69 -4.00
CA TYR A 62 -10.76 -9.41 -4.70
C TYR A 62 -9.81 -8.46 -3.96
N VAL A 63 -8.55 -8.48 -4.38
CA VAL A 63 -7.54 -7.62 -3.76
C VAL A 63 -6.49 -7.18 -4.78
N SER A 64 -6.38 -5.88 -4.99
CA SER A 64 -5.41 -5.34 -5.94
C SER A 64 -4.14 -4.89 -5.23
N ILE A 65 -3.01 -5.09 -5.90
CA ILE A 65 -1.72 -4.71 -5.33
C ILE A 65 -0.76 -4.22 -6.42
N ALA A 66 -0.42 -2.94 -6.36
CA ALA A 66 0.48 -2.34 -7.34
C ALA A 66 1.84 -2.04 -6.71
N CYS A 67 2.82 -2.88 -6.99
CA CYS A 67 4.17 -2.70 -6.45
C CYS A 67 5.10 -2.14 -7.51
N CYS A 68 6.13 -1.41 -7.07
CA CYS A 68 7.10 -0.83 -7.97
C CYS A 68 8.44 -0.60 -7.27
N GLN A 69 9.52 -0.63 -8.05
CA GLN A 69 10.85 -0.43 -7.50
C GLN A 69 11.24 1.05 -7.56
N THR A 70 10.32 1.92 -7.18
CA THR A 70 10.57 3.36 -7.19
C THR A 70 10.14 4.00 -5.88
N SER A 71 10.99 4.86 -5.34
CA SER A 71 10.70 5.55 -4.08
C SER A 71 9.38 6.32 -4.18
N LEU A 72 8.55 6.18 -3.16
CA LEU A 72 7.26 6.86 -3.14
C LEU A 72 6.52 6.69 -4.46
N CYS A 73 6.58 5.49 -5.02
CA CYS A 73 5.93 5.20 -6.29
C CYS A 73 4.45 4.85 -6.06
N ASN A 74 3.91 5.29 -4.93
CA ASN A 74 2.52 5.02 -4.60
C ASN A 74 1.69 6.30 -4.68
N HIS A 75 2.36 7.43 -4.88
CA HIS A 75 1.70 8.72 -4.97
C HIS A 75 0.98 8.87 -6.32
N ASP A 76 0.42 10.05 -6.56
CA ASP A 76 -0.29 10.31 -7.81
C ASP A 76 0.31 11.52 -8.52
N MET A 1 17.07 -0.92 1.23
CA MET A 1 16.25 -0.02 2.03
C MET A 1 16.08 1.33 1.33
N ILE A 2 14.84 1.72 1.09
CA ILE A 2 14.55 2.99 0.43
C ILE A 2 13.38 3.70 1.12
N TRP A 3 13.01 4.86 0.57
CA TRP A 3 11.91 5.64 1.13
C TRP A 3 10.62 5.38 0.36
N CYS A 4 9.53 5.20 1.10
CA CYS A 4 8.23 4.94 0.48
C CYS A 4 7.10 5.57 1.31
N HIS A 5 5.87 5.34 0.89
CA HIS A 5 4.71 5.88 1.59
C HIS A 5 4.12 4.85 2.55
N GLN A 6 3.89 5.26 3.79
CA GLN A 6 3.33 4.37 4.80
C GLN A 6 2.09 4.98 5.44
N CYS A 7 1.28 5.65 4.62
CA CYS A 7 0.06 6.27 5.11
C CYS A 7 -1.07 5.25 5.22
N THR A 8 -2.05 5.54 6.08
CA THR A 8 -3.18 4.65 6.30
C THR A 8 -4.14 4.70 5.12
N GLY A 9 -3.88 5.60 4.18
CA GLY A 9 -4.73 5.73 3.01
C GLY A 9 -6.15 6.09 3.37
N PHE A 10 -6.53 7.35 3.11
CA PHE A 10 -7.88 7.81 3.41
C PHE A 10 -8.41 8.71 2.30
N GLY A 11 -8.22 8.28 1.06
CA GLY A 11 -8.68 9.05 -0.08
C GLY A 11 -7.54 9.50 -0.97
N GLY A 12 -6.33 9.08 -0.64
CA GLY A 12 -5.17 9.46 -1.43
C GLY A 12 -4.19 10.32 -0.66
N CYS A 13 -4.14 10.12 0.66
CA CYS A 13 -3.25 10.89 1.52
C CYS A 13 -1.79 10.75 1.05
N SER A 14 -0.89 11.39 1.77
CA SER A 14 0.54 11.34 1.43
C SER A 14 1.39 11.38 2.70
N HIS A 15 2.42 10.54 2.73
CA HIS A 15 3.32 10.47 3.87
C HIS A 15 4.52 9.57 3.58
N GLY A 16 5.65 10.19 3.28
CA GLY A 16 6.85 9.43 2.98
C GLY A 16 7.68 9.15 4.21
N SER A 17 7.98 7.88 4.44
CA SER A 17 8.78 7.47 5.60
C SER A 17 9.80 6.41 5.22
N ARG A 18 10.80 6.22 6.07
CA ARG A 18 11.84 5.24 5.82
C ARG A 18 11.33 3.82 6.09
N CYS A 19 11.65 2.91 5.18
CA CYS A 19 11.22 1.51 5.31
C CYS A 19 12.27 0.70 6.07
N LEU A 20 11.85 -0.46 6.56
CA LEU A 20 12.75 -1.35 7.30
C LEU A 20 13.99 -1.67 6.48
N ARG A 21 15.12 -1.82 7.16
CA ARG A 21 16.38 -2.13 6.49
C ARG A 21 16.23 -3.35 5.58
N ASP A 22 15.36 -4.27 5.98
CA ASP A 22 15.12 -5.48 5.20
C ASP A 22 14.29 -5.17 3.95
N SER A 23 13.28 -4.33 4.13
CA SER A 23 12.40 -3.95 3.03
C SER A 23 13.13 -3.04 2.04
N THR A 24 13.30 -3.51 0.82
CA THR A 24 13.98 -2.74 -0.22
C THR A 24 13.09 -2.53 -1.43
N HIS A 25 11.78 -2.54 -1.20
CA HIS A 25 10.81 -2.36 -2.28
C HIS A 25 9.61 -1.55 -1.80
N CYS A 26 8.91 -0.92 -2.74
CA CYS A 26 7.73 -0.13 -2.41
C CYS A 26 6.45 -0.84 -2.83
N VAL A 27 5.47 -0.88 -1.93
CA VAL A 27 4.20 -1.53 -2.21
C VAL A 27 3.04 -0.56 -2.03
N THR A 28 2.02 -0.73 -2.85
CA THR A 28 0.84 0.14 -2.80
C THR A 28 -0.44 -0.65 -3.03
N THR A 29 -1.25 -0.79 -1.98
CA THR A 29 -2.50 -1.53 -2.07
C THR A 29 -3.69 -0.59 -2.01
N ALA A 30 -4.88 -1.11 -2.32
CA ALA A 30 -6.10 -0.32 -2.28
C ALA A 30 -7.33 -1.22 -2.24
N THR A 31 -8.06 -1.14 -1.12
CA THR A 31 -9.27 -1.95 -0.95
C THR A 31 -10.53 -1.12 -1.18
N ARG A 32 -11.68 -1.74 -0.99
CA ARG A 32 -12.96 -1.06 -1.18
C ARG A 32 -13.71 -0.92 0.14
N VAL A 33 -14.33 -2.01 0.58
CA VAL A 33 -15.08 -2.01 1.83
C VAL A 33 -14.83 -3.30 2.62
N LEU A 34 -13.86 -3.26 3.52
CA LEU A 34 -13.54 -4.43 4.33
C LEU A 34 -14.22 -4.34 5.70
N SER A 35 -13.62 -3.59 6.61
CA SER A 35 -14.17 -3.44 7.95
C SER A 35 -14.96 -2.13 8.08
N ASN A 36 -14.42 -1.08 7.45
CA ASN A 36 -15.08 0.22 7.49
C ASN A 36 -16.42 0.19 6.77
N THR A 37 -16.48 -0.56 5.67
CA THR A 37 -17.71 -0.69 4.89
C THR A 37 -18.30 0.69 4.59
N GLU A 38 -17.43 1.68 4.41
CA GLU A 38 -17.88 3.03 4.11
C GLU A 38 -18.20 3.18 2.63
N ASP A 39 -18.53 4.40 2.22
CA ASP A 39 -18.87 4.69 0.83
C ASP A 39 -17.61 4.75 -0.03
N LEU A 40 -16.53 5.26 0.55
CA LEU A 40 -15.26 5.38 -0.15
C LEU A 40 -14.35 4.19 0.15
N PRO A 41 -13.39 3.94 -0.75
CA PRO A 41 -12.44 2.83 -0.61
C PRO A 41 -11.45 3.07 0.53
N LEU A 42 -10.50 2.14 0.69
CA LEU A 42 -9.50 2.25 1.74
C LEU A 42 -8.10 1.97 1.19
N VAL A 43 -7.30 3.01 1.07
CA VAL A 43 -5.94 2.87 0.56
C VAL A 43 -4.97 2.46 1.66
N THR A 44 -3.87 1.84 1.28
CA THR A 44 -2.86 1.40 2.24
C THR A 44 -1.49 1.26 1.59
N LYS A 45 -0.52 2.01 2.08
CA LYS A 45 0.84 1.97 1.54
C LYS A 45 1.81 1.41 2.57
N MET A 46 2.79 0.65 2.10
CA MET A 46 3.79 0.06 2.99
C MET A 46 5.03 -0.35 2.20
N CYS A 47 5.93 -1.07 2.86
CA CYS A 47 7.17 -1.52 2.23
C CYS A 47 7.40 -3.00 2.49
N HIS A 48 8.22 -3.63 1.65
CA HIS A 48 8.53 -5.04 1.79
C HIS A 48 9.73 -5.43 0.93
N ILE A 49 10.18 -6.67 1.07
CA ILE A 49 11.32 -7.16 0.31
C ILE A 49 10.88 -7.79 -1.00
N GLY A 50 9.87 -7.19 -1.63
CA GLY A 50 9.38 -7.72 -2.89
C GLY A 50 7.96 -7.26 -3.18
N CYS A 51 7.02 -8.20 -3.10
CA CYS A 51 5.61 -7.88 -3.37
C CYS A 51 4.71 -9.01 -2.88
N PRO A 52 4.49 -9.06 -1.55
CA PRO A 52 3.64 -10.07 -0.92
C PRO A 52 2.16 -9.89 -1.26
N ASP A 53 1.31 -10.65 -0.59
CA ASP A 53 -0.13 -10.56 -0.81
C ASP A 53 -0.89 -10.51 0.51
N ILE A 54 -1.93 -9.69 0.56
CA ILE A 54 -2.74 -9.55 1.76
C ILE A 54 -4.23 -9.52 1.43
N PRO A 55 -4.79 -10.71 1.12
CA PRO A 55 -6.20 -10.85 0.78
C PRO A 55 -7.11 -10.63 1.98
N SER A 56 -6.52 -10.61 3.17
CA SER A 56 -7.28 -10.40 4.40
C SER A 56 -7.73 -8.96 4.53
N LEU A 57 -7.23 -8.11 3.64
CA LEU A 57 -7.58 -6.69 3.65
C LEU A 57 -8.91 -6.46 2.95
N GLY A 58 -9.53 -7.54 2.46
CA GLY A 58 -10.80 -7.42 1.77
C GLY A 58 -10.63 -7.12 0.30
N LEU A 59 -10.61 -8.16 -0.52
CA LEU A 59 -10.45 -8.00 -1.97
C LEU A 59 -11.73 -8.40 -2.70
N GLY A 60 -12.62 -9.09 -2.00
CA GLY A 60 -13.87 -9.51 -2.60
C GLY A 60 -13.69 -10.06 -4.00
N PRO A 61 -14.03 -9.23 -5.01
CA PRO A 61 -13.91 -9.61 -6.42
C PRO A 61 -12.46 -9.71 -6.87
N TYR A 62 -11.67 -8.69 -6.52
CA TYR A 62 -10.26 -8.67 -6.90
C TYR A 62 -9.48 -7.74 -5.99
N VAL A 63 -8.22 -8.10 -5.72
CA VAL A 63 -7.36 -7.30 -4.86
C VAL A 63 -6.52 -6.32 -5.68
N SER A 64 -6.35 -5.11 -5.17
CA SER A 64 -5.58 -4.08 -5.85
C SER A 64 -4.18 -3.97 -5.24
N ILE A 65 -3.18 -4.36 -6.01
CA ILE A 65 -1.79 -4.31 -5.56
C ILE A 65 -0.91 -3.57 -6.57
N ALA A 66 0.11 -2.88 -6.06
CA ALA A 66 1.02 -2.14 -6.93
C ALA A 66 2.47 -2.36 -6.49
N CYS A 67 3.18 -3.19 -7.24
CA CYS A 67 4.59 -3.49 -6.94
C CYS A 67 5.51 -2.70 -7.85
N CYS A 68 6.42 -1.94 -7.25
CA CYS A 68 7.37 -1.13 -8.00
C CYS A 68 8.67 -0.95 -7.23
N GLN A 69 9.79 -1.02 -7.94
CA GLN A 69 11.11 -0.87 -7.32
C GLN A 69 11.55 0.59 -7.33
N THR A 70 10.65 1.48 -6.94
CA THR A 70 10.95 2.91 -6.91
C THR A 70 10.52 3.54 -5.60
N SER A 71 11.38 4.38 -5.04
CA SER A 71 11.09 5.05 -3.78
C SER A 71 9.85 5.94 -3.90
N LEU A 72 8.95 5.81 -2.93
CA LEU A 72 7.72 6.59 -2.94
C LEU A 72 6.97 6.43 -4.25
N CYS A 73 7.02 5.22 -4.81
CA CYS A 73 6.33 4.93 -6.06
C CYS A 73 4.86 4.65 -5.84
N ASN A 74 4.34 5.12 -4.69
CA ASN A 74 2.94 4.91 -4.35
C ASN A 74 2.08 6.06 -4.88
N HIS A 75 2.72 7.19 -5.16
CA HIS A 75 2.02 8.36 -5.69
C HIS A 75 1.89 8.28 -7.20
N ASP A 76 1.29 9.31 -7.79
CA ASP A 76 1.10 9.36 -9.24
C ASP A 76 2.44 9.41 -9.96
N MET A 1 16.83 -0.75 0.13
CA MET A 1 16.50 0.25 1.14
C MET A 1 16.11 1.57 0.49
N ILE A 2 14.82 1.76 0.28
CA ILE A 2 14.31 2.99 -0.34
C ILE A 2 13.26 3.65 0.53
N TRP A 3 12.69 4.74 0.03
CA TRP A 3 11.65 5.47 0.76
C TRP A 3 10.29 5.30 0.09
N CYS A 4 9.28 5.01 0.90
CA CYS A 4 7.93 4.82 0.38
C CYS A 4 6.89 5.37 1.36
N HIS A 5 5.62 5.25 1.00
CA HIS A 5 4.53 5.73 1.84
C HIS A 5 4.07 4.64 2.80
N GLN A 6 3.86 5.01 4.06
CA GLN A 6 3.42 4.07 5.07
C GLN A 6 2.22 4.61 5.84
N CYS A 7 1.45 5.47 5.18
CA CYS A 7 0.27 6.07 5.80
C CYS A 7 -0.93 5.11 5.72
N THR A 8 -1.99 5.44 6.45
CA THR A 8 -3.20 4.61 6.45
C THR A 8 -3.99 4.80 5.17
N GLY A 9 -4.28 6.05 4.83
CA GLY A 9 -5.04 6.33 3.62
C GLY A 9 -6.09 7.40 3.83
N PHE A 10 -7.35 6.99 3.91
CA PHE A 10 -8.44 7.92 4.12
C PHE A 10 -8.51 8.95 2.98
N GLY A 11 -8.46 8.45 1.74
CA GLY A 11 -8.51 9.33 0.59
C GLY A 11 -7.19 9.38 -0.15
N GLY A 12 -6.12 8.95 0.50
CA GLY A 12 -4.81 8.94 -0.13
C GLY A 12 -3.77 9.67 0.71
N CYS A 13 -3.80 9.44 2.02
CA CYS A 13 -2.85 10.08 2.92
C CYS A 13 -1.42 9.83 2.47
N SER A 14 -0.57 10.84 2.64
CA SER A 14 0.83 10.75 2.23
C SER A 14 1.74 10.66 3.46
N HIS A 15 2.85 9.95 3.31
CA HIS A 15 3.80 9.79 4.41
C HIS A 15 5.05 9.03 3.94
N GLY A 16 5.88 9.71 3.16
CA GLY A 16 7.10 9.10 2.66
C GLY A 16 8.14 8.91 3.74
N SER A 17 8.26 7.68 4.24
CA SER A 17 9.22 7.36 5.29
C SER A 17 10.17 6.25 4.84
N ARG A 18 11.13 5.92 5.69
CA ARG A 18 12.10 4.88 5.39
C ARG A 18 11.48 3.49 5.53
N CYS A 19 11.84 2.59 4.63
CA CYS A 19 11.33 1.24 4.66
C CYS A 19 12.31 0.29 5.34
N LEU A 20 11.85 -0.93 5.63
CA LEU A 20 12.69 -1.92 6.30
C LEU A 20 13.83 -2.37 5.38
N ARG A 21 14.95 -2.72 5.99
CA ARG A 21 16.12 -3.17 5.23
C ARG A 21 15.73 -4.27 4.23
N ASP A 22 14.94 -5.22 4.70
CA ASP A 22 14.49 -6.32 3.86
C ASP A 22 13.61 -5.82 2.72
N SER A 23 12.74 -4.85 3.03
CA SER A 23 11.84 -4.29 2.04
C SER A 23 12.56 -3.27 1.16
N THR A 24 12.97 -3.70 -0.02
CA THR A 24 13.68 -2.83 -0.95
C THR A 24 12.77 -2.40 -2.10
N HIS A 25 11.46 -2.60 -1.92
CA HIS A 25 10.49 -2.23 -2.95
C HIS A 25 9.33 -1.46 -2.33
N CYS A 26 8.41 -1.03 -3.19
CA CYS A 26 7.25 -0.27 -2.73
C CYS A 26 5.95 -1.00 -3.08
N VAL A 27 4.98 -0.94 -2.18
CA VAL A 27 3.69 -1.59 -2.39
C VAL A 27 2.53 -0.63 -2.13
N THR A 28 1.45 -0.81 -2.86
CA THR A 28 0.28 0.04 -2.72
C THR A 28 -1.01 -0.78 -2.71
N THR A 29 -1.96 -0.39 -1.89
CA THR A 29 -3.24 -1.09 -1.79
C THR A 29 -4.41 -0.11 -1.78
N ALA A 30 -5.28 -0.22 -2.79
CA ALA A 30 -6.44 0.64 -2.89
C ALA A 30 -7.74 -0.16 -2.81
N THR A 31 -8.73 0.41 -2.14
CA THR A 31 -10.03 -0.25 -1.99
C THR A 31 -11.17 0.67 -2.42
N ARG A 32 -11.93 0.23 -3.41
CA ARG A 32 -13.05 1.02 -3.92
C ARG A 32 -14.25 0.90 -2.98
N VAL A 33 -14.14 0.04 -1.98
CA VAL A 33 -15.22 -0.16 -1.02
C VAL A 33 -16.45 -0.76 -1.69
N LEU A 34 -16.25 -1.84 -2.44
CA LEU A 34 -17.34 -2.50 -3.14
C LEU A 34 -18.30 -3.16 -2.14
N SER A 35 -17.79 -3.46 -0.95
CA SER A 35 -18.60 -4.08 0.08
C SER A 35 -19.46 -3.05 0.82
N ASN A 36 -19.24 -1.78 0.50
CA ASN A 36 -19.98 -0.69 1.12
C ASN A 36 -19.72 -0.65 2.63
N THR A 37 -18.63 -1.27 3.05
CA THR A 37 -18.27 -1.31 4.46
C THR A 37 -17.63 0.00 4.90
N GLU A 38 -17.48 0.93 3.95
CA GLU A 38 -16.87 2.22 4.24
C GLU A 38 -17.57 3.33 3.45
N ASP A 39 -17.31 4.57 3.84
CA ASP A 39 -17.91 5.72 3.17
C ASP A 39 -16.94 6.30 2.14
N LEU A 40 -15.69 5.89 2.22
CA LEU A 40 -14.67 6.37 1.28
C LEU A 40 -13.68 5.25 0.95
N PRO A 41 -12.95 5.42 -0.18
CA PRO A 41 -11.97 4.45 -0.63
C PRO A 41 -10.73 4.41 0.27
N LEU A 42 -10.31 3.22 0.65
CA LEU A 42 -9.15 3.05 1.51
C LEU A 42 -7.87 2.93 0.68
N VAL A 43 -6.81 3.56 1.16
CA VAL A 43 -5.52 3.52 0.45
C VAL A 43 -4.37 3.35 1.44
N THR A 44 -3.97 2.10 1.68
CA THR A 44 -2.89 1.80 2.60
C THR A 44 -1.58 1.61 1.85
N LYS A 45 -0.55 2.34 2.25
CA LYS A 45 0.76 2.26 1.62
C LYS A 45 1.77 1.58 2.55
N MET A 46 2.75 0.91 1.97
CA MET A 46 3.79 0.22 2.73
C MET A 46 4.96 -0.16 1.86
N CYS A 47 5.80 -1.05 2.36
CA CYS A 47 6.97 -1.51 1.61
C CYS A 47 7.10 -3.03 1.68
N HIS A 48 7.96 -3.59 0.83
CA HIS A 48 8.18 -5.03 0.80
C HIS A 48 9.43 -5.37 -0.01
N ILE A 49 9.78 -6.65 -0.03
CA ILE A 49 10.96 -7.11 -0.75
C ILE A 49 10.64 -7.32 -2.24
N GLY A 50 9.56 -6.70 -2.70
CA GLY A 50 9.17 -6.83 -4.09
C GLY A 50 7.90 -7.65 -4.26
N CYS A 51 6.78 -6.95 -4.45
CA CYS A 51 5.49 -7.62 -4.62
C CYS A 51 5.26 -8.67 -3.54
N PRO A 52 4.53 -8.28 -2.49
CA PRO A 52 4.23 -9.17 -1.36
C PRO A 52 3.26 -10.28 -1.75
N ASP A 53 3.35 -11.41 -1.05
CA ASP A 53 2.48 -12.55 -1.32
C ASP A 53 1.38 -12.65 -0.26
N ILE A 54 1.22 -11.60 0.52
CA ILE A 54 0.21 -11.57 1.57
C ILE A 54 -0.89 -10.56 1.25
N PRO A 55 -1.75 -10.91 0.27
CA PRO A 55 -2.86 -10.05 -0.16
C PRO A 55 -3.95 -9.95 0.90
N SER A 56 -3.86 -10.79 1.92
CA SER A 56 -4.84 -10.79 3.00
C SER A 56 -4.74 -9.52 3.84
N LEU A 57 -3.66 -8.78 3.64
CA LEU A 57 -3.44 -7.54 4.37
C LEU A 57 -4.42 -6.46 3.91
N GLY A 58 -5.13 -6.73 2.82
CA GLY A 58 -6.09 -5.77 2.31
C GLY A 58 -7.24 -5.53 3.27
N LEU A 59 -8.43 -6.00 2.89
CA LEU A 59 -9.61 -5.83 3.72
C LEU A 59 -10.05 -7.16 4.31
N GLY A 60 -9.86 -8.24 3.56
CA GLY A 60 -10.24 -9.56 4.02
C GLY A 60 -9.89 -10.65 3.03
N PRO A 61 -10.76 -10.86 2.03
CA PRO A 61 -10.56 -11.88 1.01
C PRO A 61 -9.42 -11.53 0.06
N TYR A 62 -9.45 -10.30 -0.46
CA TYR A 62 -8.42 -9.85 -1.38
C TYR A 62 -8.43 -8.32 -1.49
N VAL A 63 -7.53 -7.79 -2.32
CA VAL A 63 -7.44 -6.35 -2.51
C VAL A 63 -6.52 -6.01 -3.67
N SER A 64 -6.72 -4.84 -4.27
CA SER A 64 -5.91 -4.40 -5.40
C SER A 64 -4.53 -3.96 -4.93
N ILE A 65 -3.53 -4.81 -5.16
CA ILE A 65 -2.16 -4.50 -4.76
C ILE A 65 -1.34 -4.02 -5.96
N ALA A 66 -0.38 -3.14 -5.69
CA ALA A 66 0.48 -2.60 -6.74
C ALA A 66 1.96 -2.85 -6.42
N CYS A 67 2.60 -3.68 -7.23
CA CYS A 67 4.01 -4.00 -7.04
C CYS A 67 4.88 -3.18 -7.97
N CYS A 68 5.61 -2.22 -7.41
CA CYS A 68 6.49 -1.36 -8.19
C CYS A 68 7.81 -1.12 -7.46
N GLN A 69 8.91 -1.22 -8.19
CA GLN A 69 10.24 -1.02 -7.62
C GLN A 69 10.66 0.44 -7.73
N THR A 70 9.76 1.35 -7.36
CA THR A 70 10.03 2.78 -7.42
C THR A 70 9.78 3.44 -6.08
N SER A 71 10.70 4.29 -5.64
CA SER A 71 10.57 4.99 -4.37
C SER A 71 9.28 5.80 -4.33
N LEU A 72 8.51 5.62 -3.26
CA LEU A 72 7.25 6.33 -3.10
C LEU A 72 6.37 6.19 -4.34
N CYS A 73 6.30 4.98 -4.86
CA CYS A 73 5.50 4.71 -6.05
C CYS A 73 4.04 4.49 -5.69
N ASN A 74 3.64 4.98 -4.51
CA ASN A 74 2.27 4.84 -4.04
C ASN A 74 1.57 6.19 -3.99
N HIS A 75 2.29 7.24 -4.37
CA HIS A 75 1.73 8.59 -4.39
C HIS A 75 0.79 8.78 -5.55
N ASP A 76 0.31 10.01 -5.73
CA ASP A 76 -0.62 10.33 -6.82
C ASP A 76 0.10 10.26 -8.16
N MET A 1 17.74 0.64 1.16
CA MET A 1 17.16 1.64 2.04
C MET A 1 16.65 2.84 1.25
N ILE A 2 15.43 2.73 0.73
CA ILE A 2 14.82 3.79 -0.06
C ILE A 2 13.61 4.36 0.65
N TRP A 3 13.13 5.52 0.17
CA TRP A 3 11.98 6.17 0.75
C TRP A 3 10.70 5.82 -0.01
N CYS A 4 9.63 5.55 0.73
CA CYS A 4 8.35 5.19 0.12
C CYS A 4 7.19 5.72 0.95
N HIS A 5 5.97 5.40 0.52
CA HIS A 5 4.78 5.84 1.22
C HIS A 5 4.26 4.75 2.15
N GLN A 6 4.22 5.06 3.45
CA GLN A 6 3.74 4.10 4.44
C GLN A 6 2.45 4.57 5.08
N CYS A 7 1.53 5.07 4.25
CA CYS A 7 0.25 5.55 4.73
C CYS A 7 -0.73 4.40 4.96
N THR A 8 -1.74 4.64 5.78
CA THR A 8 -2.73 3.62 6.08
C THR A 8 -3.71 3.44 4.93
N GLY A 9 -4.38 4.52 4.56
CA GLY A 9 -5.34 4.46 3.46
C GLY A 9 -6.61 5.21 3.77
N PHE A 10 -6.67 6.47 3.36
CA PHE A 10 -7.83 7.31 3.59
C PHE A 10 -7.96 8.39 2.53
N GLY A 11 -8.49 8.01 1.37
CA GLY A 11 -8.65 8.97 0.28
C GLY A 11 -7.38 9.17 -0.51
N GLY A 12 -6.52 8.15 -0.52
CA GLY A 12 -5.27 8.24 -1.24
C GLY A 12 -4.26 9.13 -0.55
N CYS A 13 -4.20 9.04 0.78
CA CYS A 13 -3.28 9.84 1.56
C CYS A 13 -1.83 9.61 1.11
N SER A 14 -0.90 10.25 1.79
CA SER A 14 0.52 10.11 1.47
C SER A 14 1.38 10.21 2.72
N HIS A 15 2.60 9.70 2.64
CA HIS A 15 3.52 9.73 3.77
C HIS A 15 4.89 9.18 3.37
N GLY A 16 5.68 10.00 2.70
CA GLY A 16 7.00 9.57 2.27
C GLY A 16 7.97 9.46 3.41
N SER A 17 8.26 8.22 3.82
CA SER A 17 9.17 7.97 4.94
C SER A 17 10.22 6.93 4.55
N ARG A 18 11.17 6.69 5.44
CA ARG A 18 12.23 5.72 5.20
C ARG A 18 11.71 4.30 5.41
N CYS A 19 12.23 3.38 4.61
CA CYS A 19 11.83 1.98 4.70
C CYS A 19 12.79 1.19 5.59
N LEU A 20 12.49 -0.09 5.80
CA LEU A 20 13.32 -0.95 6.63
C LEU A 20 14.61 -1.31 5.90
N ARG A 21 15.70 -1.39 6.64
CA ARG A 21 17.00 -1.72 6.08
C ARG A 21 16.90 -2.97 5.19
N ASP A 22 16.00 -3.88 5.56
CA ASP A 22 15.80 -5.11 4.80
C ASP A 22 14.94 -4.86 3.57
N SER A 23 13.89 -4.07 3.74
CA SER A 23 12.98 -3.75 2.65
C SER A 23 13.57 -2.65 1.76
N THR A 24 13.78 -2.99 0.48
CA THR A 24 14.34 -2.03 -0.46
C THR A 24 13.34 -1.73 -1.59
N HIS A 25 12.07 -2.02 -1.34
CA HIS A 25 11.02 -1.78 -2.32
C HIS A 25 9.75 -1.25 -1.66
N CYS A 26 8.74 -0.96 -2.46
CA CYS A 26 7.48 -0.45 -1.95
C CYS A 26 6.30 -1.26 -2.49
N VAL A 27 5.26 -1.42 -1.66
CA VAL A 27 4.09 -2.17 -2.05
C VAL A 27 2.82 -1.32 -1.93
N THR A 28 2.10 -1.16 -3.03
CA THR A 28 0.87 -0.38 -3.04
C THR A 28 -0.35 -1.28 -3.22
N THR A 29 -1.26 -1.23 -2.26
CA THR A 29 -2.48 -2.04 -2.32
C THR A 29 -3.71 -1.18 -2.08
N ALA A 30 -4.70 -1.30 -2.97
CA ALA A 30 -5.93 -0.54 -2.85
C ALA A 30 -7.09 -1.43 -2.40
N THR A 31 -7.77 -1.00 -1.34
CA THR A 31 -8.89 -1.76 -0.80
C THR A 31 -10.13 -0.88 -0.66
N ARG A 32 -11.27 -1.52 -0.37
CA ARG A 32 -12.52 -0.80 -0.22
C ARG A 32 -13.28 -1.27 1.02
N VAL A 33 -14.49 -0.76 1.21
CA VAL A 33 -15.31 -1.13 2.35
C VAL A 33 -16.79 -1.02 2.02
N LEU A 34 -17.43 -2.17 1.85
CA LEU A 34 -18.86 -2.20 1.53
C LEU A 34 -19.70 -1.70 2.70
N SER A 35 -19.05 -1.57 3.86
CA SER A 35 -19.74 -1.10 5.06
C SER A 35 -20.35 0.29 4.83
N ASN A 36 -21.49 0.54 5.46
CA ASN A 36 -22.17 1.83 5.33
C ASN A 36 -21.28 2.97 5.83
N THR A 37 -20.84 2.85 7.08
CA THR A 37 -19.99 3.87 7.68
C THR A 37 -18.65 3.96 6.95
N GLU A 38 -18.33 5.17 6.46
CA GLU A 38 -17.09 5.39 5.75
C GLU A 38 -16.90 4.36 4.65
N ASP A 39 -17.51 4.60 3.49
CA ASP A 39 -17.40 3.67 2.36
C ASP A 39 -16.19 4.03 1.50
N LEU A 40 -15.40 4.99 1.95
CA LEU A 40 -14.22 5.42 1.22
C LEU A 40 -13.21 4.28 1.11
N PRO A 41 -12.33 4.36 0.09
CA PRO A 41 -11.29 3.35 -0.15
C PRO A 41 -10.20 3.37 0.92
N LEU A 42 -9.33 2.38 0.89
CA LEU A 42 -8.24 2.28 1.85
C LEU A 42 -6.92 1.97 1.15
N VAL A 43 -6.11 3.00 0.93
CA VAL A 43 -4.83 2.83 0.27
C VAL A 43 -3.75 2.42 1.26
N THR A 44 -3.44 1.13 1.30
CA THR A 44 -2.43 0.59 2.20
C THR A 44 -1.08 0.47 1.50
N LYS A 45 -0.17 1.39 1.81
CA LYS A 45 1.16 1.38 1.22
C LYS A 45 2.22 1.06 2.27
N MET A 46 3.28 0.37 1.84
CA MET A 46 4.35 0.00 2.75
C MET A 46 5.60 -0.40 1.96
N CYS A 47 6.56 -1.00 2.66
CA CYS A 47 7.81 -1.43 2.03
C CYS A 47 8.03 -2.92 2.24
N HIS A 48 8.77 -3.55 1.32
CA HIS A 48 9.06 -4.97 1.40
C HIS A 48 10.28 -5.32 0.56
N ILE A 49 10.77 -6.55 0.73
CA ILE A 49 11.92 -7.02 -0.02
C ILE A 49 11.51 -7.69 -1.33
N GLY A 50 10.55 -7.07 -2.02
CA GLY A 50 10.09 -7.61 -3.29
C GLY A 50 8.65 -7.23 -3.59
N CYS A 51 7.77 -8.23 -3.60
CA CYS A 51 6.36 -7.99 -3.88
C CYS A 51 5.50 -9.12 -3.32
N PRO A 52 5.15 -9.00 -2.03
CA PRO A 52 4.33 -10.00 -1.34
C PRO A 52 2.88 -9.99 -1.84
N ASP A 53 2.26 -11.17 -1.83
CA ASP A 53 0.88 -11.30 -2.29
C ASP A 53 -0.10 -10.89 -1.18
N ILE A 54 0.02 -11.53 -0.02
CA ILE A 54 -0.84 -11.23 1.11
C ILE A 54 -2.31 -11.20 0.69
N PRO A 55 -2.89 -12.40 0.54
CA PRO A 55 -4.30 -12.55 0.14
C PRO A 55 -5.27 -12.10 1.23
N SER A 56 -4.72 -11.80 2.41
CA SER A 56 -5.53 -11.36 3.55
C SER A 56 -6.11 -9.98 3.29
N LEU A 57 -5.38 -9.16 2.54
CA LEU A 57 -5.82 -7.81 2.23
C LEU A 57 -6.49 -7.76 0.86
N GLY A 58 -6.70 -8.93 0.27
CA GLY A 58 -7.34 -9.00 -1.04
C GLY A 58 -7.43 -10.42 -1.56
N LEU A 59 -8.65 -10.89 -1.79
CA LEU A 59 -8.86 -12.25 -2.29
C LEU A 59 -9.56 -12.21 -3.64
N GLY A 60 -10.29 -11.13 -3.91
CA GLY A 60 -10.99 -11.00 -5.16
C GLY A 60 -10.58 -9.75 -5.93
N PRO A 61 -11.39 -9.38 -6.93
CA PRO A 61 -11.13 -8.20 -7.76
C PRO A 61 -11.32 -6.90 -6.99
N TYR A 62 -11.82 -7.01 -5.77
CA TYR A 62 -12.05 -5.84 -4.94
C TYR A 62 -10.74 -5.29 -4.38
N VAL A 63 -9.65 -5.99 -4.66
CA VAL A 63 -8.33 -5.57 -4.20
C VAL A 63 -7.28 -5.80 -5.28
N SER A 64 -6.44 -4.79 -5.50
CA SER A 64 -5.38 -4.88 -6.50
C SER A 64 -4.02 -4.58 -5.88
N ILE A 65 -3.04 -5.43 -6.20
CA ILE A 65 -1.69 -5.25 -5.67
C ILE A 65 -0.76 -4.67 -6.74
N ALA A 66 -0.03 -3.62 -6.37
CA ALA A 66 0.90 -2.99 -7.29
C ALA A 66 2.26 -2.74 -6.62
N CYS A 67 3.23 -3.58 -6.96
CA CYS A 67 4.57 -3.45 -6.39
C CYS A 67 5.52 -2.78 -7.38
N CYS A 68 6.63 -2.27 -6.87
CA CYS A 68 7.62 -1.60 -7.71
C CYS A 68 8.91 -1.34 -6.93
N GLN A 69 10.04 -1.48 -7.61
CA GLN A 69 11.34 -1.26 -6.98
C GLN A 69 11.77 0.20 -7.11
N THR A 70 10.80 1.11 -7.03
CA THR A 70 11.07 2.53 -7.14
C THR A 70 10.66 3.27 -5.87
N SER A 71 11.49 4.23 -5.45
CA SER A 71 11.20 5.01 -4.24
C SER A 71 9.89 5.77 -4.39
N LEU A 72 9.06 5.72 -3.35
CA LEU A 72 7.79 6.41 -3.36
C LEU A 72 6.99 6.09 -4.62
N CYS A 73 7.12 4.84 -5.09
CA CYS A 73 6.42 4.41 -6.30
C CYS A 73 4.97 4.06 -5.98
N ASN A 74 4.46 4.60 -4.88
CA ASN A 74 3.08 4.33 -4.47
C ASN A 74 2.14 5.37 -5.07
N HIS A 75 2.68 6.51 -5.45
CA HIS A 75 1.89 7.58 -6.04
C HIS A 75 2.66 8.31 -7.13
N ASP A 76 1.95 8.82 -8.12
CA ASP A 76 2.57 9.53 -9.23
C ASP A 76 3.13 10.88 -8.77
N MET A 1 16.17 -0.23 1.49
CA MET A 1 16.21 0.81 2.49
C MET A 1 15.96 2.18 1.86
N ILE A 2 14.95 2.25 0.99
CA ILE A 2 14.60 3.50 0.33
C ILE A 2 13.42 4.18 1.01
N TRP A 3 13.04 5.35 0.50
CA TRP A 3 11.93 6.09 1.06
C TRP A 3 10.66 5.87 0.24
N CYS A 4 9.55 5.62 0.93
CA CYS A 4 8.27 5.39 0.26
C CYS A 4 7.12 5.93 1.11
N HIS A 5 5.90 5.61 0.69
CA HIS A 5 4.71 6.05 1.42
C HIS A 5 4.22 4.98 2.37
N GLN A 6 4.06 5.35 3.64
CA GLN A 6 3.59 4.42 4.66
C GLN A 6 2.33 4.94 5.34
N CYS A 7 1.45 5.53 4.55
CA CYS A 7 0.19 6.06 5.07
C CYS A 7 -0.85 4.97 5.21
N THR A 8 -1.50 4.91 6.37
CA THR A 8 -2.53 3.91 6.63
C THR A 8 -3.92 4.52 6.58
N GLY A 9 -3.99 5.78 6.16
CA GLY A 9 -5.27 6.46 6.07
C GLY A 9 -6.17 5.87 4.99
N PHE A 10 -6.87 6.74 4.27
CA PHE A 10 -7.77 6.31 3.21
C PHE A 10 -7.77 7.31 2.05
N GLY A 11 -8.68 7.09 1.10
CA GLY A 11 -8.77 7.98 -0.05
C GLY A 11 -7.42 8.23 -0.69
N GLY A 12 -6.53 7.26 -0.60
CA GLY A 12 -5.21 7.41 -1.19
C GLY A 12 -4.24 8.12 -0.27
N CYS A 13 -4.49 8.03 1.03
CA CYS A 13 -3.64 8.66 2.02
C CYS A 13 -2.16 8.41 1.72
N SER A 14 -1.34 9.43 1.90
CA SER A 14 0.10 9.31 1.64
C SER A 14 0.90 9.93 2.78
N HIS A 15 2.17 9.54 2.87
CA HIS A 15 3.04 10.06 3.91
C HIS A 15 4.48 9.55 3.71
N GLY A 16 5.30 10.37 3.06
CA GLY A 16 6.67 9.99 2.81
C GLY A 16 7.41 9.61 4.09
N SER A 17 7.73 8.33 4.22
CA SER A 17 8.43 7.84 5.40
C SER A 17 9.47 6.79 5.02
N ARG A 18 10.63 6.85 5.68
CA ARG A 18 11.70 5.90 5.41
C ARG A 18 11.22 4.46 5.60
N CYS A 19 11.84 3.54 4.86
CA CYS A 19 11.48 2.13 4.95
C CYS A 19 12.53 1.34 5.73
N LEU A 20 12.13 0.18 6.23
CA LEU A 20 13.03 -0.67 7.00
C LEU A 20 14.27 -1.04 6.18
N ARG A 21 15.40 -1.17 6.86
CA ARG A 21 16.65 -1.52 6.20
C ARG A 21 16.47 -2.73 5.29
N ASP A 22 15.56 -3.63 5.69
CA ASP A 22 15.29 -4.83 4.91
C ASP A 22 14.46 -4.50 3.68
N SER A 23 13.44 -3.67 3.86
CA SER A 23 12.56 -3.29 2.77
C SER A 23 13.28 -2.34 1.81
N THR A 24 13.39 -2.75 0.55
CA THR A 24 14.05 -1.95 -0.46
C THR A 24 13.07 -1.52 -1.56
N HIS A 25 11.82 -1.98 -1.44
CA HIS A 25 10.79 -1.65 -2.42
C HIS A 25 9.52 -1.17 -1.73
N CYS A 26 8.62 -0.59 -2.51
CA CYS A 26 7.36 -0.08 -1.97
C CYS A 26 6.18 -0.94 -2.43
N VAL A 27 5.16 -1.01 -1.60
CA VAL A 27 3.96 -1.80 -1.91
C VAL A 27 2.70 -0.98 -1.71
N THR A 28 1.84 -0.96 -2.73
CA THR A 28 0.60 -0.21 -2.68
C THR A 28 -0.61 -1.15 -2.70
N THR A 29 -1.38 -1.15 -1.62
CA THR A 29 -2.56 -2.01 -1.53
C THR A 29 -3.84 -1.19 -1.45
N ALA A 30 -4.89 -1.66 -2.10
CA ALA A 30 -6.17 -0.96 -2.10
C ALA A 30 -7.33 -1.95 -1.93
N THR A 31 -8.02 -1.85 -0.79
CA THR A 31 -9.15 -2.72 -0.50
C THR A 31 -10.41 -1.92 -0.26
N ARG A 32 -11.53 -2.42 -0.80
CA ARG A 32 -12.81 -1.74 -0.63
C ARG A 32 -13.32 -1.87 0.80
N VAL A 33 -14.22 -0.98 1.19
CA VAL A 33 -14.78 -1.00 2.53
C VAL A 33 -16.29 -1.26 2.49
N LEU A 34 -16.66 -2.53 2.64
CA LEU A 34 -18.07 -2.92 2.61
C LEU A 34 -18.82 -2.32 3.80
N SER A 35 -18.07 -1.93 4.83
CA SER A 35 -18.66 -1.34 6.02
C SER A 35 -19.33 -0.01 5.69
N ASN A 36 -19.00 0.53 4.53
CA ASN A 36 -19.57 1.81 4.10
C ASN A 36 -19.33 2.90 5.15
N THR A 37 -18.32 2.70 5.98
CA THR A 37 -17.98 3.65 7.02
C THR A 37 -17.46 4.96 6.42
N GLU A 38 -17.01 4.89 5.17
CA GLU A 38 -16.50 6.07 4.49
C GLU A 38 -16.92 6.07 3.02
N ASP A 39 -16.40 7.04 2.27
CA ASP A 39 -16.72 7.15 0.85
C ASP A 39 -15.66 6.47 -0.01
N LEU A 40 -14.41 6.85 0.21
CA LEU A 40 -13.29 6.27 -0.56
C LEU A 40 -12.86 4.95 0.06
N PRO A 41 -12.25 4.08 -0.77
CA PRO A 41 -11.77 2.77 -0.33
C PRO A 41 -10.55 2.88 0.59
N LEU A 42 -10.20 1.77 1.23
CA LEU A 42 -9.06 1.74 2.14
C LEU A 42 -7.76 1.52 1.37
N VAL A 43 -6.82 2.45 1.53
CA VAL A 43 -5.53 2.35 0.85
C VAL A 43 -4.39 2.32 1.86
N THR A 44 -3.65 1.21 1.88
CA THR A 44 -2.53 1.04 2.80
C THR A 44 -1.23 0.81 2.04
N LYS A 45 -0.28 1.72 2.20
CA LYS A 45 1.01 1.61 1.53
C LYS A 45 2.11 1.28 2.53
N MET A 46 3.12 0.56 2.07
CA MET A 46 4.25 0.17 2.92
C MET A 46 5.47 -0.16 2.09
N CYS A 47 6.44 -0.84 2.71
CA CYS A 47 7.66 -1.24 2.02
C CYS A 47 8.01 -2.69 2.33
N HIS A 48 8.63 -3.36 1.36
CA HIS A 48 9.01 -4.76 1.52
C HIS A 48 9.99 -5.18 0.43
N ILE A 49 10.54 -6.38 0.57
CA ILE A 49 11.49 -6.90 -0.40
C ILE A 49 10.77 -7.65 -1.52
N GLY A 50 9.91 -6.94 -2.25
CA GLY A 50 9.18 -7.56 -3.34
C GLY A 50 7.69 -7.51 -3.13
N CYS A 51 6.93 -7.98 -4.12
CA CYS A 51 5.47 -8.00 -4.04
C CYS A 51 4.95 -9.42 -3.87
N PRO A 52 4.95 -9.91 -2.62
CA PRO A 52 4.47 -11.25 -2.30
C PRO A 52 2.97 -11.39 -2.46
N ASP A 53 2.48 -12.63 -2.38
CA ASP A 53 1.05 -12.90 -2.50
C ASP A 53 0.33 -12.69 -1.18
N ILE A 54 -0.58 -11.72 -1.14
CA ILE A 54 -1.33 -11.42 0.07
C ILE A 54 -2.82 -11.49 -0.19
N PRO A 55 -3.35 -12.71 -0.33
CA PRO A 55 -4.78 -12.93 -0.59
C PRO A 55 -5.64 -12.59 0.62
N SER A 56 -5.00 -12.41 1.77
CA SER A 56 -5.71 -12.09 3.00
C SER A 56 -6.29 -10.69 2.94
N LEU A 57 -5.66 -9.81 2.16
CA LEU A 57 -6.11 -8.44 2.01
C LEU A 57 -6.97 -8.28 0.75
N GLY A 58 -7.13 -9.37 0.02
CA GLY A 58 -7.92 -9.34 -1.19
C GLY A 58 -8.00 -10.69 -1.88
N LEU A 59 -9.20 -11.20 -2.05
CA LEU A 59 -9.41 -12.50 -2.70
C LEU A 59 -10.21 -12.34 -3.99
N GLY A 60 -10.64 -11.11 -4.27
CA GLY A 60 -11.41 -10.85 -5.47
C GLY A 60 -10.99 -9.57 -6.17
N PRO A 61 -11.75 -9.17 -7.19
CA PRO A 61 -11.47 -7.95 -7.95
C PRO A 61 -11.71 -6.68 -7.14
N TYR A 62 -12.21 -6.85 -5.92
CA TYR A 62 -12.49 -5.72 -5.05
C TYR A 62 -11.23 -5.24 -4.36
N VAL A 63 -10.09 -5.85 -4.70
CA VAL A 63 -8.81 -5.48 -4.13
C VAL A 63 -7.71 -5.50 -5.18
N SER A 64 -6.95 -4.42 -5.26
CA SER A 64 -5.86 -4.32 -6.22
C SER A 64 -4.52 -4.12 -5.52
N ILE A 65 -3.44 -4.54 -6.17
CA ILE A 65 -2.10 -4.41 -5.60
C ILE A 65 -1.10 -3.97 -6.66
N ALA A 66 -0.32 -2.95 -6.32
CA ALA A 66 0.69 -2.43 -7.25
C ALA A 66 2.00 -2.14 -6.53
N CYS A 67 3.04 -2.90 -6.87
CA CYS A 67 4.35 -2.73 -6.26
C CYS A 67 5.38 -2.27 -7.29
N CYS A 68 6.52 -1.78 -6.80
CA CYS A 68 7.58 -1.31 -7.68
C CYS A 68 8.87 -1.09 -6.89
N GLN A 69 10.00 -1.24 -7.58
CA GLN A 69 11.30 -1.07 -6.95
C GLN A 69 11.78 0.38 -7.07
N THR A 70 10.84 1.32 -6.96
CA THR A 70 11.16 2.73 -7.05
C THR A 70 10.75 3.48 -5.78
N SER A 71 11.63 4.37 -5.31
CA SER A 71 11.36 5.13 -4.11
C SER A 71 10.09 5.97 -4.26
N LEU A 72 9.25 5.94 -3.24
CA LEU A 72 8.00 6.69 -3.26
C LEU A 72 7.24 6.46 -4.57
N CYS A 73 7.28 5.23 -5.06
CA CYS A 73 6.61 4.88 -6.30
C CYS A 73 5.13 4.60 -6.05
N ASN A 74 4.61 5.13 -4.95
CA ASN A 74 3.21 4.95 -4.60
C ASN A 74 2.40 6.21 -4.89
N HIS A 75 3.06 7.21 -5.45
CA HIS A 75 2.41 8.47 -5.79
C HIS A 75 1.32 8.26 -6.84
N ASP A 76 0.16 8.86 -6.61
CA ASP A 76 -0.96 8.74 -7.52
C ASP A 76 -1.78 10.01 -7.55
N MET A 1 17.20 -0.03 1.90
CA MET A 1 16.00 0.65 2.36
C MET A 1 15.84 1.99 1.66
N ILE A 2 14.59 2.36 1.37
CA ILE A 2 14.30 3.62 0.70
C ILE A 2 13.07 4.29 1.30
N TRP A 3 12.76 5.48 0.81
CA TRP A 3 11.61 6.23 1.30
C TRP A 3 10.38 5.97 0.44
N CYS A 4 9.23 5.80 1.09
CA CYS A 4 7.98 5.55 0.39
C CYS A 4 6.80 6.18 1.12
N HIS A 5 5.66 6.23 0.45
CA HIS A 5 4.46 6.81 1.04
C HIS A 5 3.62 5.74 1.73
N GLN A 6 3.83 5.60 3.04
CA GLN A 6 3.10 4.61 3.83
C GLN A 6 1.79 5.18 4.34
N CYS A 7 0.82 5.32 3.44
CA CYS A 7 -0.49 5.86 3.80
C CYS A 7 -1.31 4.82 4.55
N THR A 8 -2.23 5.30 5.39
CA THR A 8 -3.09 4.41 6.17
C THR A 8 -4.15 3.77 5.29
N GLY A 9 -5.04 4.60 4.75
CA GLY A 9 -6.10 4.09 3.90
C GLY A 9 -7.16 5.13 3.60
N PHE A 10 -6.79 6.14 2.82
CA PHE A 10 -7.71 7.21 2.47
C PHE A 10 -7.31 7.84 1.13
N GLY A 11 -8.04 7.47 0.07
CA GLY A 11 -7.74 8.00 -1.24
C GLY A 11 -6.29 7.88 -1.62
N GLY A 12 -5.65 6.81 -1.15
CA GLY A 12 -4.24 6.59 -1.45
C GLY A 12 -3.39 7.81 -1.14
N CYS A 13 -3.64 8.41 0.02
CA CYS A 13 -2.88 9.60 0.42
C CYS A 13 -1.39 9.32 0.44
N SER A 14 -0.60 10.32 0.83
CA SER A 14 0.85 10.17 0.88
C SER A 14 1.35 10.28 2.32
N HIS A 15 2.57 9.80 2.54
CA HIS A 15 3.18 9.83 3.87
C HIS A 15 4.63 9.34 3.82
N GLY A 16 5.55 10.26 3.55
CA GLY A 16 6.95 9.91 3.48
C GLY A 16 7.43 9.21 4.74
N SER A 17 7.54 7.89 4.68
CA SER A 17 7.98 7.11 5.83
C SER A 17 9.16 6.21 5.44
N ARG A 18 10.05 5.97 6.40
CA ARG A 18 11.21 5.13 6.17
C ARG A 18 10.82 3.66 6.07
N CYS A 19 11.19 3.01 4.98
CA CYS A 19 10.87 1.60 4.78
C CYS A 19 11.76 0.71 5.63
N LEU A 20 11.40 -0.56 5.73
CA LEU A 20 12.16 -1.52 6.52
C LEU A 20 13.59 -1.64 5.99
N ARG A 21 14.54 -1.78 6.90
CA ARG A 21 15.95 -1.90 6.54
C ARG A 21 16.14 -2.97 5.47
N ASP A 22 15.33 -4.03 5.55
CA ASP A 22 15.41 -5.13 4.59
C ASP A 22 14.59 -4.82 3.35
N SER A 23 13.48 -4.10 3.54
CA SER A 23 12.60 -3.75 2.43
C SER A 23 13.17 -2.58 1.64
N THR A 24 13.36 -2.79 0.33
CA THR A 24 13.91 -1.76 -0.53
C THR A 24 12.92 -1.41 -1.65
N HIS A 25 11.66 -1.79 -1.46
CA HIS A 25 10.62 -1.52 -2.45
C HIS A 25 9.31 -1.12 -1.77
N CYS A 26 8.45 -0.44 -2.51
CA CYS A 26 7.17 0.00 -1.98
C CYS A 26 6.03 -0.80 -2.59
N VAL A 27 4.93 -0.94 -1.83
CA VAL A 27 3.77 -1.67 -2.29
C VAL A 27 2.48 -0.92 -1.99
N THR A 28 1.43 -1.23 -2.73
CA THR A 28 0.14 -0.59 -2.55
C THR A 28 -1.00 -1.60 -2.57
N THR A 29 -1.98 -1.42 -1.69
CA THR A 29 -3.11 -2.33 -1.61
C THR A 29 -4.43 -1.55 -1.56
N ALA A 30 -5.16 -1.56 -2.67
CA ALA A 30 -6.43 -0.87 -2.76
C ALA A 30 -7.60 -1.83 -2.57
N THR A 31 -8.33 -1.66 -1.48
CA THR A 31 -9.47 -2.52 -1.18
C THR A 31 -10.63 -1.71 -0.58
N ARG A 32 -11.73 -2.39 -0.30
CA ARG A 32 -12.90 -1.74 0.28
C ARG A 32 -13.31 -2.40 1.59
N VAL A 33 -14.39 -1.91 2.18
CA VAL A 33 -14.88 -2.46 3.45
C VAL A 33 -16.30 -1.97 3.74
N LEU A 34 -17.21 -2.91 3.88
CA LEU A 34 -18.61 -2.59 4.17
C LEU A 34 -18.89 -2.68 5.66
N SER A 35 -19.91 -1.94 6.10
CA SER A 35 -20.29 -1.93 7.51
C SER A 35 -19.28 -1.14 8.35
N ASN A 36 -18.29 -0.57 7.67
CA ASN A 36 -17.26 0.22 8.34
C ASN A 36 -17.61 1.70 8.32
N THR A 37 -18.89 2.00 8.07
CA THR A 37 -19.36 3.38 8.03
C THR A 37 -18.31 4.29 7.41
N GLU A 38 -17.80 3.90 6.24
CA GLU A 38 -16.78 4.68 5.55
C GLU A 38 -17.25 5.02 4.12
N ASP A 39 -16.86 6.20 3.65
CA ASP A 39 -17.23 6.63 2.31
C ASP A 39 -16.19 6.17 1.28
N LEU A 40 -15.05 6.84 1.28
CA LEU A 40 -13.97 6.50 0.35
C LEU A 40 -13.42 5.11 0.64
N PRO A 41 -12.84 4.47 -0.40
CA PRO A 41 -12.27 3.13 -0.28
C PRO A 41 -11.00 3.11 0.55
N LEU A 42 -10.54 1.92 0.90
CA LEU A 42 -9.33 1.77 1.70
C LEU A 42 -8.11 1.53 0.82
N VAL A 43 -7.00 2.18 1.15
CA VAL A 43 -5.77 2.04 0.39
C VAL A 43 -4.55 2.05 1.31
N THR A 44 -4.14 0.87 1.76
CA THR A 44 -3.00 0.74 2.64
C THR A 44 -1.69 0.65 1.85
N LYS A 45 -0.65 1.28 2.36
CA LYS A 45 0.65 1.28 1.70
C LYS A 45 1.75 0.82 2.66
N MET A 46 2.79 0.20 2.11
CA MET A 46 3.91 -0.29 2.90
C MET A 46 5.12 -0.60 2.02
N CYS A 47 6.14 -1.19 2.63
CA CYS A 47 7.35 -1.54 1.91
C CYS A 47 7.68 -3.01 2.09
N HIS A 48 8.34 -3.59 1.08
CA HIS A 48 8.72 -5.00 1.13
C HIS A 48 9.93 -5.27 0.24
N ILE A 49 10.45 -6.50 0.31
CA ILE A 49 11.61 -6.88 -0.49
C ILE A 49 11.17 -7.47 -1.83
N GLY A 50 10.23 -6.80 -2.49
CA GLY A 50 9.76 -7.28 -3.77
C GLY A 50 8.32 -6.87 -4.04
N CYS A 51 7.43 -7.85 -4.07
CA CYS A 51 6.01 -7.58 -4.32
C CYS A 51 5.15 -8.76 -3.86
N PRO A 52 4.84 -8.79 -2.55
CA PRO A 52 4.02 -9.84 -1.96
C PRO A 52 2.56 -9.78 -2.40
N ASP A 53 1.93 -10.93 -2.52
CA ASP A 53 0.53 -11.00 -2.94
C ASP A 53 -0.37 -11.36 -1.76
N ILE A 54 0.17 -11.27 -0.55
CA ILE A 54 -0.57 -11.59 0.65
C ILE A 54 -2.01 -11.08 0.55
N PRO A 55 -2.95 -12.01 0.28
CA PRO A 55 -4.37 -11.68 0.16
C PRO A 55 -5.00 -11.29 1.50
N SER A 56 -4.22 -11.41 2.57
CA SER A 56 -4.70 -11.09 3.90
C SER A 56 -4.96 -9.58 4.03
N LEU A 57 -4.50 -8.82 3.03
CA LEU A 57 -4.68 -7.39 3.03
C LEU A 57 -6.00 -6.99 2.38
N GLY A 58 -6.91 -7.97 2.26
CA GLY A 58 -8.21 -7.70 1.66
C GLY A 58 -8.23 -8.05 0.19
N LEU A 59 -8.35 -9.34 -0.12
CA LEU A 59 -8.39 -9.80 -1.51
C LEU A 59 -9.74 -9.48 -2.15
N GLY A 60 -10.82 -9.70 -1.39
CA GLY A 60 -12.15 -9.44 -1.90
C GLY A 60 -12.35 -9.99 -3.30
N PRO A 61 -13.40 -9.50 -3.99
CA PRO A 61 -13.72 -9.94 -5.35
C PRO A 61 -12.69 -9.46 -6.37
N TYR A 62 -11.80 -8.58 -5.94
CA TYR A 62 -10.76 -8.05 -6.82
C TYR A 62 -9.69 -7.33 -6.02
N VAL A 63 -8.55 -7.99 -5.84
CA VAL A 63 -7.44 -7.41 -5.09
C VAL A 63 -6.54 -6.58 -6.01
N SER A 64 -6.09 -5.43 -5.49
CA SER A 64 -5.24 -4.54 -6.26
C SER A 64 -3.88 -4.38 -5.60
N ILE A 65 -2.84 -4.91 -6.24
CA ILE A 65 -1.49 -4.84 -5.71
C ILE A 65 -0.56 -4.09 -6.66
N ALA A 66 -0.08 -2.93 -6.23
CA ALA A 66 0.81 -2.11 -7.04
C ALA A 66 2.19 -2.01 -6.40
N CYS A 67 3.15 -2.78 -6.93
CA CYS A 67 4.51 -2.77 -6.42
C CYS A 67 5.46 -2.11 -7.40
N CYS A 68 6.60 -1.63 -6.87
CA CYS A 68 7.59 -0.97 -7.71
C CYS A 68 8.89 -0.75 -6.94
N GLN A 69 10.01 -0.88 -7.62
CA GLN A 69 11.31 -0.70 -7.00
C GLN A 69 11.77 0.74 -7.09
N THR A 70 10.88 1.67 -6.74
CA THR A 70 11.18 3.09 -6.78
C THR A 70 10.70 3.79 -5.53
N SER A 71 11.53 4.68 -5.00
CA SER A 71 11.19 5.43 -3.79
C SER A 71 9.92 6.24 -4.00
N LEU A 72 9.01 6.17 -3.02
CA LEU A 72 7.75 6.90 -3.10
C LEU A 72 7.05 6.65 -4.44
N CYS A 73 7.13 5.41 -4.92
CA CYS A 73 6.52 5.05 -6.18
C CYS A 73 5.02 4.77 -6.00
N ASN A 74 4.46 5.29 -4.92
CA ASN A 74 3.05 5.09 -4.62
C ASN A 74 2.22 6.26 -5.14
N HIS A 75 2.88 7.37 -5.45
CA HIS A 75 2.20 8.55 -5.96
C HIS A 75 2.03 8.47 -7.48
N ASP A 76 1.52 9.55 -8.07
CA ASP A 76 1.29 9.59 -9.51
C ASP A 76 2.50 10.20 -10.22
N MET A 1 15.82 0.06 1.46
CA MET A 1 16.55 1.15 2.09
C MET A 1 16.15 2.49 1.52
N ILE A 2 14.92 2.57 1.01
CA ILE A 2 14.40 3.80 0.43
C ILE A 2 13.24 4.35 1.24
N TRP A 3 12.69 5.47 0.80
CA TRP A 3 11.57 6.10 1.48
C TRP A 3 10.27 5.88 0.70
N CYS A 4 9.21 5.52 1.40
CA CYS A 4 7.91 5.29 0.79
C CYS A 4 6.78 5.68 1.72
N HIS A 5 5.55 5.43 1.29
CA HIS A 5 4.37 5.76 2.09
C HIS A 5 3.94 4.57 2.94
N GLN A 6 3.74 4.81 4.22
CA GLN A 6 3.32 3.75 5.15
C GLN A 6 2.04 4.15 5.87
N CYS A 7 1.12 4.78 5.15
CA CYS A 7 -0.15 5.21 5.72
C CYS A 7 -1.16 4.07 5.72
N THR A 8 -2.18 4.18 6.56
CA THR A 8 -3.22 3.15 6.65
C THR A 8 -4.15 3.20 5.45
N GLY A 9 -3.96 4.21 4.60
CA GLY A 9 -4.80 4.35 3.42
C GLY A 9 -6.20 4.81 3.75
N PHE A 10 -6.63 5.88 3.10
CA PHE A 10 -7.96 6.43 3.33
C PHE A 10 -8.39 7.33 2.18
N GLY A 11 -8.14 6.86 0.96
CA GLY A 11 -8.51 7.63 -0.22
C GLY A 11 -7.36 8.44 -0.77
N GLY A 12 -6.15 7.90 -0.67
CA GLY A 12 -4.97 8.60 -1.16
C GLY A 12 -4.12 9.16 -0.03
N CYS A 13 -4.14 8.49 1.12
CA CYS A 13 -3.36 8.93 2.27
C CYS A 13 -1.91 9.19 1.88
N SER A 14 -1.22 9.96 2.72
CA SER A 14 0.19 10.28 2.46
C SER A 14 0.99 10.27 3.76
N HIS A 15 2.18 9.69 3.70
CA HIS A 15 3.05 9.59 4.87
C HIS A 15 4.40 9.00 4.50
N GLY A 16 5.29 9.84 3.98
CA GLY A 16 6.61 9.37 3.59
C GLY A 16 7.48 9.01 4.79
N SER A 17 7.68 7.71 5.00
CA SER A 17 8.48 7.24 6.12
C SER A 17 9.62 6.34 5.62
N ARG A 18 10.54 6.02 6.52
CA ARG A 18 11.67 5.16 6.19
C ARG A 18 11.24 3.71 6.05
N CYS A 19 11.85 3.00 5.11
CA CYS A 19 11.53 1.59 4.89
C CYS A 19 12.60 0.69 5.49
N LEU A 20 12.22 -0.56 5.77
CA LEU A 20 13.13 -1.53 6.35
C LEU A 20 14.40 -1.65 5.51
N ARG A 21 15.54 -1.79 6.18
CA ARG A 21 16.82 -1.92 5.48
C ARG A 21 16.76 -3.02 4.43
N ASP A 22 15.91 -4.02 4.67
CA ASP A 22 15.76 -5.13 3.74
C ASP A 22 14.80 -4.77 2.61
N SER A 23 13.73 -4.05 2.95
CA SER A 23 12.74 -3.63 1.97
C SER A 23 13.27 -2.50 1.10
N THR A 24 13.48 -2.78 -0.17
CA THR A 24 13.99 -1.78 -1.10
C THR A 24 12.94 -1.43 -2.15
N HIS A 25 11.68 -1.64 -1.81
CA HIS A 25 10.58 -1.35 -2.73
C HIS A 25 9.33 -0.90 -1.96
N CYS A 26 8.33 -0.44 -2.69
CA CYS A 26 7.08 0.01 -2.09
C CYS A 26 5.88 -0.74 -2.66
N VAL A 27 4.84 -0.92 -1.84
CA VAL A 27 3.64 -1.61 -2.27
C VAL A 27 2.40 -0.78 -2.00
N THR A 28 1.50 -0.74 -2.97
CA THR A 28 0.26 0.03 -2.84
C THR A 28 -0.94 -0.81 -3.25
N THR A 29 -1.59 -1.43 -2.26
CA THR A 29 -2.75 -2.27 -2.51
C THR A 29 -4.03 -1.58 -2.03
N ALA A 30 -5.17 -2.22 -2.29
CA ALA A 30 -6.45 -1.67 -1.88
C ALA A 30 -7.43 -2.79 -1.51
N THR A 31 -8.17 -2.59 -0.44
CA THR A 31 -9.15 -3.57 0.02
C THR A 31 -10.56 -2.99 0.04
N ARG A 32 -11.53 -3.83 0.38
CA ARG A 32 -12.92 -3.39 0.44
C ARG A 32 -13.07 -2.14 1.30
N VAL A 33 -14.17 -1.43 1.14
CA VAL A 33 -14.44 -0.23 1.90
C VAL A 33 -14.83 -0.55 3.34
N LEU A 34 -13.88 -1.12 4.09
CA LEU A 34 -14.13 -1.48 5.48
C LEU A 34 -14.39 -0.25 6.33
N SER A 35 -13.90 0.90 5.86
CA SER A 35 -14.07 2.15 6.58
C SER A 35 -15.53 2.62 6.52
N ASN A 36 -16.31 1.95 5.69
CA ASN A 36 -17.73 2.30 5.53
C ASN A 36 -17.88 3.68 4.91
N THR A 37 -16.79 4.20 4.35
CA THR A 37 -16.81 5.51 3.72
C THR A 37 -17.31 5.43 2.28
N GLU A 38 -18.22 6.33 1.92
CA GLU A 38 -18.77 6.35 0.57
C GLU A 38 -17.97 7.29 -0.33
N ASP A 39 -16.77 7.63 0.11
CA ASP A 39 -15.90 8.52 -0.66
C ASP A 39 -14.91 7.72 -1.50
N LEU A 40 -14.09 6.92 -0.84
CA LEU A 40 -13.09 6.10 -1.52
C LEU A 40 -12.90 4.77 -0.82
N PRO A 41 -12.34 3.78 -1.55
CA PRO A 41 -12.10 2.44 -1.01
C PRO A 41 -10.97 2.44 0.02
N LEU A 42 -10.60 1.24 0.48
CA LEU A 42 -9.54 1.10 1.47
C LEU A 42 -8.18 0.92 0.78
N VAL A 43 -7.18 1.62 1.30
CA VAL A 43 -5.82 1.54 0.74
C VAL A 43 -4.82 1.10 1.79
N THR A 44 -3.65 0.64 1.35
CA THR A 44 -2.61 0.20 2.25
C THR A 44 -1.23 0.40 1.63
N LYS A 45 -0.48 1.36 2.17
CA LYS A 45 0.87 1.64 1.66
C LYS A 45 1.92 1.09 2.62
N MET A 46 2.97 0.50 2.06
CA MET A 46 4.05 -0.06 2.85
C MET A 46 5.27 -0.37 1.98
N CYS A 47 6.28 -0.99 2.58
CA CYS A 47 7.50 -1.34 1.86
C CYS A 47 7.75 -2.84 1.91
N HIS A 48 8.52 -3.34 0.95
CA HIS A 48 8.84 -4.77 0.88
C HIS A 48 10.00 -5.02 -0.08
N ILE A 49 10.50 -6.25 -0.08
CA ILE A 49 11.60 -6.62 -0.96
C ILE A 49 11.09 -7.14 -2.29
N GLY A 50 10.07 -6.48 -2.83
CA GLY A 50 9.52 -6.90 -4.11
C GLY A 50 8.05 -6.52 -4.25
N CYS A 51 7.21 -7.53 -4.38
CA CYS A 51 5.77 -7.32 -4.52
C CYS A 51 5.00 -8.61 -4.30
N PRO A 52 4.87 -9.02 -3.03
CA PRO A 52 4.16 -10.24 -2.65
C PRO A 52 2.65 -10.12 -2.86
N ASP A 53 1.93 -11.17 -2.48
CA ASP A 53 0.47 -11.18 -2.62
C ASP A 53 -0.20 -11.55 -1.30
N ILE A 54 -0.87 -10.58 -0.69
CA ILE A 54 -1.56 -10.80 0.58
C ILE A 54 -3.03 -10.40 0.49
N PRO A 55 -3.83 -11.25 -0.19
CA PRO A 55 -5.26 -11.01 -0.36
C PRO A 55 -6.03 -11.16 0.95
N SER A 56 -5.40 -11.76 1.94
CA SER A 56 -6.03 -11.95 3.24
C SER A 56 -6.19 -10.63 3.98
N LEU A 57 -5.53 -9.59 3.48
CA LEU A 57 -5.59 -8.27 4.09
C LEU A 57 -7.00 -7.68 3.95
N GLY A 58 -7.75 -8.18 2.97
CA GLY A 58 -9.09 -7.69 2.74
C GLY A 58 -10.06 -8.80 2.36
N LEU A 59 -10.70 -8.65 1.20
CA LEU A 59 -11.65 -9.65 0.72
C LEU A 59 -10.92 -10.90 0.22
N GLY A 60 -10.17 -10.75 -0.87
CA GLY A 60 -9.44 -11.87 -1.42
C GLY A 60 -8.50 -11.46 -2.53
N PRO A 61 -8.24 -12.38 -3.47
CA PRO A 61 -7.35 -12.13 -4.61
C PRO A 61 -7.94 -11.15 -5.60
N TYR A 62 -9.22 -10.80 -5.40
CA TYR A 62 -9.90 -9.87 -6.28
C TYR A 62 -9.43 -8.44 -6.05
N VAL A 63 -8.73 -8.22 -4.94
CA VAL A 63 -8.22 -6.90 -4.58
C VAL A 63 -7.30 -6.37 -5.67
N SER A 64 -6.72 -5.20 -5.42
CA SER A 64 -5.82 -4.57 -6.39
C SER A 64 -4.42 -4.37 -5.78
N ILE A 65 -3.40 -4.68 -6.56
CA ILE A 65 -2.02 -4.54 -6.11
C ILE A 65 -1.21 -3.67 -7.07
N ALA A 66 -0.41 -2.78 -6.51
CA ALA A 66 0.43 -1.90 -7.32
C ALA A 66 1.77 -1.64 -6.65
N CYS A 67 2.81 -2.33 -7.11
CA CYS A 67 4.14 -2.18 -6.55
C CYS A 67 5.07 -1.51 -7.56
N CYS A 68 6.24 -1.08 -7.08
CA CYS A 68 7.22 -0.42 -7.94
C CYS A 68 8.54 -0.23 -7.19
N GLN A 69 9.63 -0.19 -7.94
CA GLN A 69 10.97 -0.01 -7.37
C GLN A 69 11.34 1.46 -7.31
N THR A 70 10.43 2.28 -6.80
CA THR A 70 10.67 3.72 -6.69
C THR A 70 10.19 4.25 -5.34
N SER A 71 11.00 5.11 -4.73
CA SER A 71 10.66 5.70 -3.44
C SER A 71 9.36 6.48 -3.52
N LEU A 72 8.48 6.27 -2.54
CA LEU A 72 7.20 6.95 -2.51
C LEU A 72 6.46 6.83 -3.84
N CYS A 73 6.60 5.66 -4.47
CA CYS A 73 5.96 5.40 -5.74
C CYS A 73 4.51 4.96 -5.54
N ASN A 74 3.94 5.31 -4.39
CA ASN A 74 2.57 4.94 -4.07
C ASN A 74 1.64 6.15 -4.21
N HIS A 75 2.24 7.33 -4.36
CA HIS A 75 1.46 8.56 -4.52
C HIS A 75 0.91 8.69 -5.93
N ASP A 76 0.29 9.83 -6.23
CA ASP A 76 -0.28 10.07 -7.54
C ASP A 76 0.68 10.88 -8.41
N MET A 1 15.14 0.36 2.46
CA MET A 1 16.30 1.23 2.27
C MET A 1 15.88 2.57 1.69
N ILE A 2 14.93 2.54 0.77
CA ILE A 2 14.43 3.76 0.14
C ILE A 2 13.26 4.34 0.90
N TRP A 3 12.79 5.52 0.48
CA TRP A 3 11.67 6.18 1.12
C TRP A 3 10.38 5.97 0.32
N CYS A 4 9.29 5.70 1.03
CA CYS A 4 8.01 5.48 0.39
C CYS A 4 6.87 6.01 1.26
N HIS A 5 5.63 5.83 0.79
CA HIS A 5 4.46 6.29 1.53
C HIS A 5 3.86 5.15 2.35
N GLN A 6 3.88 5.31 3.68
CA GLN A 6 3.34 4.29 4.57
C GLN A 6 2.05 4.77 5.21
N CYS A 7 1.06 5.09 4.38
CA CYS A 7 -0.23 5.56 4.87
C CYS A 7 -1.10 4.39 5.31
N THR A 8 -1.99 4.66 6.27
CA THR A 8 -2.88 3.62 6.78
C THR A 8 -4.14 3.51 5.91
N GLY A 9 -4.47 4.59 5.21
CA GLY A 9 -5.65 4.58 4.35
C GLY A 9 -6.35 5.92 4.35
N PHE A 10 -7.66 5.89 4.09
CA PHE A 10 -8.46 7.10 4.05
C PHE A 10 -8.07 7.97 2.86
N GLY A 11 -8.49 7.55 1.66
CA GLY A 11 -8.18 8.30 0.46
C GLY A 11 -6.71 8.24 0.11
N GLY A 12 -6.02 7.22 0.60
CA GLY A 12 -4.61 7.07 0.32
C GLY A 12 -3.83 8.35 0.58
N CYS A 13 -3.74 8.74 1.85
CA CYS A 13 -3.02 9.96 2.22
C CYS A 13 -1.57 9.89 1.78
N SER A 14 -0.78 10.88 2.19
CA SER A 14 0.63 10.94 1.83
C SER A 14 1.50 11.08 3.07
N HIS A 15 2.60 10.33 3.10
CA HIS A 15 3.52 10.37 4.23
C HIS A 15 4.81 9.61 3.91
N GLY A 16 5.82 10.34 3.48
CA GLY A 16 7.09 9.71 3.14
C GLY A 16 7.84 9.23 4.37
N SER A 17 7.82 7.92 4.60
CA SER A 17 8.50 7.33 5.75
C SER A 17 9.63 6.41 5.31
N ARG A 18 10.60 6.20 6.20
CA ARG A 18 11.73 5.34 5.89
C ARG A 18 11.34 3.86 5.94
N CYS A 19 11.55 3.17 4.84
CA CYS A 19 11.20 1.75 4.75
C CYS A 19 12.26 0.89 5.46
N LEU A 20 11.92 -0.37 5.69
CA LEU A 20 12.83 -1.29 6.36
C LEU A 20 14.16 -1.37 5.62
N ARG A 21 15.25 -1.49 6.38
CA ARG A 21 16.58 -1.57 5.79
C ARG A 21 16.61 -2.59 4.66
N ASP A 22 15.87 -3.67 4.82
CA ASP A 22 15.81 -4.72 3.82
C ASP A 22 14.77 -4.40 2.75
N SER A 23 13.68 -3.76 3.16
CA SER A 23 12.61 -3.39 2.25
C SER A 23 13.05 -2.26 1.33
N THR A 24 13.51 -2.63 0.13
CA THR A 24 13.96 -1.64 -0.84
C THR A 24 12.91 -1.42 -1.92
N HIS A 25 11.67 -1.77 -1.61
CA HIS A 25 10.57 -1.60 -2.56
C HIS A 25 9.29 -1.16 -1.84
N CYS A 26 8.38 -0.54 -2.59
CA CYS A 26 7.12 -0.07 -2.02
C CYS A 26 5.95 -0.85 -2.59
N VAL A 27 4.84 -0.86 -1.86
CA VAL A 27 3.64 -1.57 -2.29
C VAL A 27 2.38 -0.75 -2.04
N THR A 28 1.46 -0.78 -3.00
CA THR A 28 0.22 -0.02 -2.89
C THR A 28 -0.99 -0.93 -3.03
N THR A 29 -1.69 -1.17 -1.93
CA THR A 29 -2.87 -2.02 -1.94
C THR A 29 -4.13 -1.23 -1.65
N ALA A 30 -5.29 -1.87 -1.81
CA ALA A 30 -6.56 -1.21 -1.57
C ALA A 30 -7.58 -2.20 -0.99
N THR A 31 -8.05 -1.93 0.22
CA THR A 31 -9.03 -2.78 0.87
C THR A 31 -10.42 -2.16 0.85
N ARG A 32 -11.44 -3.00 0.83
CA ARG A 32 -12.83 -2.53 0.81
C ARG A 32 -13.47 -2.69 2.18
N VAL A 33 -14.36 -1.76 2.52
CA VAL A 33 -15.05 -1.81 3.81
C VAL A 33 -16.45 -1.22 3.70
N LEU A 34 -17.46 -2.05 3.92
CA LEU A 34 -18.85 -1.62 3.85
C LEU A 34 -19.14 -0.55 4.89
N SER A 35 -18.30 -0.49 5.92
CA SER A 35 -18.47 0.48 6.99
C SER A 35 -17.75 1.79 6.66
N ASN A 36 -16.74 1.70 5.80
CA ASN A 36 -15.98 2.87 5.40
C ASN A 36 -16.35 3.30 3.98
N THR A 37 -17.53 2.90 3.53
CA THR A 37 -18.00 3.24 2.20
C THR A 37 -18.65 4.62 2.19
N GLU A 38 -17.82 5.66 2.12
CA GLU A 38 -18.33 7.03 2.09
C GLU A 38 -17.82 7.78 0.86
N ASP A 39 -16.63 8.36 0.99
CA ASP A 39 -16.03 9.11 -0.12
C ASP A 39 -14.98 8.26 -0.84
N LEU A 40 -14.15 7.57 -0.06
CA LEU A 40 -13.10 6.74 -0.63
C LEU A 40 -12.91 5.47 0.20
N PRO A 41 -12.40 4.41 -0.44
CA PRO A 41 -12.16 3.12 0.22
C PRO A 41 -11.02 3.19 1.22
N LEU A 42 -10.57 2.03 1.69
CA LEU A 42 -9.48 1.96 2.65
C LEU A 42 -8.17 1.61 1.96
N VAL A 43 -7.29 2.60 1.83
CA VAL A 43 -6.00 2.39 1.19
C VAL A 43 -4.98 1.85 2.18
N THR A 44 -3.94 1.21 1.67
CA THR A 44 -2.89 0.65 2.50
C THR A 44 -1.58 0.50 1.73
N LYS A 45 -0.55 1.20 2.20
CA LYS A 45 0.76 1.16 1.56
C LYS A 45 1.83 0.67 2.53
N MET A 46 2.91 0.13 1.99
CA MET A 46 4.01 -0.38 2.80
C MET A 46 5.25 -0.62 1.96
N CYS A 47 6.24 -1.29 2.54
CA CYS A 47 7.49 -1.58 1.85
C CYS A 47 7.91 -3.03 2.07
N HIS A 48 8.68 -3.57 1.14
CA HIS A 48 9.16 -4.94 1.23
C HIS A 48 10.27 -5.21 0.23
N ILE A 49 10.87 -6.40 0.31
CA ILE A 49 11.94 -6.77 -0.60
C ILE A 49 11.41 -7.47 -1.84
N GLY A 50 10.32 -6.95 -2.39
CA GLY A 50 9.72 -7.55 -3.57
C GLY A 50 8.30 -7.07 -3.81
N CYS A 51 7.34 -7.97 -3.64
CA CYS A 51 5.94 -7.64 -3.84
C CYS A 51 5.04 -8.58 -3.05
N PRO A 52 4.93 -8.33 -1.74
CA PRO A 52 4.10 -9.14 -0.84
C PRO A 52 2.61 -8.96 -1.10
N ASP A 53 2.12 -9.57 -2.17
CA ASP A 53 0.71 -9.47 -2.53
C ASP A 53 -0.18 -9.76 -1.32
N ILE A 54 -0.17 -11.00 -0.86
CA ILE A 54 -0.97 -11.41 0.28
C ILE A 54 -2.42 -10.93 0.13
N PRO A 55 -3.20 -11.67 -0.65
CA PRO A 55 -4.62 -11.34 -0.88
C PRO A 55 -5.48 -11.56 0.36
N SER A 56 -4.89 -12.16 1.38
CA SER A 56 -5.60 -12.44 2.63
C SER A 56 -5.89 -11.14 3.39
N LEU A 57 -5.09 -10.12 3.11
CA LEU A 57 -5.25 -8.83 3.76
C LEU A 57 -6.51 -8.13 3.29
N GLY A 58 -7.01 -8.55 2.13
CA GLY A 58 -8.21 -7.95 1.57
C GLY A 58 -9.41 -8.87 1.67
N LEU A 59 -9.91 -9.31 0.52
CA LEU A 59 -11.07 -10.20 0.48
C LEU A 59 -10.79 -11.43 -0.40
N GLY A 60 -10.21 -11.18 -1.57
CA GLY A 60 -9.90 -12.26 -2.48
C GLY A 60 -8.81 -11.89 -3.48
N PRO A 61 -8.75 -12.63 -4.59
CA PRO A 61 -7.76 -12.39 -5.64
C PRO A 61 -8.01 -11.10 -6.40
N TYR A 62 -9.23 -10.56 -6.25
CA TYR A 62 -9.59 -9.32 -6.92
C TYR A 62 -8.98 -8.11 -6.23
N VAL A 63 -8.37 -8.36 -5.06
CA VAL A 63 -7.74 -7.29 -4.30
C VAL A 63 -6.78 -6.48 -5.16
N SER A 64 -6.85 -5.16 -5.04
CA SER A 64 -5.99 -4.27 -5.81
C SER A 64 -4.61 -4.16 -5.17
N ILE A 65 -3.58 -4.47 -5.95
CA ILE A 65 -2.21 -4.41 -5.46
C ILE A 65 -1.27 -3.91 -6.55
N ALA A 66 -0.27 -3.12 -6.15
CA ALA A 66 0.71 -2.58 -7.09
C ALA A 66 2.07 -2.42 -6.43
N CYS A 67 3.06 -3.15 -6.94
CA CYS A 67 4.41 -3.09 -6.40
C CYS A 67 5.38 -2.50 -7.43
N CYS A 68 6.41 -1.82 -6.94
CA CYS A 68 7.41 -1.21 -7.81
C CYS A 68 8.72 -0.97 -7.05
N GLN A 69 9.84 -1.06 -7.78
CA GLN A 69 11.14 -0.86 -7.18
C GLN A 69 11.57 0.60 -7.27
N THR A 70 10.65 1.50 -6.93
CA THR A 70 10.93 2.93 -6.99
C THR A 70 10.50 3.62 -5.69
N SER A 71 11.31 4.56 -5.23
CA SER A 71 11.01 5.29 -4.00
C SER A 71 9.71 6.07 -4.14
N LEU A 72 8.87 6.00 -3.11
CA LEU A 72 7.60 6.71 -3.11
C LEU A 72 6.83 6.44 -4.40
N CYS A 73 6.96 5.22 -4.91
CA CYS A 73 6.27 4.82 -6.14
C CYS A 73 4.82 4.46 -5.85
N ASN A 74 4.30 4.96 -4.74
CA ASN A 74 2.92 4.68 -4.35
C ASN A 74 2.00 5.83 -4.76
N HIS A 75 2.57 6.83 -5.42
CA HIS A 75 1.80 7.99 -5.87
C HIS A 75 0.71 7.57 -6.86
N ASP A 76 -0.04 8.55 -7.35
CA ASP A 76 -1.11 8.28 -8.31
C ASP A 76 -0.54 7.73 -9.62
N MET A 1 16.96 0.36 0.04
CA MET A 1 16.88 1.55 0.89
C MET A 1 16.29 2.73 0.12
N ILE A 2 14.97 2.80 0.10
CA ILE A 2 14.27 3.88 -0.60
C ILE A 2 13.12 4.41 0.22
N TRP A 3 12.68 5.63 -0.08
CA TRP A 3 11.56 6.25 0.63
C TRP A 3 10.23 5.84 0.01
N CYS A 4 9.25 5.57 0.86
CA CYS A 4 7.92 5.18 0.39
C CYS A 4 6.83 5.73 1.30
N HIS A 5 5.59 5.60 0.87
CA HIS A 5 4.45 6.09 1.65
C HIS A 5 3.88 4.98 2.53
N GLN A 6 3.86 5.23 3.84
CA GLN A 6 3.33 4.25 4.78
C GLN A 6 2.06 4.75 5.44
N CYS A 7 1.05 5.04 4.62
CA CYS A 7 -0.23 5.54 5.12
C CYS A 7 -1.09 4.39 5.64
N THR A 8 -1.87 4.66 6.67
CA THR A 8 -2.75 3.66 7.25
C THR A 8 -3.96 3.40 6.37
N GLY A 9 -4.58 4.47 5.90
CA GLY A 9 -5.74 4.34 5.05
C GLY A 9 -6.71 5.51 5.20
N PHE A 10 -8.00 5.19 5.21
CA PHE A 10 -9.04 6.22 5.35
C PHE A 10 -9.05 7.15 4.14
N GLY A 11 -9.30 6.57 2.97
CA GLY A 11 -9.34 7.36 1.75
C GLY A 11 -8.03 7.30 0.98
N GLY A 12 -6.96 6.88 1.66
CA GLY A 12 -5.67 6.80 1.02
C GLY A 12 -4.81 8.01 1.27
N CYS A 13 -4.67 8.39 2.54
CA CYS A 13 -3.88 9.55 2.91
C CYS A 13 -2.44 9.42 2.39
N SER A 14 -1.61 10.42 2.70
CA SER A 14 -0.22 10.41 2.27
C SER A 14 0.72 10.57 3.45
N HIS A 15 1.91 10.00 3.34
CA HIS A 15 2.90 10.07 4.41
C HIS A 15 4.24 9.50 3.94
N GLY A 16 5.10 10.38 3.42
CA GLY A 16 6.39 9.95 2.94
C GLY A 16 7.33 9.57 4.07
N SER A 17 7.68 8.29 4.15
CA SER A 17 8.57 7.80 5.20
C SER A 17 9.63 6.89 4.62
N ARG A 18 10.83 6.94 5.20
CA ARG A 18 11.94 6.13 4.74
C ARG A 18 11.77 4.67 5.20
N CYS A 19 11.97 3.74 4.28
CA CYS A 19 11.84 2.32 4.58
C CYS A 19 13.05 1.82 5.36
N LEU A 20 13.02 0.55 5.74
CA LEU A 20 14.12 -0.05 6.50
C LEU A 20 15.23 -0.52 5.57
N ARG A 21 16.45 -0.59 6.10
CA ARG A 21 17.60 -1.02 5.31
C ARG A 21 17.29 -2.32 4.57
N ASP A 22 16.52 -3.19 5.21
CA ASP A 22 16.16 -4.46 4.61
C ASP A 22 15.23 -4.26 3.42
N SER A 23 14.22 -3.43 3.59
CA SER A 23 13.26 -3.14 2.52
C SER A 23 13.91 -2.31 1.42
N THR A 24 13.68 -2.69 0.17
CA THR A 24 14.24 -1.98 -0.97
C THR A 24 13.19 -1.80 -2.06
N HIS A 25 11.95 -2.17 -1.76
CA HIS A 25 10.87 -2.05 -2.72
C HIS A 25 9.65 -1.38 -2.08
N CYS A 26 8.86 -0.70 -2.91
CA CYS A 26 7.66 -0.02 -2.44
C CYS A 26 6.41 -0.87 -2.66
N VAL A 27 5.64 -1.07 -1.60
CA VAL A 27 4.42 -1.86 -1.69
C VAL A 27 3.19 -1.00 -1.42
N THR A 28 2.09 -1.33 -2.10
CA THR A 28 0.84 -0.59 -1.94
C THR A 28 -0.36 -1.52 -1.99
N THR A 29 -1.28 -1.34 -1.03
CA THR A 29 -2.47 -2.18 -0.97
C THR A 29 -3.68 -1.37 -0.49
N ALA A 30 -4.87 -1.92 -0.65
CA ALA A 30 -6.09 -1.26 -0.23
C ALA A 30 -7.30 -2.19 -0.35
N THR A 31 -8.47 -1.68 0.01
CA THR A 31 -9.70 -2.47 -0.06
C THR A 31 -10.87 -1.62 -0.54
N ARG A 32 -11.31 -1.85 -1.76
CA ARG A 32 -12.42 -1.10 -2.33
C ARG A 32 -13.69 -1.30 -1.51
N VAL A 33 -14.59 -0.33 -1.57
CA VAL A 33 -15.84 -0.40 -0.83
C VAL A 33 -16.96 0.34 -1.57
N LEU A 34 -17.94 -0.42 -2.05
CA LEU A 34 -19.06 0.16 -2.78
C LEU A 34 -19.87 1.08 -1.88
N SER A 35 -19.80 0.84 -0.57
CA SER A 35 -20.53 1.66 0.39
C SER A 35 -20.03 3.11 0.36
N ASN A 36 -20.96 4.04 0.12
CA ASN A 36 -20.62 5.45 0.06
C ASN A 36 -20.72 6.09 1.44
N THR A 37 -20.77 5.25 2.48
CA THR A 37 -20.86 5.74 3.84
C THR A 37 -19.62 6.53 4.24
N GLU A 38 -19.63 7.08 5.44
CA GLU A 38 -18.50 7.86 5.93
C GLU A 38 -17.33 6.96 6.32
N ASP A 39 -17.56 5.65 6.23
CA ASP A 39 -16.52 4.68 6.56
C ASP A 39 -15.34 4.81 5.63
N LEU A 40 -15.61 5.04 4.35
CA LEU A 40 -14.56 5.18 3.34
C LEU A 40 -13.75 3.90 3.21
N PRO A 41 -13.15 3.70 2.03
CA PRO A 41 -12.33 2.51 1.75
C PRO A 41 -11.02 2.50 2.54
N LEU A 42 -10.38 1.34 2.59
CA LEU A 42 -9.12 1.20 3.31
C LEU A 42 -7.93 1.24 2.35
N VAL A 43 -6.83 1.84 2.80
CA VAL A 43 -5.63 1.93 1.98
C VAL A 43 -4.38 1.75 2.82
N THR A 44 -3.73 0.59 2.69
CA THR A 44 -2.52 0.29 3.44
C THR A 44 -1.31 0.25 2.52
N LYS A 45 -0.27 0.99 2.90
CA LYS A 45 0.96 1.04 2.11
C LYS A 45 2.18 0.86 3.00
N MET A 46 3.21 0.23 2.45
CA MET A 46 4.44 -0.02 3.20
C MET A 46 5.57 -0.44 2.26
N CYS A 47 6.61 -1.03 2.82
CA CYS A 47 7.76 -1.49 2.04
C CYS A 47 8.03 -2.97 2.27
N HIS A 48 8.81 -3.57 1.37
CA HIS A 48 9.13 -4.98 1.47
C HIS A 48 10.30 -5.35 0.55
N ILE A 49 10.92 -6.49 0.80
CA ILE A 49 12.04 -6.94 -0.01
C ILE A 49 11.57 -7.85 -1.14
N GLY A 50 10.64 -7.34 -1.95
CA GLY A 50 10.12 -8.11 -3.07
C GLY A 50 8.64 -7.88 -3.30
N CYS A 51 7.97 -7.27 -2.32
CA CYS A 51 6.55 -6.99 -2.43
C CYS A 51 5.77 -8.24 -2.83
N PRO A 52 5.45 -9.08 -1.85
CA PRO A 52 4.71 -10.32 -2.09
C PRO A 52 3.26 -10.07 -2.46
N ASP A 53 2.46 -11.13 -2.53
CA ASP A 53 1.06 -11.02 -2.87
C ASP A 53 0.20 -10.88 -1.62
N ILE A 54 0.32 -11.84 -0.71
CA ILE A 54 -0.44 -11.83 0.52
C ILE A 54 -1.93 -11.56 0.26
N PRO A 55 -2.65 -12.62 -0.14
CA PRO A 55 -4.09 -12.52 -0.43
C PRO A 55 -4.92 -12.29 0.82
N SER A 56 -4.27 -12.36 1.98
CA SER A 56 -4.96 -12.17 3.25
C SER A 56 -5.40 -10.72 3.41
N LEU A 57 -4.79 -9.82 2.64
CA LEU A 57 -5.11 -8.41 2.69
C LEU A 57 -6.51 -8.15 2.13
N GLY A 58 -7.07 -9.17 1.48
CA GLY A 58 -8.40 -9.04 0.90
C GLY A 58 -9.36 -10.08 1.43
N LEU A 59 -10.06 -10.75 0.50
CA LEU A 59 -11.02 -11.78 0.88
C LEU A 59 -10.49 -13.16 0.53
N GLY A 60 -10.36 -13.44 -0.77
CA GLY A 60 -9.87 -14.73 -1.21
C GLY A 60 -8.60 -14.61 -2.03
N PRO A 61 -8.74 -14.40 -3.34
CA PRO A 61 -7.61 -14.27 -4.26
C PRO A 61 -6.83 -12.96 -4.03
N TYR A 62 -7.55 -11.85 -4.08
CA TYR A 62 -6.92 -10.54 -3.89
C TYR A 62 -7.98 -9.45 -3.73
N VAL A 63 -7.54 -8.20 -3.72
CA VAL A 63 -8.44 -7.07 -3.58
C VAL A 63 -7.82 -5.80 -4.14
N SER A 64 -6.58 -5.53 -3.76
CA SER A 64 -5.87 -4.34 -4.22
C SER A 64 -4.39 -4.41 -3.86
N ILE A 65 -3.55 -4.56 -4.88
CA ILE A 65 -2.11 -4.65 -4.68
C ILE A 65 -1.35 -3.89 -5.77
N ALA A 66 -0.20 -3.33 -5.40
CA ALA A 66 0.61 -2.58 -6.35
C ALA A 66 2.10 -2.68 -5.99
N CYS A 67 2.84 -3.46 -6.77
CA CYS A 67 4.26 -3.64 -6.54
C CYS A 67 5.08 -2.82 -7.53
N CYS A 68 6.04 -2.06 -7.01
CA CYS A 68 6.90 -1.24 -7.85
C CYS A 68 8.18 -0.86 -7.11
N GLN A 69 9.31 -0.95 -7.81
CA GLN A 69 10.60 -0.64 -7.23
C GLN A 69 10.95 0.84 -7.45
N THR A 70 9.97 1.71 -7.20
CA THR A 70 10.16 3.14 -7.37
C THR A 70 9.90 3.89 -6.06
N SER A 71 10.77 4.85 -5.75
CA SER A 71 10.64 5.63 -4.53
C SER A 71 9.26 6.28 -4.46
N LEU A 72 8.53 5.99 -3.39
CA LEU A 72 7.20 6.54 -3.19
C LEU A 72 6.30 6.25 -4.40
N CYS A 73 6.29 5.00 -4.83
CA CYS A 73 5.47 4.59 -5.97
C CYS A 73 4.02 4.36 -5.56
N ASN A 74 3.65 4.93 -4.41
CA ASN A 74 2.29 4.78 -3.90
C ASN A 74 1.40 5.92 -4.40
N HIS A 75 2.03 6.98 -4.88
CA HIS A 75 1.30 8.13 -5.39
C HIS A 75 0.86 7.91 -6.83
N ASP A 76 0.27 8.93 -7.43
CA ASP A 76 -0.19 8.85 -8.81
C ASP A 76 0.99 8.69 -9.77
N MET A 1 17.25 -0.37 0.07
CA MET A 1 17.00 0.70 1.03
C MET A 1 16.60 1.99 0.30
N ILE A 2 15.30 2.23 0.20
CA ILE A 2 14.78 3.42 -0.45
C ILE A 2 13.68 4.07 0.37
N TRP A 3 13.22 5.23 -0.09
CA TRP A 3 12.16 5.95 0.60
C TRP A 3 10.81 5.74 -0.08
N CYS A 4 9.77 5.51 0.71
CA CYS A 4 8.43 5.29 0.18
C CYS A 4 7.37 5.87 1.12
N HIS A 5 6.11 5.55 0.84
CA HIS A 5 5.01 6.04 1.66
C HIS A 5 4.61 5.00 2.71
N GLN A 6 4.33 5.48 3.93
CA GLN A 6 3.94 4.58 5.01
C GLN A 6 2.80 5.18 5.82
N CYS A 7 1.98 6.00 5.18
CA CYS A 7 0.85 6.65 5.84
C CYS A 7 -0.37 5.72 5.85
N THR A 8 -1.33 6.04 6.70
CA THR A 8 -2.55 5.24 6.80
C THR A 8 -3.47 5.48 5.61
N GLY A 9 -4.52 4.67 5.51
CA GLY A 9 -5.46 4.80 4.41
C GLY A 9 -6.73 5.54 4.82
N PHE A 10 -7.05 6.59 4.07
CA PHE A 10 -8.24 7.38 4.36
C PHE A 10 -8.60 8.27 3.18
N GLY A 11 -8.21 7.84 1.98
CA GLY A 11 -8.51 8.61 0.78
C GLY A 11 -7.27 8.87 -0.05
N GLY A 12 -6.11 8.45 0.46
CA GLY A 12 -4.86 8.66 -0.26
C GLY A 12 -3.85 9.46 0.54
N CYS A 13 -3.69 9.08 1.82
CA CYS A 13 -2.75 9.77 2.69
C CYS A 13 -1.37 9.85 2.05
N SER A 14 -0.56 10.80 2.51
CA SER A 14 0.78 10.99 1.98
C SER A 14 1.79 11.18 3.11
N HIS A 15 2.90 10.47 3.03
CA HIS A 15 3.95 10.57 4.04
C HIS A 15 5.17 9.75 3.65
N GLY A 16 6.20 10.43 3.16
CA GLY A 16 7.42 9.76 2.75
C GLY A 16 8.32 9.43 3.92
N SER A 17 8.50 8.13 4.18
CA SER A 17 9.34 7.69 5.29
C SER A 17 10.37 6.68 4.81
N ARG A 18 11.37 6.41 5.65
CA ARG A 18 12.43 5.47 5.31
C ARG A 18 11.92 4.03 5.42
N CYS A 19 12.27 3.21 4.44
CA CYS A 19 11.85 1.81 4.43
C CYS A 19 12.85 0.94 5.19
N LEU A 20 12.41 -0.26 5.57
CA LEU A 20 13.28 -1.19 6.29
C LEU A 20 14.57 -1.45 5.54
N ARG A 21 15.65 -1.69 6.27
CA ARG A 21 16.94 -1.97 5.66
C ARG A 21 16.83 -3.02 4.58
N ASP A 22 15.89 -3.95 4.75
CA ASP A 22 15.67 -5.02 3.80
C ASP A 22 14.74 -4.57 2.67
N SER A 23 13.73 -3.80 3.03
CA SER A 23 12.76 -3.30 2.06
C SER A 23 13.46 -2.49 0.97
N THR A 24 13.35 -2.96 -0.27
CA THR A 24 13.97 -2.28 -1.40
C THR A 24 12.92 -1.75 -2.37
N HIS A 25 11.66 -2.06 -2.09
CA HIS A 25 10.56 -1.61 -2.94
C HIS A 25 9.40 -1.09 -2.09
N CYS A 26 8.35 -0.62 -2.76
CA CYS A 26 7.18 -0.09 -2.07
C CYS A 26 5.91 -0.85 -2.48
N VAL A 27 4.97 -0.95 -1.56
CA VAL A 27 3.71 -1.64 -1.82
C VAL A 27 2.52 -0.81 -1.36
N THR A 28 1.50 -0.74 -2.21
CA THR A 28 0.30 0.02 -1.89
C THR A 28 -0.94 -0.85 -1.97
N THR A 29 -1.58 -1.08 -0.82
CA THR A 29 -2.78 -1.91 -0.76
C THR A 29 -4.03 -1.05 -0.64
N ALA A 30 -5.02 -1.34 -1.48
CA ALA A 30 -6.28 -0.59 -1.47
C ALA A 30 -7.47 -1.53 -1.41
N THR A 31 -8.04 -1.67 -0.21
CA THR A 31 -9.20 -2.54 -0.02
C THR A 31 -10.50 -1.78 -0.26
N ARG A 32 -11.08 -2.00 -1.44
CA ARG A 32 -12.33 -1.34 -1.80
C ARG A 32 -13.52 -2.24 -1.50
N VAL A 33 -14.47 -1.72 -0.72
CA VAL A 33 -15.66 -2.48 -0.36
C VAL A 33 -16.90 -1.60 -0.40
N LEU A 34 -17.61 -1.64 -1.52
CA LEU A 34 -18.82 -0.84 -1.69
C LEU A 34 -19.90 -1.29 -0.71
N SER A 35 -19.84 -2.55 -0.31
CA SER A 35 -20.83 -3.10 0.62
C SER A 35 -20.59 -2.57 2.03
N ASN A 36 -19.43 -1.95 2.24
CA ASN A 36 -19.09 -1.39 3.55
C ASN A 36 -19.91 -0.14 3.84
N THR A 37 -20.60 0.36 2.81
CA THR A 37 -21.42 1.55 2.96
C THR A 37 -20.64 2.68 3.61
N GLU A 38 -19.34 2.73 3.34
CA GLU A 38 -18.48 3.76 3.91
C GLU A 38 -18.36 4.95 2.96
N ASP A 39 -17.56 5.94 3.35
CA ASP A 39 -17.36 7.12 2.53
C ASP A 39 -16.22 6.93 1.55
N LEU A 40 -15.15 6.29 2.01
CA LEU A 40 -13.99 6.03 1.17
C LEU A 40 -13.35 4.70 1.53
N PRO A 41 -12.65 4.09 0.55
CA PRO A 41 -11.97 2.81 0.74
C PRO A 41 -10.78 2.91 1.67
N LEU A 42 -10.27 1.75 2.11
CA LEU A 42 -9.12 1.71 3.00
C LEU A 42 -7.82 1.59 2.22
N VAL A 43 -6.74 2.07 2.81
CA VAL A 43 -5.43 2.00 2.17
C VAL A 43 -4.33 1.78 3.20
N THR A 44 -3.18 1.31 2.72
CA THR A 44 -2.03 1.07 3.60
C THR A 44 -0.73 1.08 2.81
N LYS A 45 0.09 2.09 3.08
CA LYS A 45 1.38 2.22 2.40
C LYS A 45 2.51 1.61 3.23
N MET A 46 3.44 0.95 2.57
CA MET A 46 4.57 0.32 3.25
C MET A 46 5.65 -0.08 2.26
N CYS A 47 6.67 -0.78 2.74
CA CYS A 47 7.78 -1.22 1.91
C CYS A 47 8.05 -2.70 2.11
N HIS A 48 8.60 -3.35 1.09
CA HIS A 48 8.92 -4.77 1.16
C HIS A 48 9.84 -5.19 0.00
N ILE A 49 10.40 -6.37 0.11
CA ILE A 49 11.30 -6.89 -0.92
C ILE A 49 10.52 -7.54 -2.05
N GLY A 50 9.65 -6.76 -2.70
CA GLY A 50 8.85 -7.29 -3.80
C GLY A 50 7.37 -7.05 -3.60
N CYS A 51 6.60 -8.12 -3.49
CA CYS A 51 5.16 -8.03 -3.30
C CYS A 51 4.57 -9.37 -2.89
N PRO A 52 4.68 -9.69 -1.59
CA PRO A 52 4.16 -10.95 -1.04
C PRO A 52 2.64 -10.99 -1.03
N ASP A 53 2.09 -12.19 -1.22
CA ASP A 53 0.64 -12.37 -1.23
C ASP A 53 0.06 -12.18 0.17
N ILE A 54 -0.84 -11.21 0.30
CA ILE A 54 -1.47 -10.93 1.58
C ILE A 54 -3.00 -10.94 1.46
N PRO A 55 -3.57 -12.15 1.37
CA PRO A 55 -5.02 -12.32 1.24
C PRO A 55 -5.76 -11.97 2.54
N SER A 56 -5.02 -11.91 3.64
CA SER A 56 -5.60 -11.58 4.93
C SER A 56 -6.10 -10.14 4.95
N LEU A 57 -5.63 -9.35 4.00
CA LEU A 57 -6.03 -7.95 3.90
C LEU A 57 -7.37 -7.81 3.21
N GLY A 58 -7.66 -8.74 2.31
CA GLY A 58 -8.93 -8.70 1.58
C GLY A 58 -8.89 -9.55 0.32
N LEU A 59 -9.26 -10.81 0.46
CA LEU A 59 -9.26 -11.73 -0.68
C LEU A 59 -10.65 -11.79 -1.32
N GLY A 60 -11.68 -11.73 -0.49
CA GLY A 60 -13.04 -11.76 -1.00
C GLY A 60 -13.28 -10.77 -2.11
N PRO A 61 -13.26 -9.48 -1.77
CA PRO A 61 -13.47 -8.39 -2.73
C PRO A 61 -12.30 -8.25 -3.71
N TYR A 62 -11.24 -9.00 -3.45
CA TYR A 62 -10.05 -8.95 -4.31
C TYR A 62 -9.40 -7.58 -4.26
N VAL A 63 -8.58 -7.36 -3.23
CA VAL A 63 -7.89 -6.09 -3.06
C VAL A 63 -6.70 -5.98 -4.01
N SER A 64 -6.62 -4.86 -4.72
CA SER A 64 -5.53 -4.62 -5.67
C SER A 64 -4.28 -4.12 -4.95
N ILE A 65 -3.12 -4.61 -5.38
CA ILE A 65 -1.86 -4.21 -4.78
C ILE A 65 -0.94 -3.55 -5.82
N ALA A 66 -0.53 -2.32 -5.53
CA ALA A 66 0.35 -1.58 -6.43
C ALA A 66 1.81 -1.78 -6.05
N CYS A 67 2.46 -2.76 -6.67
CA CYS A 67 3.86 -3.06 -6.39
C CYS A 67 4.76 -2.41 -7.45
N CYS A 68 5.79 -1.71 -6.98
CA CYS A 68 6.73 -1.04 -7.87
C CYS A 68 8.10 -0.89 -7.22
N GLN A 69 9.14 -1.02 -8.02
CA GLN A 69 10.51 -0.90 -7.52
C GLN A 69 11.01 0.53 -7.63
N THR A 70 10.15 1.48 -7.23
CA THR A 70 10.51 2.89 -7.29
C THR A 70 10.20 3.59 -5.97
N SER A 71 11.10 4.45 -5.53
CA SER A 71 10.92 5.18 -4.28
C SER A 71 9.65 6.03 -4.32
N LEU A 72 8.87 5.97 -3.25
CA LEU A 72 7.63 6.73 -3.17
C LEU A 72 6.78 6.53 -4.41
N CYS A 73 6.77 5.30 -4.92
CA CYS A 73 6.00 4.97 -6.11
C CYS A 73 4.54 4.69 -5.75
N ASN A 74 4.11 5.19 -4.60
CA ASN A 74 2.74 4.99 -4.14
C ASN A 74 1.91 6.25 -4.32
N HIS A 75 2.58 7.35 -4.63
CA HIS A 75 1.92 8.64 -4.83
C HIS A 75 1.10 8.63 -6.12
N ASP A 76 0.56 9.78 -6.47
CA ASP A 76 -0.26 9.92 -7.69
C ASP A 76 -0.01 11.25 -8.37
N MET A 1 15.90 -0.07 1.68
CA MET A 1 16.44 1.10 2.34
C MET A 1 16.05 2.37 1.60
N ILE A 2 14.97 2.30 0.83
CA ILE A 2 14.49 3.45 0.08
C ILE A 2 13.32 4.13 0.78
N TRP A 3 12.92 5.28 0.27
CA TRP A 3 11.81 6.03 0.84
C TRP A 3 10.50 5.69 0.15
N CYS A 4 9.47 5.40 0.95
CA CYS A 4 8.16 5.06 0.40
C CYS A 4 7.05 5.56 1.32
N HIS A 5 5.80 5.22 0.98
CA HIS A 5 4.66 5.64 1.76
C HIS A 5 4.26 4.55 2.75
N GLN A 6 4.05 4.94 4.01
CA GLN A 6 3.66 4.01 5.06
C GLN A 6 2.38 4.46 5.75
N CYS A 7 1.49 5.07 4.99
CA CYS A 7 0.22 5.55 5.54
C CYS A 7 -0.80 4.42 5.62
N THR A 8 -1.82 4.62 6.46
CA THR A 8 -2.86 3.61 6.64
C THR A 8 -3.81 3.59 5.44
N GLY A 9 -4.22 4.78 4.99
CA GLY A 9 -5.12 4.88 3.86
C GLY A 9 -6.41 5.60 4.21
N PHE A 10 -6.72 6.64 3.45
CA PHE A 10 -7.93 7.42 3.68
C PHE A 10 -8.26 8.29 2.47
N GLY A 11 -8.56 7.64 1.35
CA GLY A 11 -8.89 8.36 0.13
C GLY A 11 -7.68 9.02 -0.50
N GLY A 12 -6.55 8.33 -0.44
CA GLY A 12 -5.32 8.87 -1.02
C GLY A 12 -4.34 9.34 0.04
N CYS A 13 -4.26 8.60 1.14
CA CYS A 13 -3.35 8.94 2.23
C CYS A 13 -1.93 9.15 1.70
N SER A 14 -1.11 9.80 2.52
CA SER A 14 0.28 10.08 2.14
C SER A 14 1.18 10.13 3.37
N HIS A 15 2.39 9.60 3.24
CA HIS A 15 3.35 9.58 4.34
C HIS A 15 4.69 9.02 3.88
N GLY A 16 5.46 9.84 3.18
CA GLY A 16 6.76 9.41 2.69
C GLY A 16 7.79 9.29 3.81
N SER A 17 8.10 8.06 4.20
CA SER A 17 9.07 7.83 5.26
C SER A 17 10.08 6.76 4.84
N ARG A 18 11.22 6.74 5.53
CA ARG A 18 12.26 5.78 5.24
C ARG A 18 11.91 4.38 5.77
N CYS A 19 12.07 3.38 4.94
CA CYS A 19 11.76 2.00 5.31
C CYS A 19 13.00 1.30 5.88
N LEU A 20 12.80 0.11 6.41
CA LEU A 20 13.90 -0.67 6.98
C LEU A 20 14.91 -1.06 5.92
N ARG A 21 16.18 -1.09 6.29
CA ARG A 21 17.25 -1.44 5.35
C ARG A 21 16.90 -2.73 4.61
N ASP A 22 16.19 -3.62 5.27
CA ASP A 22 15.80 -4.89 4.68
C ASP A 22 14.83 -4.67 3.51
N SER A 23 13.80 -3.88 3.75
CA SER A 23 12.80 -3.59 2.73
C SER A 23 13.34 -2.57 1.73
N THR A 24 13.56 -3.03 0.49
CA THR A 24 14.08 -2.17 -0.56
C THR A 24 13.07 -2.03 -1.70
N HIS A 25 11.93 -2.69 -1.55
CA HIS A 25 10.88 -2.64 -2.57
C HIS A 25 9.65 -1.92 -2.04
N CYS A 26 8.96 -1.21 -2.93
CA CYS A 26 7.75 -0.47 -2.55
C CYS A 26 6.50 -1.28 -2.86
N VAL A 27 5.56 -1.30 -1.92
CA VAL A 27 4.32 -2.04 -2.09
C VAL A 27 3.11 -1.12 -1.91
N THR A 28 2.05 -1.41 -2.64
CA THR A 28 0.82 -0.61 -2.57
C THR A 28 -0.42 -1.51 -2.61
N THR A 29 -1.33 -1.27 -1.68
CA THR A 29 -2.56 -2.05 -1.61
C THR A 29 -3.78 -1.15 -1.50
N ALA A 30 -4.90 -1.59 -2.06
CA ALA A 30 -6.13 -0.82 -2.02
C ALA A 30 -7.35 -1.74 -1.94
N THR A 31 -8.22 -1.48 -0.97
CA THR A 31 -9.43 -2.27 -0.78
C THR A 31 -10.44 -1.55 0.10
N ARG A 32 -11.71 -1.88 -0.09
CA ARG A 32 -12.78 -1.26 0.68
C ARG A 32 -13.39 -2.26 1.67
N VAL A 33 -13.80 -1.76 2.82
CA VAL A 33 -14.41 -2.61 3.85
C VAL A 33 -15.58 -1.91 4.51
N LEU A 34 -16.79 -2.24 4.06
CA LEU A 34 -18.00 -1.63 4.62
C LEU A 34 -19.25 -2.26 4.02
N SER A 35 -20.18 -2.65 4.87
CA SER A 35 -21.42 -3.26 4.42
C SER A 35 -22.44 -2.21 4.00
N ASN A 36 -22.75 -1.30 4.92
CA ASN A 36 -23.71 -0.23 4.65
C ASN A 36 -23.03 0.95 3.98
N THR A 37 -22.38 1.79 4.78
CA THR A 37 -21.69 2.95 4.26
C THR A 37 -20.52 2.56 3.37
N GLU A 38 -19.80 3.55 2.87
CA GLU A 38 -18.65 3.30 2.00
C GLU A 38 -17.34 3.44 2.76
N ASP A 39 -17.23 4.51 3.54
CA ASP A 39 -16.02 4.76 4.32
C ASP A 39 -14.82 4.98 3.41
N LEU A 40 -15.08 5.20 2.12
CA LEU A 40 -14.02 5.43 1.15
C LEU A 40 -13.11 4.20 1.04
N PRO A 41 -12.48 4.03 -0.13
CA PRO A 41 -11.56 2.92 -0.38
C PRO A 41 -10.27 3.03 0.42
N LEU A 42 -9.98 2.01 1.22
CA LEU A 42 -8.78 1.99 2.04
C LEU A 42 -7.55 1.71 1.17
N VAL A 43 -6.45 2.42 1.47
CA VAL A 43 -5.21 2.25 0.72
C VAL A 43 -4.02 2.15 1.67
N THR A 44 -3.52 0.94 1.87
CA THR A 44 -2.38 0.71 2.75
C THR A 44 -1.09 0.61 1.96
N LYS A 45 -0.08 1.38 2.37
CA LYS A 45 1.22 1.38 1.69
C LYS A 45 2.31 0.93 2.64
N MET A 46 3.26 0.15 2.12
CA MET A 46 4.37 -0.34 2.92
C MET A 46 5.47 -0.92 2.03
N CYS A 47 6.54 -1.39 2.66
CA CYS A 47 7.68 -1.95 1.93
C CYS A 47 7.86 -3.42 2.28
N HIS A 48 8.71 -4.10 1.50
CA HIS A 48 8.98 -5.52 1.73
C HIS A 48 10.20 -5.97 0.94
N ILE A 49 10.72 -7.14 1.28
CA ILE A 49 11.88 -7.69 0.60
C ILE A 49 11.48 -8.57 -0.57
N GLY A 50 10.81 -7.97 -1.55
CA GLY A 50 10.37 -8.71 -2.71
C GLY A 50 9.00 -8.31 -3.18
N CYS A 51 8.34 -7.43 -2.42
CA CYS A 51 7.01 -6.96 -2.77
C CYS A 51 6.07 -8.13 -3.03
N PRO A 52 5.60 -8.78 -1.95
CA PRO A 52 4.70 -9.92 -2.04
C PRO A 52 3.31 -9.52 -2.53
N ASP A 53 2.36 -10.45 -2.43
CA ASP A 53 0.99 -10.18 -2.85
C ASP A 53 0.08 -9.95 -1.65
N ILE A 54 0.47 -10.52 -0.51
CA ILE A 54 -0.32 -10.37 0.71
C ILE A 54 -1.79 -10.66 0.46
N PRO A 55 -2.15 -11.96 0.45
CA PRO A 55 -3.53 -12.40 0.22
C PRO A 55 -4.45 -12.06 1.39
N SER A 56 -3.85 -11.60 2.49
CA SER A 56 -4.62 -11.23 3.68
C SER A 56 -5.47 -10.00 3.41
N LEU A 57 -4.95 -9.07 2.64
CA LEU A 57 -5.67 -7.85 2.31
C LEU A 57 -6.37 -7.97 0.95
N GLY A 58 -6.59 -9.20 0.52
CA GLY A 58 -7.24 -9.43 -0.76
C GLY A 58 -8.18 -10.62 -0.73
N LEU A 59 -9.47 -10.35 -0.58
CA LEU A 59 -10.47 -11.41 -0.53
C LEU A 59 -10.72 -11.99 -1.91
N GLY A 60 -10.74 -11.13 -2.92
CA GLY A 60 -10.95 -11.58 -4.28
C GLY A 60 -9.97 -10.98 -5.26
N PRO A 61 -10.30 -11.03 -6.56
CA PRO A 61 -9.45 -10.50 -7.62
C PRO A 61 -9.39 -8.98 -7.60
N TYR A 62 -10.21 -8.36 -6.76
CA TYR A 62 -10.24 -6.91 -6.64
C TYR A 62 -9.29 -6.42 -5.55
N VAL A 63 -8.34 -7.27 -5.20
CA VAL A 63 -7.36 -6.93 -4.16
C VAL A 63 -6.65 -5.63 -4.49
N SER A 64 -6.37 -5.41 -5.78
CA SER A 64 -5.69 -4.20 -6.22
C SER A 64 -4.35 -4.04 -5.52
N ILE A 65 -3.28 -4.42 -6.22
CA ILE A 65 -1.93 -4.32 -5.68
C ILE A 65 -0.97 -3.71 -6.69
N ALA A 66 -0.08 -2.85 -6.20
CA ALA A 66 0.90 -2.19 -7.07
C ALA A 66 2.32 -2.48 -6.60
N CYS A 67 3.08 -3.18 -7.43
CA CYS A 67 4.47 -3.52 -7.10
C CYS A 67 5.44 -2.76 -8.00
N CYS A 68 6.42 -2.11 -7.37
CA CYS A 68 7.42 -1.35 -8.11
C CYS A 68 8.67 -1.11 -7.25
N GLN A 69 9.83 -1.18 -7.88
CA GLN A 69 11.09 -0.98 -7.18
C GLN A 69 11.51 0.49 -7.22
N THR A 70 10.54 1.38 -7.03
CA THR A 70 10.81 2.82 -7.05
C THR A 70 10.36 3.48 -5.74
N SER A 71 11.15 4.42 -5.27
CA SER A 71 10.85 5.13 -4.02
C SER A 71 9.53 5.87 -4.14
N LEU A 72 8.68 5.74 -3.13
CA LEU A 72 7.39 6.40 -3.11
C LEU A 72 6.62 6.14 -4.41
N CYS A 73 6.77 4.93 -4.94
CA CYS A 73 6.10 4.55 -6.18
C CYS A 73 4.68 4.08 -5.90
N ASN A 74 4.15 4.47 -4.73
CA ASN A 74 2.79 4.08 -4.34
C ASN A 74 1.83 5.25 -4.51
N HIS A 75 2.38 6.43 -4.76
CA HIS A 75 1.57 7.64 -4.93
C HIS A 75 0.90 7.64 -6.30
N ASP A 76 0.20 8.72 -6.61
CA ASP A 76 -0.49 8.85 -7.89
C ASP A 76 0.49 8.74 -9.05
N MET A 1 17.37 0.06 1.31
CA MET A 1 17.01 1.15 2.22
C MET A 1 16.50 2.35 1.44
N ILE A 2 15.21 2.36 1.14
CA ILE A 2 14.60 3.46 0.40
C ILE A 2 13.42 4.05 1.16
N TRP A 3 12.86 5.14 0.64
CA TRP A 3 11.72 5.79 1.27
C TRP A 3 10.48 5.67 0.41
N CYS A 4 9.35 5.40 1.05
CA CYS A 4 8.08 5.25 0.33
C CYS A 4 6.92 5.80 1.17
N HIS A 5 5.70 5.64 0.66
CA HIS A 5 4.51 6.10 1.36
C HIS A 5 3.96 5.02 2.28
N GLN A 6 3.82 5.36 3.56
CA GLN A 6 3.30 4.41 4.54
C GLN A 6 2.10 5.00 5.28
N CYS A 7 1.19 5.62 4.52
CA CYS A 7 -0.01 6.22 5.09
C CYS A 7 -1.09 5.17 5.29
N THR A 8 -2.15 5.54 6.02
CA THR A 8 -3.25 4.64 6.28
C THR A 8 -4.19 4.56 5.09
N GLY A 9 -4.57 5.72 4.56
CA GLY A 9 -5.46 5.76 3.42
C GLY A 9 -6.44 6.92 3.49
N PHE A 10 -7.73 6.60 3.52
CA PHE A 10 -8.76 7.63 3.59
C PHE A 10 -8.77 8.49 2.32
N GLY A 11 -8.64 7.84 1.17
CA GLY A 11 -8.62 8.56 -0.09
C GLY A 11 -7.28 8.48 -0.79
N GLY A 12 -6.38 7.67 -0.24
CA GLY A 12 -5.06 7.52 -0.83
C GLY A 12 -4.04 8.44 -0.20
N CYS A 13 -4.18 8.68 1.10
CA CYS A 13 -3.26 9.56 1.82
C CYS A 13 -1.81 9.16 1.56
N SER A 14 -0.94 10.16 1.45
CA SER A 14 0.47 9.92 1.20
C SER A 14 1.31 10.33 2.39
N HIS A 15 2.51 9.75 2.50
CA HIS A 15 3.41 10.05 3.61
C HIS A 15 4.77 9.40 3.39
N GLY A 16 5.67 10.11 2.70
CA GLY A 16 6.99 9.57 2.44
C GLY A 16 7.80 9.38 3.71
N SER A 17 7.86 8.13 4.17
CA SER A 17 8.60 7.80 5.39
C SER A 17 9.67 6.75 5.10
N ARG A 18 10.63 6.63 6.03
CA ARG A 18 11.71 5.67 5.87
C ARG A 18 11.19 4.24 6.00
N CYS A 19 11.66 3.37 5.10
CA CYS A 19 11.24 1.98 5.11
C CYS A 19 12.27 1.10 5.82
N LEU A 20 11.87 -0.11 6.18
CA LEU A 20 12.77 -1.04 6.86
C LEU A 20 14.02 -1.30 6.03
N ARG A 21 15.16 -1.42 6.71
CA ARG A 21 16.43 -1.66 6.04
C ARG A 21 16.32 -2.83 5.07
N ASP A 22 15.61 -3.87 5.49
CA ASP A 22 15.41 -5.06 4.67
C ASP A 22 14.49 -4.76 3.49
N SER A 23 13.46 -3.96 3.74
CA SER A 23 12.50 -3.61 2.71
C SER A 23 13.10 -2.60 1.73
N THR A 24 13.28 -3.03 0.48
CA THR A 24 13.84 -2.16 -0.55
C THR A 24 12.82 -1.88 -1.65
N HIS A 25 11.56 -2.14 -1.36
CA HIS A 25 10.49 -1.91 -2.32
C HIS A 25 9.26 -1.31 -1.64
N CYS A 26 8.32 -0.83 -2.44
CA CYS A 26 7.10 -0.23 -1.92
C CYS A 26 5.86 -0.94 -2.46
N VAL A 27 4.79 -0.96 -1.68
CA VAL A 27 3.54 -1.59 -2.09
C VAL A 27 2.34 -0.74 -1.71
N THR A 28 1.24 -0.92 -2.44
CA THR A 28 0.02 -0.17 -2.19
C THR A 28 -1.21 -0.96 -2.60
N THR A 29 -2.28 -0.85 -1.80
CA THR A 29 -3.52 -1.57 -2.09
C THR A 29 -4.72 -0.70 -1.77
N ALA A 30 -5.59 -0.51 -2.76
CA ALA A 30 -6.79 0.29 -2.58
C ALA A 30 -8.04 -0.59 -2.55
N THR A 31 -8.62 -0.74 -1.37
CA THR A 31 -9.82 -1.56 -1.21
C THR A 31 -10.51 -1.26 0.11
N ARG A 32 -11.65 -1.91 0.34
CA ARG A 32 -12.41 -1.71 1.57
C ARG A 32 -13.19 -2.97 1.93
N VAL A 33 -13.84 -3.55 0.93
CA VAL A 33 -14.63 -4.77 1.13
C VAL A 33 -15.47 -4.66 2.40
N LEU A 34 -16.05 -3.49 2.62
CA LEU A 34 -16.88 -3.25 3.80
C LEU A 34 -17.86 -2.10 3.55
N SER A 35 -17.32 -0.89 3.44
CA SER A 35 -18.16 0.28 3.21
C SER A 35 -18.89 0.69 4.48
N ASN A 36 -18.69 -0.08 5.55
CA ASN A 36 -19.33 0.20 6.82
C ASN A 36 -18.46 1.11 7.69
N THR A 37 -17.27 1.44 7.19
CA THR A 37 -16.34 2.29 7.91
C THR A 37 -16.28 3.68 7.29
N GLU A 38 -16.41 3.75 5.97
CA GLU A 38 -16.37 5.02 5.26
C GLU A 38 -17.02 4.90 3.88
N ASP A 39 -17.03 6.00 3.14
CA ASP A 39 -17.62 6.01 1.81
C ASP A 39 -16.54 5.77 0.75
N LEU A 40 -15.33 6.24 1.02
CA LEU A 40 -14.23 6.08 0.08
C LEU A 40 -13.43 4.82 0.40
N PRO A 41 -12.79 4.25 -0.63
CA PRO A 41 -11.98 3.04 -0.49
C PRO A 41 -10.70 3.29 0.29
N LEU A 42 -10.38 2.37 1.20
CA LEU A 42 -9.18 2.49 2.02
C LEU A 42 -7.94 2.17 1.20
N VAL A 43 -6.89 2.97 1.38
CA VAL A 43 -5.63 2.76 0.67
C VAL A 43 -4.47 2.64 1.64
N THR A 44 -4.03 1.41 1.89
CA THR A 44 -2.91 1.17 2.80
C THR A 44 -1.61 1.00 2.03
N LYS A 45 -0.61 1.79 2.40
CA LYS A 45 0.70 1.74 1.75
C LYS A 45 1.79 1.34 2.74
N MET A 46 2.80 0.64 2.25
CA MET A 46 3.91 0.21 3.10
C MET A 46 5.09 -0.25 2.26
N CYS A 47 6.11 -0.79 2.92
CA CYS A 47 7.30 -1.28 2.22
C CYS A 47 7.58 -2.73 2.57
N HIS A 48 8.30 -3.42 1.67
CA HIS A 48 8.63 -4.82 1.88
C HIS A 48 9.73 -5.27 0.92
N ILE A 49 10.17 -6.50 1.07
CA ILE A 49 11.22 -7.05 0.22
C ILE A 49 10.63 -7.72 -1.02
N GLY A 50 9.66 -7.06 -1.65
CA GLY A 50 9.03 -7.60 -2.83
C GLY A 50 7.53 -7.53 -2.77
N CYS A 51 6.86 -8.10 -3.77
CA CYS A 51 5.41 -8.11 -3.83
C CYS A 51 4.86 -9.49 -3.51
N PRO A 52 4.57 -9.73 -2.22
CA PRO A 52 4.03 -11.02 -1.77
C PRO A 52 2.60 -11.24 -2.22
N ASP A 53 1.92 -10.15 -2.59
CA ASP A 53 0.53 -10.23 -3.05
C ASP A 53 -0.38 -10.71 -1.93
N ILE A 54 0.10 -10.62 -0.69
CA ILE A 54 -0.68 -11.05 0.46
C ILE A 54 -2.15 -10.71 0.29
N PRO A 55 -2.95 -11.73 -0.07
CA PRO A 55 -4.39 -11.57 -0.28
C PRO A 55 -5.14 -11.31 1.03
N SER A 56 -4.43 -11.41 2.14
CA SER A 56 -5.02 -11.19 3.46
C SER A 56 -5.54 -9.76 3.60
N LEU A 57 -5.04 -8.88 2.73
CA LEU A 57 -5.45 -7.48 2.75
C LEU A 57 -6.92 -7.33 2.37
N GLY A 58 -7.49 -8.41 1.82
CA GLY A 58 -8.88 -8.39 1.43
C GLY A 58 -9.32 -9.65 0.72
N LEU A 59 -9.68 -9.52 -0.56
CA LEU A 59 -10.11 -10.67 -1.35
C LEU A 59 -8.92 -11.30 -2.08
N GLY A 60 -8.32 -10.54 -2.99
CA GLY A 60 -7.19 -11.03 -3.74
C GLY A 60 -7.33 -10.80 -5.23
N PRO A 61 -8.15 -11.61 -5.89
CA PRO A 61 -8.40 -11.50 -7.33
C PRO A 61 -9.18 -10.24 -7.70
N TYR A 62 -9.68 -9.56 -6.68
CA TYR A 62 -10.46 -8.33 -6.90
C TYR A 62 -9.65 -7.10 -6.48
N VAL A 63 -9.06 -7.16 -5.29
CA VAL A 63 -8.26 -6.05 -4.79
C VAL A 63 -7.23 -5.60 -5.81
N SER A 64 -6.86 -4.34 -5.76
CA SER A 64 -5.86 -3.78 -6.68
C SER A 64 -4.58 -3.42 -5.95
N ILE A 65 -3.54 -4.21 -6.16
CA ILE A 65 -2.25 -3.97 -5.53
C ILE A 65 -1.23 -3.44 -6.52
N ALA A 66 -0.38 -2.52 -6.07
CA ALA A 66 0.64 -1.93 -6.92
C ALA A 66 2.01 -2.01 -6.26
N CYS A 67 2.90 -2.81 -6.84
CA CYS A 67 4.24 -2.98 -6.30
C CYS A 67 5.29 -2.47 -7.30
N CYS A 68 6.39 -1.96 -6.78
CA CYS A 68 7.48 -1.44 -7.62
C CYS A 68 8.75 -1.26 -6.81
N GLN A 69 9.89 -1.41 -7.48
CA GLN A 69 11.19 -1.26 -6.82
C GLN A 69 11.69 0.18 -6.92
N THR A 70 10.79 1.13 -6.65
CA THR A 70 11.15 2.54 -6.71
C THR A 70 10.67 3.29 -5.48
N SER A 71 11.52 4.14 -4.92
CA SER A 71 11.19 4.91 -3.74
C SER A 71 9.95 5.77 -3.98
N LEU A 72 9.03 5.75 -3.03
CA LEU A 72 7.79 6.53 -3.14
C LEU A 72 7.12 6.30 -4.48
N CYS A 73 7.17 5.06 -4.95
CA CYS A 73 6.55 4.71 -6.23
C CYS A 73 5.06 4.44 -6.07
N ASN A 74 4.48 4.99 -5.01
CA ASN A 74 3.06 4.82 -4.74
C ASN A 74 2.28 6.10 -5.05
N HIS A 75 3.01 7.19 -5.26
CA HIS A 75 2.40 8.48 -5.56
C HIS A 75 1.68 8.43 -6.90
N ASP A 76 0.43 8.88 -6.92
CA ASP A 76 -0.37 8.89 -8.14
C ASP A 76 -0.24 10.22 -8.87
N MET A 1 16.50 0.19 0.65
CA MET A 1 16.79 1.30 1.56
C MET A 1 16.29 2.62 0.99
N ILE A 2 15.07 2.62 0.48
CA ILE A 2 14.48 3.82 -0.10
C ILE A 2 13.32 4.33 0.75
N TRP A 3 12.73 5.45 0.34
CA TRP A 3 11.62 6.04 1.06
C TRP A 3 10.31 5.85 0.30
N CYS A 4 9.25 5.47 1.03
CA CYS A 4 7.95 5.26 0.41
C CYS A 4 6.83 5.69 1.35
N HIS A 5 5.59 5.40 0.97
CA HIS A 5 4.44 5.77 1.78
C HIS A 5 4.00 4.59 2.67
N GLN A 6 3.93 4.85 3.97
CA GLN A 6 3.52 3.82 4.92
C GLN A 6 2.23 4.21 5.64
N CYS A 7 1.30 4.78 4.89
CA CYS A 7 0.02 5.20 5.45
C CYS A 7 -0.95 4.01 5.56
N THR A 8 -2.03 4.21 6.29
CA THR A 8 -3.04 3.17 6.47
C THR A 8 -3.91 3.03 5.24
N GLY A 9 -4.42 4.16 4.74
CA GLY A 9 -5.27 4.13 3.57
C GLY A 9 -6.55 4.93 3.76
N PHE A 10 -6.66 6.04 3.06
CA PHE A 10 -7.84 6.90 3.16
C PHE A 10 -7.98 7.77 1.91
N GLY A 11 -8.63 7.21 0.89
CA GLY A 11 -8.83 7.94 -0.35
C GLY A 11 -7.54 8.52 -0.89
N GLY A 12 -6.49 7.71 -0.94
CA GLY A 12 -5.21 8.17 -1.44
C GLY A 12 -4.36 8.81 -0.36
N CYS A 13 -4.21 8.12 0.76
CA CYS A 13 -3.42 8.63 1.88
C CYS A 13 -2.02 9.02 1.42
N SER A 14 -1.32 9.78 2.25
CA SER A 14 0.03 10.23 1.92
C SER A 14 0.87 10.36 3.19
N HIS A 15 2.07 9.78 3.16
CA HIS A 15 2.97 9.83 4.30
C HIS A 15 4.33 9.22 3.95
N GLY A 16 5.21 10.03 3.37
CA GLY A 16 6.53 9.55 3.00
C GLY A 16 7.40 9.26 4.20
N SER A 17 7.67 7.98 4.45
CA SER A 17 8.49 7.58 5.58
C SER A 17 9.64 6.68 5.13
N ARG A 18 10.65 6.55 5.97
CA ARG A 18 11.82 5.73 5.65
C ARG A 18 11.49 4.25 5.79
N CYS A 19 11.74 3.48 4.73
CA CYS A 19 11.47 2.05 4.74
C CYS A 19 12.62 1.28 5.39
N LEU A 20 12.38 0.01 5.70
CA LEU A 20 13.40 -0.83 6.32
C LEU A 20 14.67 -0.84 5.49
N ARG A 21 15.81 -0.82 6.17
CA ARG A 21 17.10 -0.83 5.49
C ARG A 21 17.17 -1.96 4.47
N ASP A 22 16.51 -3.07 4.79
CA ASP A 22 16.50 -4.23 3.91
C ASP A 22 15.49 -4.03 2.77
N SER A 23 14.38 -3.37 3.09
CA SER A 23 13.33 -3.12 2.11
C SER A 23 13.77 -2.06 1.09
N THR A 24 13.73 -2.43 -0.19
CA THR A 24 14.13 -1.52 -1.25
C THR A 24 13.01 -1.34 -2.27
N HIS A 25 11.80 -1.73 -1.88
CA HIS A 25 10.64 -1.60 -2.75
C HIS A 25 9.40 -1.19 -1.96
N CYS A 26 8.42 -0.65 -2.67
CA CYS A 26 7.17 -0.20 -2.03
C CYS A 26 5.99 -1.01 -2.55
N VAL A 27 4.94 -1.12 -1.73
CA VAL A 27 3.74 -1.84 -2.10
C VAL A 27 2.49 -1.04 -1.81
N THR A 28 1.46 -1.23 -2.64
CA THR A 28 0.20 -0.52 -2.46
C THR A 28 -0.99 -1.41 -2.81
N THR A 29 -1.67 -1.92 -1.78
CA THR A 29 -2.82 -2.78 -1.97
C THR A 29 -4.12 -2.02 -1.79
N ALA A 30 -5.04 -2.20 -2.74
CA ALA A 30 -6.33 -1.53 -2.68
C ALA A 30 -7.45 -2.50 -2.34
N THR A 31 -8.40 -2.04 -1.53
CA THR A 31 -9.53 -2.88 -1.12
C THR A 31 -10.79 -2.05 -0.94
N ARG A 32 -11.92 -2.58 -1.41
CA ARG A 32 -13.20 -1.89 -1.29
C ARG A 32 -14.10 -2.57 -0.28
N VAL A 33 -14.96 -1.79 0.37
CA VAL A 33 -15.88 -2.33 1.36
C VAL A 33 -17.05 -1.38 1.60
N LEU A 34 -18.25 -1.80 1.21
CA LEU A 34 -19.44 -0.99 1.38
C LEU A 34 -19.73 -0.75 2.86
N SER A 35 -19.87 0.51 3.23
CA SER A 35 -20.16 0.88 4.61
C SER A 35 -20.70 2.30 4.70
N ASN A 36 -21.66 2.50 5.60
CA ASN A 36 -22.27 3.81 5.79
C ASN A 36 -21.24 4.84 6.24
N THR A 37 -20.14 4.36 6.83
CA THR A 37 -19.08 5.22 7.30
C THR A 37 -17.88 5.19 6.36
N GLU A 38 -17.28 6.35 6.14
CA GLU A 38 -16.12 6.45 5.26
C GLU A 38 -16.29 5.56 4.03
N ASP A 39 -16.96 6.09 3.02
CA ASP A 39 -17.19 5.35 1.79
C ASP A 39 -15.93 5.32 0.92
N LEU A 40 -14.91 6.05 1.35
CA LEU A 40 -13.65 6.11 0.61
C LEU A 40 -12.98 4.74 0.59
N PRO A 41 -12.30 4.44 -0.53
CA PRO A 41 -11.60 3.16 -0.70
C PRO A 41 -10.36 3.06 0.18
N LEU A 42 -10.07 1.84 0.65
CA LEU A 42 -8.92 1.61 1.50
C LEU A 42 -7.67 1.30 0.67
N VAL A 43 -6.55 1.90 1.06
CA VAL A 43 -5.29 1.69 0.35
C VAL A 43 -4.11 1.66 1.31
N THR A 44 -3.67 0.45 1.67
CA THR A 44 -2.55 0.28 2.59
C THR A 44 -1.23 0.27 1.84
N LYS A 45 -0.33 1.16 2.24
CA LYS A 45 1.00 1.25 1.60
C LYS A 45 2.09 0.83 2.59
N MET A 46 3.12 0.17 2.06
CA MET A 46 4.24 -0.28 2.88
C MET A 46 5.47 -0.52 2.03
N CYS A 47 6.48 -1.15 2.63
CA CYS A 47 7.72 -1.44 1.93
C CYS A 47 8.20 -2.86 2.20
N HIS A 48 8.91 -3.44 1.24
CA HIS A 48 9.41 -4.80 1.38
C HIS A 48 10.48 -5.10 0.33
N ILE A 49 11.11 -6.25 0.45
CA ILE A 49 12.15 -6.66 -0.50
C ILE A 49 11.56 -7.48 -1.64
N GLY A 50 10.43 -7.03 -2.16
CA GLY A 50 9.78 -7.74 -3.26
C GLY A 50 8.36 -7.27 -3.49
N CYS A 51 7.41 -8.18 -3.34
CA CYS A 51 6.00 -7.85 -3.53
C CYS A 51 5.11 -8.75 -2.68
N PRO A 52 5.08 -8.47 -1.36
CA PRO A 52 4.28 -9.25 -0.41
C PRO A 52 2.78 -9.00 -0.59
N ASP A 53 2.19 -9.70 -1.56
CA ASP A 53 0.77 -9.56 -1.84
C ASP A 53 -0.05 -9.66 -0.54
N ILE A 54 0.23 -10.69 0.25
CA ILE A 54 -0.48 -10.89 1.50
C ILE A 54 -1.99 -10.81 1.30
N PRO A 55 -2.60 -11.93 0.90
CA PRO A 55 -4.04 -12.00 0.66
C PRO A 55 -4.84 -11.93 1.96
N SER A 56 -4.13 -11.92 3.09
CA SER A 56 -4.78 -11.85 4.39
C SER A 56 -5.46 -10.50 4.60
N LEU A 57 -5.14 -9.55 3.73
CA LEU A 57 -5.71 -8.21 3.81
C LEU A 57 -7.21 -8.25 3.57
N GLY A 58 -7.69 -9.37 3.03
CA GLY A 58 -9.10 -9.51 2.75
C GLY A 58 -9.38 -10.43 1.58
N LEU A 59 -8.71 -10.18 0.45
CA LEU A 59 -8.88 -10.99 -0.74
C LEU A 59 -10.37 -11.14 -1.09
N GLY A 60 -11.03 -10.00 -1.29
CA GLY A 60 -12.44 -10.03 -1.63
C GLY A 60 -12.72 -9.40 -2.98
N PRO A 61 -12.86 -8.06 -3.01
CA PRO A 61 -13.13 -7.32 -4.24
C PRO A 61 -11.93 -7.31 -5.19
N TYR A 62 -11.45 -8.51 -5.53
CA TYR A 62 -10.31 -8.64 -6.43
C TYR A 62 -9.19 -7.69 -6.02
N VAL A 63 -8.69 -7.86 -4.80
CA VAL A 63 -7.60 -7.02 -4.30
C VAL A 63 -6.45 -6.94 -5.28
N SER A 64 -5.93 -5.75 -5.49
CA SER A 64 -4.81 -5.55 -6.42
C SER A 64 -3.56 -5.11 -5.67
N ILE A 65 -2.44 -5.78 -5.96
CA ILE A 65 -1.17 -5.46 -5.32
C ILE A 65 -0.30 -4.59 -6.22
N ALA A 66 -0.19 -3.31 -5.89
CA ALA A 66 0.62 -2.39 -6.67
C ALA A 66 2.05 -2.35 -6.16
N CYS A 67 2.92 -3.13 -6.81
CA CYS A 67 4.32 -3.19 -6.42
C CYS A 67 5.20 -2.49 -7.45
N CYS A 68 6.16 -1.70 -6.97
CA CYS A 68 7.06 -0.97 -7.85
C CYS A 68 8.41 -0.73 -7.17
N GLN A 69 9.47 -0.75 -7.96
CA GLN A 69 10.82 -0.54 -7.44
C GLN A 69 11.19 0.95 -7.48
N THR A 70 10.28 1.80 -7.04
CA THR A 70 10.51 3.24 -7.04
C THR A 70 10.09 3.85 -5.71
N SER A 71 10.91 4.75 -5.20
CA SER A 71 10.64 5.42 -3.93
C SER A 71 9.30 6.17 -3.98
N LEU A 72 8.49 6.01 -2.96
CA LEU A 72 7.19 6.65 -2.89
C LEU A 72 6.40 6.44 -4.17
N CYS A 73 6.50 5.24 -4.73
CA CYS A 73 5.80 4.89 -5.97
C CYS A 73 4.36 4.49 -5.67
N ASN A 74 3.85 4.93 -4.53
CA ASN A 74 2.48 4.60 -4.13
C ASN A 74 1.58 5.83 -4.28
N HIS A 75 2.19 6.99 -4.45
CA HIS A 75 1.43 8.24 -4.60
C HIS A 75 0.67 8.26 -5.92
N ASP A 76 0.05 9.39 -6.22
CA ASP A 76 -0.72 9.53 -7.45
C ASP A 76 -1.02 11.01 -7.73
#